data_6CXC
#
_entry.id   6CXC
#
_cell.length_a   1.00
_cell.length_b   1.00
_cell.length_c   1.00
_cell.angle_alpha   90.00
_cell.angle_beta   90.00
_cell.angle_gamma   90.00
#
_symmetry.space_group_name_H-M   'P 1'
#
loop_
_entity.id
_entity.type
_entity.pdbx_description
1 polymer 'R4.C6 Fab Heavy Chain'
2 polymer 'R4.C6 Fab Light Chain'
3 polymer 'Fusion glycoprotein F0, Envelope glycoprotein chimera'
4 non-polymer 2-acetamido-2-deoxy-beta-D-glucopyranose
#
loop_
_entity_poly.entity_id
_entity_poly.type
_entity_poly.pdbx_seq_one_letter_code
_entity_poly.pdbx_strand_id
1 'polypeptide(L)'
;MAEVQLQQSGPELVKPGASVKISCKASGYAFSNSWMSWVKQRPGKGLEWIGRLFPADGDITYNGHFKDKAALTADKSSNT
AYIQLSSLTSEDSAVYFCARMDNSEVFWGQGTLVTVSA
;
X,G,I
2 'polypeptide(L)'
;MADILLTQSQKFMSTSVGDRVSITCKASQNVRTGVSWYQRKPGQSPKALIYLASNRHTGVPDRFTGRGSGTDFTLTISEV
QSEDLADYFCLQHWTVPYTFGGGTKLEIKRTAAAPSRANSFK
;
Y,J,K
3 'polypeptide(L)'
;QNITEEFYQSTCSAVSKGYLSALRTGWYTSVITIELSNIKENKCNGTDAKVKLIKQELDKYKNAVTELQLLMQSTPATNN
RARRELPRFMNYTLNNAKKTNVTLSKKQKQQFLGFLLGVGSAIASGVAVSKVLHLEGEVNKIKSALLSTNKAVVSLSNGV
SVLTSKVLDLKNYIDKQLLPIVNKQSCSISNIETVIEFQQKNNRLLEITREFSVNAGVTTPVSTYMLTNSELLSLINDMP
ITNDQKKLMSNNVQIVRQQSYSIMSIIKEEVLAYVVQLPLYGVIDTPCWKLHTSPLCTTNTKEGSNICLTRTDRGWYCDN
AGSVSFFPQAETCKVQSNRVFCDTMNSLTLPSEVNLCNVDIFNPKYDCKIMTSKTDVSSSVITSLGAIVSCYGKTKCTAS
NKNRGIIKTFSNGCDYVSNKGVDTVSVGNTLYYVNKQEGKSLYVKGEPIINFYDPLVFPSDEFDASISQVNEKINQSLAF
IRKSDELLHNVNAGKSTTNIMGALVPRGSPGSGYIPEAPRDGQAYVRKDGEWVLLSTFLGSSHHHHHH
;
A,B,C,D,E,F
#
# COMPACT_ATOMS: atom_id res chain seq x y z
N GLN A 5 -28.48 -39.42 -4.46
CA GLN A 5 -29.61 -39.39 -5.37
C GLN A 5 -30.82 -38.74 -4.75
N LEU A 6 -32.01 -39.09 -5.24
CA LEU A 6 -33.26 -38.58 -4.73
C LEU A 6 -34.31 -39.68 -4.60
N GLN A 7 -35.40 -39.33 -3.93
CA GLN A 7 -36.60 -40.15 -3.84
C GLN A 7 -37.79 -39.23 -3.62
N GLN A 8 -38.89 -39.51 -4.31
CA GLN A 8 -40.08 -38.67 -4.26
C GLN A 8 -41.27 -39.52 -3.82
N SER A 9 -42.24 -38.87 -3.19
CA SER A 9 -43.37 -39.58 -2.62
C SER A 9 -44.35 -40.01 -3.70
N GLY A 10 -45.50 -40.52 -3.24
CA GLY A 10 -46.50 -41.10 -4.10
C GLY A 10 -47.57 -40.11 -4.55
N PRO A 11 -48.73 -40.62 -4.95
CA PRO A 11 -49.79 -39.75 -5.48
C PRO A 11 -50.43 -38.83 -4.45
N GLU A 12 -51.27 -37.92 -4.92
CA GLU A 12 -51.84 -36.87 -4.08
C GLU A 12 -53.23 -36.51 -4.62
N LEU A 13 -54.11 -36.10 -3.71
CA LEU A 13 -55.41 -35.54 -4.05
C LEU A 13 -55.54 -34.12 -3.53
N VAL A 14 -55.72 -33.16 -4.44
CA VAL A 14 -56.01 -31.78 -4.06
C VAL A 14 -57.50 -31.62 -3.77
N LYS A 15 -57.86 -30.47 -3.23
CA LYS A 15 -59.16 -30.29 -2.59
C LYS A 15 -59.45 -28.80 -2.51
N PRO A 16 -60.67 -28.38 -2.85
CA PRO A 16 -61.05 -26.99 -2.58
C PRO A 16 -61.19 -26.78 -1.07
N GLY A 17 -60.19 -26.09 -0.51
CA GLY A 17 -60.10 -25.96 0.93
C GLY A 17 -58.96 -26.77 1.52
N ALA A 18 -57.83 -26.87 0.82
CA ALA A 18 -56.69 -27.62 1.33
C ALA A 18 -55.38 -27.09 0.76
N SER A 19 -54.33 -27.24 1.56
CA SER A 19 -52.97 -26.99 1.14
C SER A 19 -52.08 -28.05 1.74
N VAL A 20 -51.12 -28.56 0.96
CA VAL A 20 -50.41 -29.77 1.34
C VAL A 20 -48.98 -29.69 0.80
N LYS A 21 -48.04 -30.19 1.60
CA LYS A 21 -46.63 -30.23 1.23
C LYS A 21 -46.23 -31.63 0.80
N ILE A 22 -45.26 -31.73 -0.11
CA ILE A 22 -44.84 -32.99 -0.70
C ILE A 22 -43.39 -33.23 -0.32
N SER A 23 -43.04 -34.49 -0.06
CA SER A 23 -41.72 -34.85 0.44
C SER A 23 -40.84 -35.41 -0.68
N CYS A 24 -39.63 -34.86 -0.78
CA CYS A 24 -38.58 -35.34 -1.67
C CYS A 24 -37.26 -35.36 -0.90
N LYS A 25 -36.66 -36.54 -0.77
CA LYS A 25 -35.50 -36.69 0.10
C LYS A 25 -34.26 -37.02 -0.73
N ALA A 26 -33.14 -36.40 -0.36
CA ALA A 26 -31.86 -36.62 -1.01
C ALA A 26 -31.35 -38.01 -0.67
N SER A 27 -31.37 -38.92 -1.64
CA SER A 27 -30.98 -40.30 -1.41
C SER A 27 -29.47 -40.49 -1.48
N GLY A 28 -28.78 -40.19 -0.38
CA GLY A 28 -27.38 -40.52 -0.25
C GLY A 28 -26.45 -39.69 -1.12
N TYR A 29 -26.37 -38.39 -0.85
CA TYR A 29 -25.64 -37.51 -1.73
C TYR A 29 -25.28 -36.24 -1.00
N ALA A 30 -24.14 -35.66 -1.38
CA ALA A 30 -23.69 -34.41 -0.79
C ALA A 30 -24.65 -33.29 -1.16
N PHE A 31 -25.36 -32.79 -0.16
CA PHE A 31 -26.63 -32.12 -0.42
C PHE A 31 -26.63 -30.63 -0.11
N SER A 32 -25.97 -30.22 0.97
CA SER A 32 -26.20 -28.91 1.59
C SER A 32 -25.75 -27.75 0.72
N ASN A 33 -24.95 -28.00 -0.31
CA ASN A 33 -24.36 -26.93 -1.10
C ASN A 33 -24.68 -27.05 -2.58
N SER A 34 -25.94 -27.30 -2.93
CA SER A 34 -26.36 -27.36 -4.32
C SER A 34 -27.84 -27.05 -4.40
N TRP A 35 -28.30 -26.63 -5.58
CA TRP A 35 -29.67 -26.18 -5.76
C TRP A 35 -30.68 -27.33 -5.72
N MET A 36 -31.95 -26.94 -5.76
CA MET A 36 -33.08 -27.78 -6.16
C MET A 36 -33.94 -26.99 -7.12
N SER A 37 -34.92 -27.68 -7.73
CA SER A 37 -35.88 -27.05 -8.62
C SER A 37 -37.16 -27.88 -8.69
N TRP A 38 -38.14 -27.34 -9.40
CA TRP A 38 -39.41 -28.01 -9.65
C TRP A 38 -39.94 -27.58 -11.01
N VAL A 39 -40.57 -28.52 -11.71
CA VAL A 39 -41.19 -28.30 -13.02
C VAL A 39 -42.43 -29.18 -13.08
N LYS A 40 -43.54 -28.61 -13.56
CA LYS A 40 -44.77 -29.36 -13.80
C LYS A 40 -44.99 -29.59 -15.28
N GLN A 41 -45.79 -30.63 -15.59
CA GLN A 41 -46.09 -31.02 -16.96
C GLN A 41 -47.58 -31.25 -17.12
N ARG A 42 -48.17 -30.63 -18.13
CA ARG A 42 -49.50 -31.08 -18.53
C ARG A 42 -49.50 -31.38 -20.02
N PRO A 43 -50.04 -32.54 -20.41
CA PRO A 43 -50.06 -32.90 -21.83
C PRO A 43 -51.05 -32.05 -22.60
N GLY A 44 -50.60 -31.55 -23.75
CA GLY A 44 -51.34 -30.55 -24.48
C GLY A 44 -50.90 -29.15 -24.10
N LYS A 45 -50.11 -29.07 -23.02
CA LYS A 45 -49.45 -27.85 -22.59
C LYS A 45 -47.97 -28.05 -22.37
N GLY A 46 -47.51 -29.28 -22.17
CA GLY A 46 -46.09 -29.55 -22.04
C GLY A 46 -45.55 -29.21 -20.66
N LEU A 47 -44.22 -29.09 -20.61
CA LEU A 47 -43.51 -28.83 -19.37
C LEU A 47 -43.60 -27.37 -18.98
N GLU A 48 -43.64 -27.12 -17.67
CA GLU A 48 -43.84 -25.80 -17.12
C GLU A 48 -42.99 -25.64 -15.86
N TRP A 49 -42.11 -24.65 -15.87
CA TRP A 49 -41.20 -24.38 -14.76
C TRP A 49 -42.00 -23.92 -13.55
N ILE A 50 -41.49 -24.23 -12.35
CA ILE A 50 -42.18 -23.85 -11.14
C ILE A 50 -41.31 -22.90 -10.33
N GLY A 51 -40.10 -23.31 -10.02
CA GLY A 51 -39.24 -22.51 -9.18
C GLY A 51 -38.00 -23.28 -8.79
N ARG A 52 -37.19 -22.63 -7.95
CA ARG A 52 -35.94 -23.22 -7.48
C ARG A 52 -35.59 -22.66 -6.10
N LEU A 53 -34.96 -23.49 -5.27
CA LEU A 53 -34.56 -23.13 -3.91
C LEU A 53 -33.18 -23.70 -3.61
N PHE A 54 -32.48 -23.07 -2.65
CA PHE A 54 -31.22 -23.55 -2.11
C PHE A 54 -31.37 -23.90 -0.64
N PRO A 55 -30.87 -25.04 -0.19
CA PRO A 55 -31.07 -25.45 1.20
C PRO A 55 -29.97 -24.93 2.11
N ALA A 56 -30.34 -24.75 3.38
CA ALA A 56 -29.49 -24.28 4.48
C ALA A 56 -28.96 -22.86 4.29
N ASP A 57 -29.44 -22.16 3.26
CA ASP A 57 -29.25 -20.72 3.16
C ASP A 57 -30.56 -20.00 2.88
N GLY A 58 -31.48 -20.65 2.17
CA GLY A 58 -32.80 -20.08 2.00
C GLY A 58 -32.92 -19.06 0.90
N ASP A 59 -32.32 -19.32 -0.26
CA ASP A 59 -32.59 -18.53 -1.44
C ASP A 59 -33.82 -19.11 -2.12
N ILE A 60 -34.90 -18.32 -2.18
CA ILE A 60 -36.17 -18.77 -2.69
C ILE A 60 -36.58 -17.88 -3.86
N THR A 61 -36.94 -18.49 -4.97
CA THR A 61 -37.44 -17.78 -6.14
C THR A 61 -38.88 -18.18 -6.42
N TYR A 62 -39.45 -17.54 -7.44
CA TYR A 62 -40.84 -17.80 -7.83
C TYR A 62 -41.06 -17.53 -9.30
N ASN A 63 -41.83 -18.41 -9.94
CA ASN A 63 -42.56 -18.01 -11.13
C ASN A 63 -43.72 -17.12 -10.68
N GLY A 64 -43.66 -15.85 -11.07
CA GLY A 64 -44.61 -14.85 -10.60
C GLY A 64 -46.04 -15.10 -11.00
N HIS A 65 -46.27 -15.78 -12.12
CA HIS A 65 -47.61 -16.22 -12.48
C HIS A 65 -48.10 -17.34 -11.57
N PHE A 66 -47.18 -18.04 -10.92
CA PHE A 66 -47.52 -19.16 -10.05
C PHE A 66 -47.30 -18.81 -8.58
N LYS A 67 -46.69 -17.66 -8.30
CA LYS A 67 -46.08 -17.33 -7.01
C LYS A 67 -47.07 -17.40 -5.85
N ASP A 68 -48.33 -17.06 -6.10
CA ASP A 68 -49.27 -16.98 -5.00
C ASP A 68 -49.92 -18.33 -4.70
N LYS A 69 -49.83 -19.29 -5.62
CA LYS A 69 -50.43 -20.60 -5.39
C LYS A 69 -49.68 -21.43 -4.36
N ALA A 70 -48.39 -21.20 -4.17
CA ALA A 70 -47.58 -22.15 -3.43
C ALA A 70 -46.47 -21.44 -2.67
N ALA A 71 -45.88 -22.19 -1.74
CA ALA A 71 -44.77 -21.71 -0.93
C ALA A 71 -43.75 -22.83 -0.81
N LEU A 72 -42.48 -22.44 -0.68
CA LEU A 72 -41.36 -23.37 -0.72
C LEU A 72 -40.70 -23.47 0.65
N THR A 73 -40.57 -24.71 1.15
CA THR A 73 -39.84 -24.98 2.37
C THR A 73 -38.96 -26.21 2.15
N ALA A 74 -38.12 -26.50 3.15
CA ALA A 74 -37.22 -27.64 3.08
C ALA A 74 -36.76 -28.03 4.46
N ASP A 75 -36.27 -29.26 4.57
CA ASP A 75 -35.53 -29.74 5.73
C ASP A 75 -34.08 -29.88 5.30
N LYS A 76 -33.17 -29.26 6.06
CA LYS A 76 -31.75 -29.47 5.80
C LYS A 76 -31.21 -30.61 6.64
N SER A 77 -31.90 -31.00 7.72
CA SER A 77 -31.42 -32.08 8.56
C SER A 77 -31.69 -33.45 7.95
N SER A 78 -32.94 -33.75 7.62
CA SER A 78 -33.27 -34.99 6.94
C SER A 78 -33.36 -34.79 5.44
N ASN A 79 -32.91 -33.64 4.91
CA ASN A 79 -32.63 -33.43 3.50
C ASN A 79 -33.89 -33.53 2.65
N THR A 80 -34.98 -32.93 3.14
CA THR A 80 -36.29 -33.14 2.57
C THR A 80 -36.98 -31.82 2.27
N ALA A 81 -37.36 -31.62 1.02
CA ALA A 81 -38.02 -30.41 0.57
C ALA A 81 -39.53 -30.54 0.77
N TYR A 82 -40.21 -29.39 0.73
CA TYR A 82 -41.65 -29.34 0.87
C TYR A 82 -42.21 -28.17 0.08
N ILE A 83 -43.42 -28.33 -0.44
CA ILE A 83 -44.06 -27.30 -1.23
C ILE A 83 -45.56 -27.30 -0.97
N GLN A 84 -46.05 -26.24 -0.34
CA GLN A 84 -47.42 -26.20 0.15
C GLN A 84 -48.35 -25.76 -0.97
N LEU A 85 -48.97 -26.74 -1.61
CA LEU A 85 -49.82 -26.47 -2.77
C LEU A 85 -51.25 -26.23 -2.36
N SER A 86 -51.74 -25.01 -2.57
CA SER A 86 -53.01 -24.57 -2.02
C SER A 86 -54.17 -25.14 -2.85
N SER A 87 -55.38 -24.65 -2.59
CA SER A 87 -56.60 -25.25 -3.14
C SER A 87 -56.77 -24.94 -4.62
N LEU A 88 -56.52 -25.94 -5.45
CA LEU A 88 -56.57 -25.78 -6.89
C LEU A 88 -57.68 -26.66 -7.47
N THR A 89 -57.74 -26.71 -8.80
CA THR A 89 -58.74 -27.48 -9.52
C THR A 89 -58.08 -28.50 -10.45
N SER A 90 -58.92 -29.13 -11.27
CA SER A 90 -58.47 -30.19 -12.17
C SER A 90 -57.65 -29.68 -13.34
N GLU A 91 -57.69 -28.38 -13.62
CA GLU A 91 -56.83 -27.83 -14.65
C GLU A 91 -55.38 -27.75 -14.20
N ASP A 92 -55.12 -27.86 -12.90
CA ASP A 92 -53.77 -27.98 -12.40
C ASP A 92 -53.40 -29.40 -12.03
N SER A 93 -54.25 -30.37 -12.34
CA SER A 93 -53.93 -31.77 -12.05
C SER A 93 -52.83 -32.24 -12.99
N ALA A 94 -51.70 -32.63 -12.42
CA ALA A 94 -50.50 -32.91 -13.20
C ALA A 94 -49.62 -33.87 -12.43
N VAL A 95 -48.46 -34.18 -13.01
CA VAL A 95 -47.44 -34.98 -12.36
C VAL A 95 -46.22 -34.09 -12.13
N TYR A 96 -45.73 -34.08 -10.91
CA TYR A 96 -44.82 -33.05 -10.43
C TYR A 96 -43.49 -33.68 -10.10
N PHE A 97 -42.40 -32.98 -10.40
CA PHE A 97 -41.07 -33.57 -10.43
C PHE A 97 -40.09 -32.78 -9.58
N CYS A 98 -39.58 -33.43 -8.55
CA CYS A 98 -38.41 -32.95 -7.82
C CYS A 98 -37.16 -33.15 -8.67
N ALA A 99 -36.48 -32.06 -8.99
CA ALA A 99 -35.39 -32.20 -9.94
C ALA A 99 -34.28 -31.22 -9.61
N ARG A 100 -33.05 -31.72 -9.60
CA ARG A 100 -31.85 -30.91 -9.43
C ARG A 100 -31.17 -30.73 -10.77
N MET A 101 -30.57 -29.56 -10.95
CA MET A 101 -30.06 -29.14 -12.24
C MET A 101 -28.59 -28.78 -12.12
N ASP A 102 -27.81 -29.70 -11.57
CA ASP A 102 -26.39 -29.51 -11.32
C ASP A 102 -25.60 -30.09 -12.47
N ASN A 103 -24.35 -29.63 -12.63
CA ASN A 103 -23.40 -30.38 -13.44
C ASN A 103 -23.02 -31.70 -12.80
N SER A 104 -23.12 -31.80 -11.49
CA SER A 104 -22.88 -33.05 -10.81
C SER A 104 -24.13 -33.93 -10.69
N GLU A 105 -25.31 -33.34 -10.86
CA GLU A 105 -26.56 -34.07 -10.64
C GLU A 105 -27.66 -33.44 -11.48
N VAL A 106 -28.06 -34.14 -12.53
CA VAL A 106 -29.11 -33.69 -13.42
C VAL A 106 -30.44 -34.38 -13.09
N PHE A 107 -30.58 -34.81 -11.84
CA PHE A 107 -31.49 -35.90 -11.49
C PHE A 107 -32.94 -35.45 -11.53
N TRP A 108 -33.83 -36.43 -11.46
CA TRP A 108 -35.27 -36.22 -11.59
C TRP A 108 -35.98 -37.07 -10.54
N GLY A 109 -37.10 -36.58 -10.04
CA GLY A 109 -37.83 -37.35 -9.04
C GLY A 109 -38.64 -38.49 -9.62
N GLN A 110 -39.43 -39.15 -8.77
CA GLN A 110 -40.29 -40.24 -9.21
C GLN A 110 -41.63 -39.76 -9.75
N GLY A 111 -41.87 -38.46 -9.80
CA GLY A 111 -43.17 -37.98 -10.23
C GLY A 111 -44.18 -37.96 -9.10
N THR A 112 -45.23 -37.16 -9.22
CA THR A 112 -46.25 -37.06 -8.19
C THR A 112 -47.60 -36.93 -8.88
N LEU A 113 -48.30 -38.05 -9.02
CA LEU A 113 -49.58 -38.05 -9.70
C LEU A 113 -50.65 -37.36 -8.86
N VAL A 114 -51.11 -36.21 -9.32
CA VAL A 114 -52.00 -35.36 -8.55
C VAL A 114 -53.29 -35.12 -9.32
N THR A 115 -54.42 -35.47 -8.71
CA THR A 115 -55.74 -35.08 -9.20
C THR A 115 -56.54 -34.50 -8.05
N VAL A 116 -57.83 -34.29 -8.29
CA VAL A 116 -58.71 -33.70 -7.28
C VAL A 116 -59.37 -34.81 -6.47
N SER A 117 -59.41 -34.62 -5.16
CA SER A 117 -60.16 -35.53 -4.30
C SER A 117 -61.64 -35.46 -4.62
N ALA A 118 -62.17 -36.53 -5.20
CA ALA A 118 -63.58 -36.59 -5.58
C ALA A 118 -64.07 -38.03 -5.63
N ASP B 3 -39.78 -12.65 -19.76
CA ASP B 3 -39.03 -13.85 -20.12
C ASP B 3 -38.40 -13.75 -21.51
N ILE B 4 -37.88 -14.88 -21.99
CA ILE B 4 -37.39 -14.99 -23.36
C ILE B 4 -38.03 -16.20 -24.01
N LEU B 5 -38.64 -15.99 -25.17
CA LEU B 5 -39.42 -17.03 -25.82
C LEU B 5 -38.52 -17.90 -26.69
N LEU B 6 -38.84 -19.19 -26.76
CA LEU B 6 -38.09 -20.15 -27.55
C LEU B 6 -38.99 -20.74 -28.62
N THR B 7 -38.49 -20.78 -29.85
CA THR B 7 -39.26 -21.27 -30.99
C THR B 7 -38.50 -22.36 -31.71
N GLN B 8 -39.11 -23.54 -31.79
CA GLN B 8 -38.55 -24.66 -32.52
C GLN B 8 -39.14 -24.65 -33.92
N SER B 9 -38.50 -25.41 -34.81
CA SER B 9 -38.95 -25.45 -36.20
C SER B 9 -40.22 -26.26 -36.39
N GLN B 10 -40.32 -27.42 -35.75
CA GLN B 10 -41.45 -28.31 -35.98
C GLN B 10 -41.54 -29.29 -34.82
N LYS B 11 -42.55 -30.15 -34.88
CA LYS B 11 -42.84 -31.09 -33.79
C LYS B 11 -42.42 -32.51 -34.10
N PHE B 12 -42.44 -32.91 -35.38
CA PHE B 12 -42.17 -34.29 -35.76
C PHE B 12 -41.03 -34.33 -36.76
N MET B 13 -40.55 -35.53 -37.03
CA MET B 13 -39.52 -35.77 -38.03
C MET B 13 -39.87 -36.96 -38.91
N SER B 14 -39.13 -37.10 -40.00
CA SER B 14 -39.29 -38.24 -40.91
C SER B 14 -37.99 -38.39 -41.72
N THR B 15 -37.26 -39.46 -41.45
CA THR B 15 -35.98 -39.75 -42.10
C THR B 15 -35.91 -41.25 -42.38
N SER B 16 -34.70 -41.74 -42.62
CA SER B 16 -34.40 -43.15 -42.49
C SER B 16 -33.64 -43.40 -41.19
N VAL B 17 -33.32 -44.67 -40.94
CA VAL B 17 -32.46 -44.99 -39.82
C VAL B 17 -31.02 -44.68 -40.18
N GLY B 18 -30.16 -44.59 -39.16
CA GLY B 18 -28.77 -44.24 -39.40
C GLY B 18 -28.55 -42.85 -39.91
N ASP B 19 -29.49 -41.95 -39.67
CA ASP B 19 -29.53 -40.66 -40.34
C ASP B 19 -28.94 -39.58 -39.44
N ARG B 20 -28.50 -38.49 -40.06
CA ARG B 20 -28.04 -37.32 -39.34
C ARG B 20 -29.08 -36.21 -39.39
N VAL B 21 -29.49 -35.76 -38.21
CA VAL B 21 -30.59 -34.80 -38.08
C VAL B 21 -30.08 -33.56 -37.37
N SER B 22 -30.34 -32.39 -37.96
CA SER B 22 -29.94 -31.11 -37.39
C SER B 22 -31.18 -30.41 -36.86
N ILE B 23 -31.16 -30.08 -35.57
CA ILE B 23 -32.31 -29.48 -34.89
C ILE B 23 -31.87 -28.18 -34.25
N THR B 24 -32.64 -27.12 -34.47
CA THR B 24 -32.32 -25.81 -33.91
C THR B 24 -33.58 -25.15 -33.39
N CYS B 25 -33.49 -24.67 -32.15
CA CYS B 25 -34.47 -23.75 -31.58
C CYS B 25 -33.77 -22.41 -31.43
N LYS B 26 -34.54 -21.33 -31.47
CA LYS B 26 -33.95 -20.00 -31.37
C LYS B 26 -34.56 -19.22 -30.21
N ALA B 27 -33.90 -18.12 -29.86
CA ALA B 27 -34.27 -17.30 -28.74
C ALA B 27 -34.45 -15.86 -29.17
N SER B 28 -34.89 -15.02 -28.22
CA SER B 28 -35.12 -13.62 -28.54
C SER B 28 -33.89 -12.76 -28.29
N GLN B 29 -33.03 -13.18 -27.37
CA GLN B 29 -31.92 -12.35 -26.91
C GLN B 29 -30.72 -13.24 -26.64
N ASN B 30 -29.52 -12.69 -26.81
CA ASN B 30 -28.30 -13.43 -26.52
C ASN B 30 -28.20 -13.70 -25.03
N VAL B 31 -27.98 -14.96 -24.68
CA VAL B 31 -28.00 -15.42 -23.30
C VAL B 31 -26.68 -16.03 -22.89
N ARG B 32 -25.66 -15.93 -23.74
CA ARG B 32 -24.26 -16.23 -23.40
C ARG B 32 -24.07 -17.71 -23.06
N THR B 33 -24.57 -18.58 -23.94
CA THR B 33 -24.34 -20.02 -23.98
C THR B 33 -24.91 -20.75 -22.75
N GLY B 34 -25.81 -20.12 -22.01
CA GLY B 34 -26.34 -20.74 -20.82
C GLY B 34 -27.64 -21.51 -21.01
N VAL B 35 -27.63 -22.56 -21.82
CA VAL B 35 -28.81 -23.40 -22.06
C VAL B 35 -28.40 -24.86 -22.04
N SER B 36 -29.37 -25.74 -22.24
CA SER B 36 -29.15 -27.18 -22.35
C SER B 36 -30.31 -27.84 -23.08
N TRP B 37 -30.01 -29.04 -23.61
CA TRP B 37 -30.97 -29.85 -24.34
C TRP B 37 -31.23 -31.14 -23.58
N TYR B 38 -32.29 -31.83 -23.98
CA TYR B 38 -32.78 -32.96 -23.19
C TYR B 38 -33.35 -34.03 -24.10
N GLN B 39 -33.60 -35.19 -23.49
CA GLN B 39 -34.48 -36.21 -24.06
C GLN B 39 -35.66 -36.40 -23.12
N ARG B 40 -36.70 -37.08 -23.60
CA ARG B 40 -37.82 -37.48 -22.77
C ARG B 40 -38.48 -38.73 -23.32
N LYS B 41 -38.77 -39.67 -22.44
CA LYS B 41 -39.40 -40.92 -22.81
C LYS B 41 -40.70 -41.06 -22.07
N PRO B 42 -41.71 -41.71 -22.68
CA PRO B 42 -43.06 -41.70 -22.10
C PRO B 42 -43.14 -42.51 -20.82
N GLY B 43 -43.62 -41.85 -19.77
CA GLY B 43 -43.63 -42.44 -18.44
C GLY B 43 -42.26 -42.57 -17.82
N GLN B 44 -41.26 -41.91 -18.38
CA GLN B 44 -39.89 -42.04 -17.92
C GLN B 44 -39.32 -40.66 -17.70
N SER B 45 -38.25 -40.60 -16.91
CA SER B 45 -37.66 -39.33 -16.53
C SER B 45 -36.87 -38.76 -17.70
N PRO B 46 -36.74 -37.44 -17.81
CA PRO B 46 -35.89 -36.86 -18.85
C PRO B 46 -34.42 -37.05 -18.51
N LYS B 47 -33.55 -36.72 -19.47
CA LYS B 47 -32.12 -36.82 -19.25
C LYS B 47 -31.43 -35.63 -19.91
N ALA B 48 -30.47 -35.04 -19.20
CA ALA B 48 -29.73 -33.91 -19.72
C ALA B 48 -28.64 -34.37 -20.67
N LEU B 49 -28.51 -33.67 -21.80
CA LEU B 49 -27.60 -34.11 -22.84
C LEU B 49 -26.45 -33.13 -23.06
N ILE B 50 -26.74 -31.88 -23.39
CA ILE B 50 -25.71 -30.96 -23.84
C ILE B 50 -25.57 -29.86 -22.79
N TYR B 51 -24.45 -29.87 -22.08
CA TYR B 51 -24.31 -29.04 -20.92
C TYR B 51 -23.53 -27.79 -21.29
N LEU B 52 -23.99 -26.65 -20.75
CA LEU B 52 -23.55 -25.30 -21.11
C LEU B 52 -23.59 -25.06 -22.60
N ALA B 53 -24.56 -25.67 -23.30
CA ALA B 53 -24.66 -25.76 -24.75
C ALA B 53 -23.40 -26.32 -25.41
N SER B 54 -22.58 -27.06 -24.66
CA SER B 54 -21.36 -27.63 -25.23
C SER B 54 -21.08 -29.05 -24.78
N ASN B 55 -21.49 -29.43 -23.57
CA ASN B 55 -20.88 -30.58 -22.92
C ASN B 55 -21.81 -31.78 -22.92
N ARG B 56 -21.39 -32.85 -23.58
CA ARG B 56 -22.08 -34.12 -23.47
C ARG B 56 -21.85 -34.71 -22.09
N HIS B 57 -22.92 -35.06 -21.41
CA HIS B 57 -22.78 -35.49 -20.04
C HIS B 57 -22.33 -36.95 -20.01
N THR B 58 -22.02 -37.44 -18.81
CA THR B 58 -21.40 -38.74 -18.65
C THR B 58 -22.40 -39.86 -18.89
N GLY B 59 -21.97 -40.87 -19.64
CA GLY B 59 -22.84 -41.98 -19.98
C GLY B 59 -23.73 -41.73 -21.16
N VAL B 60 -23.36 -40.82 -22.05
CA VAL B 60 -24.19 -40.43 -23.18
C VAL B 60 -23.40 -40.72 -24.45
N PRO B 61 -23.99 -41.39 -25.46
CA PRO B 61 -23.22 -41.86 -26.61
C PRO B 61 -22.68 -40.75 -27.50
N ASP B 62 -21.59 -41.09 -28.19
CA ASP B 62 -20.73 -40.12 -28.86
C ASP B 62 -21.31 -39.58 -30.15
N ARG B 63 -22.41 -40.14 -30.65
CA ARG B 63 -23.01 -39.67 -31.89
C ARG B 63 -23.91 -38.46 -31.70
N PHE B 64 -23.77 -37.75 -30.58
CA PHE B 64 -24.68 -36.69 -30.18
C PHE B 64 -23.90 -35.38 -30.11
N THR B 65 -24.22 -34.45 -31.01
CA THR B 65 -23.43 -33.24 -31.16
C THR B 65 -24.30 -31.99 -31.02
N GLY B 66 -23.66 -30.86 -30.75
CA GLY B 66 -24.35 -29.60 -30.62
C GLY B 66 -23.40 -28.41 -30.73
N ARG B 67 -23.92 -27.31 -31.26
CA ARG B 67 -23.17 -26.06 -31.41
C ARG B 67 -24.09 -24.87 -31.17
N GLY B 68 -23.60 -23.69 -31.52
CA GLY B 68 -24.33 -22.44 -31.39
C GLY B 68 -23.75 -21.55 -30.32
N SER B 69 -23.83 -20.24 -30.54
CA SER B 69 -23.31 -19.29 -29.56
C SER B 69 -24.20 -18.08 -29.30
N GLY B 70 -25.05 -17.72 -30.24
CA GLY B 70 -25.76 -16.45 -30.17
C GLY B 70 -27.12 -16.53 -29.51
N THR B 71 -28.18 -16.30 -30.29
CA THR B 71 -29.55 -16.58 -29.87
C THR B 71 -30.06 -17.86 -30.50
N ASP B 72 -29.22 -18.55 -31.26
CA ASP B 72 -29.60 -19.69 -32.07
C ASP B 72 -28.63 -20.83 -31.84
N PHE B 73 -29.19 -22.02 -31.63
CA PHE B 73 -28.36 -23.10 -31.11
C PHE B 73 -28.75 -24.39 -31.79
N THR B 74 -27.75 -25.03 -32.39
CA THR B 74 -27.97 -26.21 -33.22
C THR B 74 -27.72 -27.46 -32.39
N LEU B 75 -28.67 -28.38 -32.43
CA LEU B 75 -28.54 -29.70 -31.84
C LEU B 75 -28.55 -30.72 -32.96
N THR B 76 -27.37 -31.27 -33.27
CA THR B 76 -27.22 -32.13 -34.43
C THR B 76 -26.95 -33.56 -33.98
N ILE B 77 -27.87 -34.45 -34.30
CA ILE B 77 -27.79 -35.86 -33.90
C ILE B 77 -27.45 -36.64 -35.15
N SER B 78 -26.58 -37.63 -35.02
CA SER B 78 -26.05 -38.36 -36.16
C SER B 78 -26.20 -39.87 -35.94
N GLU B 79 -26.49 -40.59 -37.03
CA GLU B 79 -26.67 -42.05 -37.09
C GLU B 79 -27.69 -42.56 -36.08
N VAL B 80 -28.95 -42.22 -36.31
CA VAL B 80 -30.01 -42.57 -35.37
C VAL B 80 -30.27 -44.06 -35.39
N GLN B 81 -30.88 -44.56 -34.33
CA GLN B 81 -31.32 -45.94 -34.25
C GLN B 81 -32.75 -46.02 -33.76
N SER B 82 -33.27 -47.25 -33.68
CA SER B 82 -34.62 -47.46 -33.15
C SER B 82 -34.69 -47.21 -31.66
N GLU B 83 -33.58 -47.36 -30.94
CA GLU B 83 -33.53 -47.17 -29.50
C GLU B 83 -33.61 -45.71 -29.09
N ASP B 84 -33.32 -44.78 -29.99
CA ASP B 84 -33.23 -43.38 -29.65
C ASP B 84 -34.51 -42.61 -29.92
N LEU B 85 -35.60 -43.30 -30.27
CA LEU B 85 -36.86 -42.66 -30.60
C LEU B 85 -37.54 -42.16 -29.33
N ALA B 86 -37.17 -40.95 -28.93
CA ALA B 86 -37.71 -40.34 -27.72
C ALA B 86 -38.32 -38.98 -28.08
N ASP B 87 -38.80 -38.29 -27.05
CA ASP B 87 -39.19 -36.89 -27.18
C ASP B 87 -38.01 -36.03 -26.75
N TYR B 88 -37.88 -34.87 -27.37
CA TYR B 88 -36.70 -34.04 -27.22
C TYR B 88 -37.12 -32.59 -27.12
N PHE B 89 -36.40 -31.81 -26.30
CA PHE B 89 -36.79 -30.44 -25.98
C PHE B 89 -35.61 -29.69 -25.39
N CYS B 90 -35.76 -28.37 -25.28
CA CYS B 90 -34.76 -27.50 -24.70
C CYS B 90 -35.30 -26.83 -23.44
N LEU B 91 -34.43 -26.03 -22.82
CA LEU B 91 -34.78 -25.27 -21.62
C LEU B 91 -33.85 -24.09 -21.47
N GLN B 92 -34.43 -22.91 -21.24
CA GLN B 92 -33.64 -21.72 -20.93
C GLN B 92 -33.06 -21.91 -19.55
N HIS B 93 -31.78 -21.61 -19.39
CA HIS B 93 -31.05 -22.06 -18.22
C HIS B 93 -30.10 -21.00 -17.69
N TRP B 94 -30.30 -19.75 -18.08
CA TRP B 94 -29.31 -18.71 -17.81
C TRP B 94 -29.80 -17.78 -16.71
N THR B 95 -30.97 -17.16 -16.89
CA THR B 95 -31.58 -16.33 -15.86
C THR B 95 -33.01 -16.77 -15.64
N VAL B 96 -33.45 -16.72 -14.39
CA VAL B 96 -34.83 -17.07 -14.07
C VAL B 96 -35.75 -15.98 -14.62
N PRO B 97 -36.96 -16.31 -15.11
CA PRO B 97 -37.60 -17.63 -15.24
C PRO B 97 -37.03 -18.50 -16.35
N TYR B 98 -37.30 -19.80 -16.27
CA TYR B 98 -36.73 -20.77 -17.18
C TYR B 98 -37.78 -21.26 -18.17
N THR B 99 -37.56 -21.01 -19.45
CA THR B 99 -38.51 -21.33 -20.50
C THR B 99 -38.03 -22.54 -21.29
N PHE B 100 -38.98 -23.35 -21.74
CA PHE B 100 -38.69 -24.55 -22.50
C PHE B 100 -38.66 -24.27 -23.98
N GLY B 101 -38.11 -25.22 -24.72
CA GLY B 101 -38.34 -25.27 -26.14
C GLY B 101 -39.72 -25.84 -26.44
N GLY B 102 -40.06 -25.88 -27.73
CA GLY B 102 -41.37 -26.37 -28.10
C GLY B 102 -41.56 -27.85 -27.91
N GLY B 103 -40.48 -28.62 -27.78
CA GLY B 103 -40.60 -30.06 -27.66
C GLY B 103 -40.74 -30.72 -29.02
N THR B 104 -39.94 -31.73 -29.29
CA THR B 104 -39.95 -32.35 -30.61
C THR B 104 -39.84 -33.86 -30.49
N LYS B 105 -40.84 -34.56 -31.02
CA LYS B 105 -40.82 -36.01 -31.06
C LYS B 105 -40.18 -36.46 -32.36
N LEU B 106 -39.29 -37.44 -32.28
CA LEU B 106 -38.55 -37.90 -33.45
C LEU B 106 -39.16 -39.18 -34.02
N GLU B 107 -39.40 -39.16 -35.33
CA GLU B 107 -40.04 -40.22 -36.08
C GLU B 107 -39.34 -40.36 -37.42
N ILE B 108 -39.64 -41.44 -38.13
CA ILE B 108 -39.10 -41.68 -39.47
C ILE B 108 -40.22 -42.10 -40.38
N LYS B 109 -39.97 -41.98 -41.69
CA LYS B 109 -40.76 -42.54 -42.79
C LYS B 109 -42.21 -42.10 -42.79
N ARG B 110 -42.48 -40.90 -42.31
CA ARG B 110 -43.85 -40.43 -42.20
C ARG B 110 -43.90 -38.91 -42.26
N GLN C 5 30.06 -19.91 32.78
CA GLN C 5 29.70 -19.90 34.19
C GLN C 5 30.06 -18.59 34.86
N LEU C 6 30.26 -18.64 36.17
CA LEU C 6 30.65 -17.47 36.95
C LEU C 6 31.73 -17.80 37.97
N GLN C 7 32.28 -16.76 38.55
CA GLN C 7 33.20 -16.83 39.67
C GLN C 7 33.09 -15.54 40.48
N GLN C 8 33.09 -15.66 41.79
CA GLN C 8 32.90 -14.53 42.69
C GLN C 8 34.09 -14.46 43.63
N SER C 9 34.39 -13.24 44.10
CA SER C 9 35.57 -13.01 44.92
C SER C 9 35.35 -13.50 46.34
N GLY C 10 36.32 -13.18 47.19
CA GLY C 10 36.34 -13.66 48.57
C GLY C 10 35.69 -12.71 49.55
N PRO C 11 36.05 -12.83 50.84
CA PRO C 11 35.40 -12.01 51.88
C PRO C 11 35.72 -10.53 51.81
N GLU C 12 35.03 -9.75 52.63
CA GLU C 12 35.12 -8.29 52.58
C GLU C 12 34.89 -7.73 53.98
N LEU C 13 35.51 -6.59 54.27
CA LEU C 13 35.26 -5.83 55.48
C LEU C 13 34.76 -4.42 55.13
N VAL C 14 33.55 -4.10 55.57
CA VAL C 14 33.02 -2.74 55.44
C VAL C 14 33.53 -1.88 56.58
N LYS C 15 33.28 -0.58 56.47
CA LYS C 15 33.98 0.41 57.27
C LYS C 15 33.16 1.69 57.27
N PRO C 16 32.97 2.32 58.42
CA PRO C 16 32.39 3.67 58.42
C PRO C 16 33.36 4.66 57.81
N GLY C 17 33.06 5.07 56.58
CA GLY C 17 33.98 5.87 55.80
C GLY C 17 34.60 5.10 54.65
N ALA C 18 33.85 4.21 54.01
CA ALA C 18 34.39 3.44 52.89
C ALA C 18 33.28 3.01 51.95
N SER C 19 33.66 2.88 50.67
CA SER C 19 32.82 2.31 49.64
C SER C 19 33.69 1.45 48.74
N VAL C 20 33.19 0.28 48.36
CA VAL C 20 34.03 -0.72 47.73
C VAL C 20 33.22 -1.52 46.73
N LYS C 21 33.85 -1.87 45.61
CA LYS C 21 33.22 -2.67 44.57
C LYS C 21 33.71 -4.10 44.63
N ILE C 22 32.85 -5.03 44.22
CA ILE C 22 33.12 -6.46 44.32
C ILE C 22 33.14 -7.04 42.92
N SER C 23 34.04 -8.00 42.67
CA SER C 23 34.27 -8.55 41.34
C SER C 23 33.59 -9.90 41.18
N CYS C 24 32.82 -10.04 40.09
CA CYS C 24 32.22 -11.29 39.67
C CYS C 24 32.41 -11.44 38.16
N LYS C 25 33.10 -12.50 37.75
CA LYS C 25 33.50 -12.65 36.36
C LYS C 25 32.77 -13.82 35.72
N ALA C 26 32.33 -13.61 34.48
CA ALA C 26 31.65 -14.64 33.70
C ALA C 26 32.65 -15.73 33.29
N SER C 27 32.55 -16.90 33.91
CA SER C 27 33.48 -17.98 33.67
C SER C 27 33.15 -18.78 32.42
N GLY C 28 33.56 -18.26 31.25
CA GLY C 28 33.48 -19.00 30.01
C GLY C 28 32.06 -19.21 29.50
N TYR C 29 31.40 -18.12 29.11
CA TYR C 29 30.00 -18.22 28.75
C TYR C 29 29.61 -17.02 27.90
N ALA C 30 28.65 -17.26 27.00
CA ALA C 30 28.14 -16.19 26.15
C ALA C 30 27.43 -15.15 26.99
N PHE C 31 28.02 -13.97 27.07
CA PHE C 31 27.75 -13.09 28.19
C PHE C 31 27.02 -11.80 27.83
N SER C 32 27.36 -11.20 26.69
CA SER C 32 27.01 -9.80 26.40
C SER C 32 25.52 -9.56 26.25
N ASN C 33 24.72 -10.60 26.07
CA ASN C 33 23.31 -10.45 25.76
C ASN C 33 22.41 -11.18 26.75
N SER C 34 22.67 -11.03 28.05
CA SER C 34 21.83 -11.63 29.08
C SER C 34 21.98 -10.83 30.37
N TRP C 35 21.00 -10.96 31.26
CA TRP C 35 20.97 -10.14 32.46
C TRP C 35 22.00 -10.58 33.50
N MET C 36 22.07 -9.78 34.56
CA MET C 36 22.62 -10.17 35.85
C MET C 36 21.68 -9.72 36.94
N SER C 37 21.94 -10.15 38.17
CA SER C 37 21.18 -9.75 39.34
C SER C 37 22.00 -9.90 40.61
N TRP C 38 21.42 -9.44 41.71
CA TRP C 38 22.02 -9.57 43.04
C TRP C 38 20.92 -9.73 44.07
N VAL C 39 21.19 -10.55 45.09
CA VAL C 39 20.30 -10.82 46.21
C VAL C 39 21.15 -11.00 47.46
N LYS C 40 20.75 -10.37 48.56
CA LYS C 40 21.40 -10.55 49.84
C LYS C 40 20.55 -11.41 50.77
N GLN C 41 21.21 -12.02 51.75
CA GLN C 41 20.57 -12.91 52.73
C GLN C 41 21.01 -12.55 54.14
N ARG C 42 20.06 -12.37 55.03
CA ARG C 42 20.41 -12.37 56.44
C ARG C 42 19.54 -13.37 57.19
N PRO C 43 20.15 -14.22 58.01
CA PRO C 43 19.38 -15.23 58.74
C PRO C 43 18.55 -14.58 59.85
N GLY C 44 17.28 -14.98 59.91
CA GLY C 44 16.32 -14.30 60.75
C GLY C 44 15.58 -13.23 59.98
N LYS C 45 16.08 -12.94 58.78
CA LYS C 45 15.42 -12.07 57.81
C LYS C 45 15.30 -12.71 56.45
N GLY C 46 16.10 -13.72 56.14
CA GLY C 46 15.99 -14.43 54.89
C GLY C 46 16.60 -13.68 53.72
N LEU C 47 16.20 -14.10 52.52
CA LEU C 47 16.71 -13.56 51.28
C LEU C 47 16.08 -12.21 50.96
N GLU C 48 16.87 -11.34 50.34
CA GLU C 48 16.47 -9.97 50.07
C GLU C 48 17.04 -9.55 48.72
N TRP C 49 16.15 -9.17 47.79
CA TRP C 49 16.53 -8.76 46.45
C TRP C 49 17.33 -7.47 46.50
N ILE C 50 18.23 -7.28 45.55
CA ILE C 50 19.06 -6.09 45.52
C ILE C 50 18.78 -5.30 44.25
N GLY C 51 18.93 -5.95 43.11
CA GLY C 51 18.78 -5.26 41.84
C GLY C 51 19.21 -6.14 40.70
N ARG C 52 19.17 -5.55 39.50
CA ARG C 52 19.54 -6.25 38.28
C ARG C 52 20.08 -5.26 37.26
N LEU C 53 21.03 -5.71 36.44
CA LEU C 53 21.67 -4.90 35.41
C LEU C 53 21.88 -5.73 34.14
N PHE C 54 21.95 -5.04 33.00
CA PHE C 54 22.30 -5.64 31.71
C PHE C 54 23.62 -5.08 31.21
N PRO C 55 24.54 -5.92 30.74
CA PRO C 55 25.85 -5.41 30.32
C PRO C 55 25.86 -5.00 28.86
N ALA C 56 26.76 -4.05 28.55
CA ALA C 56 27.02 -3.48 27.22
C ALA C 56 25.82 -2.73 26.64
N ASP C 57 24.77 -2.53 27.43
CA ASP C 57 23.73 -1.58 27.10
C ASP C 57 23.42 -0.65 28.27
N GLY C 58 23.58 -1.13 29.50
CA GLY C 58 23.47 -0.26 30.65
C GLY C 58 22.05 0.00 31.11
N ASP C 59 21.22 -1.04 31.17
CA ASP C 59 19.94 -0.95 31.85
C ASP C 59 20.17 -1.24 33.33
N ILE C 60 19.90 -0.24 34.16
CA ILE C 60 20.18 -0.33 35.60
C ILE C 60 18.89 -0.10 36.35
N THR C 61 18.59 -0.99 37.28
CA THR C 61 17.43 -0.86 38.15
C THR C 61 17.88 -0.72 39.60
N TYR C 62 16.91 -0.53 40.49
CA TYR C 62 17.16 -0.36 41.91
C TYR C 62 16.01 -0.84 42.75
N ASN C 63 16.32 -1.51 43.85
CA ASN C 63 15.42 -1.53 44.99
C ASN C 63 15.49 -0.16 45.65
N GLY C 64 14.38 0.57 45.59
CA GLY C 64 14.32 1.95 46.05
C GLY C 64 14.60 2.13 47.53
N HIS C 65 14.30 1.14 48.35
CA HIS C 65 14.68 1.16 49.75
C HIS C 65 16.18 0.99 49.92
N PHE C 66 16.86 0.44 48.92
CA PHE C 66 18.28 0.18 48.96
C PHE C 66 19.06 1.12 48.05
N LYS C 67 18.35 1.88 47.20
CA LYS C 67 18.89 2.55 46.02
C LYS C 67 20.04 3.49 46.35
N ASP C 68 19.99 4.14 47.51
CA ASP C 68 20.99 5.14 47.82
C ASP C 68 22.25 4.55 48.44
N LYS C 69 22.18 3.32 48.94
CA LYS C 69 23.35 2.70 49.54
C LYS C 69 24.41 2.30 48.53
N ALA C 70 24.04 2.05 47.27
CA ALA C 70 24.95 1.38 46.37
C ALA C 70 24.74 1.86 44.95
N ALA C 71 25.72 1.55 44.11
CA ALA C 71 25.70 1.86 42.69
C ALA C 71 26.22 0.67 41.90
N LEU C 72 25.72 0.51 40.68
CA LEU C 72 25.98 -0.66 39.86
C LEU C 72 26.83 -0.30 38.67
N THR C 73 27.94 -1.01 38.50
CA THR C 73 28.80 -0.89 37.32
C THR C 73 29.20 -2.28 36.85
N ALA C 74 29.86 -2.33 35.70
CA ALA C 74 30.29 -3.59 35.12
C ALA C 74 31.41 -3.35 34.12
N ASP C 75 32.13 -4.43 33.83
CA ASP C 75 33.08 -4.48 32.71
C ASP C 75 32.46 -5.40 31.67
N LYS C 76 32.35 -4.91 30.44
CA LYS C 76 31.92 -5.78 29.35
C LYS C 76 33.09 -6.43 28.66
N SER C 77 34.30 -5.87 28.81
CA SER C 77 35.46 -6.46 28.16
C SER C 77 35.98 -7.68 28.88
N SER C 78 36.29 -7.57 30.18
CA SER C 78 36.68 -8.72 30.97
C SER C 78 35.51 -9.32 31.72
N ASN C 79 34.28 -8.91 31.39
CA ASN C 79 33.05 -9.59 31.78
C ASN C 79 32.86 -9.59 33.29
N THR C 80 33.12 -8.44 33.91
CA THR C 80 33.21 -8.37 35.37
C THR C 80 32.33 -7.25 35.91
N ALA C 81 31.42 -7.60 36.79
CA ALA C 81 30.50 -6.64 37.40
C ALA C 81 31.13 -6.02 38.64
N TYR C 82 30.56 -4.91 39.08
CA TYR C 82 31.02 -4.20 40.27
C TYR C 82 29.86 -3.51 40.95
N ILE C 83 29.93 -3.40 42.26
CA ILE C 83 28.87 -2.78 43.04
C ILE C 83 29.48 -2.03 44.22
N GLN C 84 29.37 -0.71 44.20
CA GLN C 84 30.07 0.13 45.16
C GLN C 84 29.25 0.26 46.43
N LEU C 85 29.59 -0.56 47.41
CA LEU C 85 28.82 -0.61 48.66
C LEU C 85 29.36 0.37 49.68
N SER C 86 28.56 1.37 50.01
CA SER C 86 29.02 2.50 50.80
C SER C 86 29.10 2.12 52.29
N SER C 87 29.32 3.11 53.15
CA SER C 87 29.64 2.89 54.55
C SER C 87 28.42 2.41 55.35
N LEU C 88 28.41 1.12 55.67
CA LEU C 88 27.30 0.52 56.37
C LEU C 88 27.74 0.01 57.73
N THR C 89 26.84 -0.69 58.41
CA THR C 89 27.09 -1.24 59.74
C THR C 89 26.90 -2.75 59.75
N SER C 90 26.96 -3.32 60.95
CA SER C 90 26.87 -4.76 61.15
C SER C 90 25.48 -5.32 60.90
N GLU C 91 24.45 -4.47 60.88
CA GLU C 91 23.12 -4.93 60.53
C GLU C 91 22.99 -5.23 59.04
N ASP C 92 23.92 -4.74 58.23
CA ASP C 92 23.99 -5.13 56.83
C ASP C 92 25.06 -6.15 56.54
N SER C 93 25.69 -6.70 57.58
CA SER C 93 26.70 -7.74 57.37
C SER C 93 26.04 -9.03 56.92
N ALA C 94 26.39 -9.48 55.72
CA ALA C 94 25.67 -10.57 55.09
C ALA C 94 26.60 -11.27 54.10
N VAL C 95 26.08 -12.27 53.42
CA VAL C 95 26.77 -12.96 52.33
C VAL C 95 26.02 -12.66 51.04
N TYR C 96 26.77 -12.21 50.03
CA TYR C 96 26.19 -11.57 48.87
C TYR C 96 26.47 -12.41 47.64
N PHE C 97 25.50 -12.48 46.74
CA PHE C 97 25.49 -13.48 45.67
C PHE C 97 25.32 -12.84 44.31
N CYS C 98 26.33 -13.01 43.47
CA CYS C 98 26.23 -12.74 42.04
C CYS C 98 25.41 -13.84 41.39
N ALA C 99 24.29 -13.47 40.78
CA ALA C 99 23.39 -14.51 40.29
C ALA C 99 22.70 -14.04 39.02
N ARG C 100 22.69 -14.92 38.03
CA ARG C 100 21.97 -14.71 36.79
C ARG C 100 20.70 -15.54 36.78
N MET C 101 19.66 -15.00 36.18
CA MET C 101 18.32 -15.56 36.27
C MET C 101 17.78 -15.84 34.88
N ASP C 102 18.54 -16.55 34.08
CA ASP C 102 18.21 -16.86 32.69
C ASP C 102 17.54 -18.22 32.63
N ASN C 103 16.79 -18.46 31.56
CA ASN C 103 16.42 -19.83 31.21
C ASN C 103 17.63 -20.65 30.79
N SER C 104 18.66 -20.00 30.27
CA SER C 104 19.89 -20.70 29.94
C SER C 104 20.87 -20.78 31.08
N GLU C 105 20.70 -19.94 32.12
CA GLU C 105 21.67 -19.87 33.20
C GLU C 105 20.97 -19.38 34.46
N VAL C 106 20.77 -20.29 35.41
CA VAL C 106 20.15 -19.98 36.68
C VAL C 106 21.18 -19.80 37.78
N PHE C 107 22.38 -19.41 37.38
CA PHE C 107 23.59 -19.68 38.16
C PHE C 107 23.67 -18.78 39.39
N TRP C 108 24.60 -19.10 40.28
CA TRP C 108 24.77 -18.44 41.56
C TRP C 108 26.25 -18.25 41.82
N GLY C 109 26.62 -17.16 42.48
CA GLY C 109 28.02 -16.92 42.76
C GLY C 109 28.56 -17.75 43.91
N GLN C 110 29.80 -17.49 44.30
CA GLN C 110 30.43 -18.18 45.42
C GLN C 110 30.11 -17.56 46.77
N GLY C 111 29.31 -16.50 46.80
CA GLY C 111 29.05 -15.83 48.06
C GLY C 111 30.12 -14.83 48.40
N THR C 112 29.80 -13.86 49.26
CA THR C 112 30.77 -12.84 49.66
C THR C 112 30.55 -12.55 51.14
N LEU C 113 31.36 -13.18 51.98
CA LEU C 113 31.23 -13.01 53.42
C LEU C 113 31.69 -11.61 53.85
N VAL C 114 30.73 -10.81 54.30
CA VAL C 114 30.99 -9.40 54.58
C VAL C 114 30.65 -9.10 56.03
N THR C 115 31.62 -8.58 56.78
CA THR C 115 31.37 -8.02 58.10
C THR C 115 32.05 -6.64 58.17
N VAL C 116 32.10 -6.09 59.38
CA VAL C 116 32.67 -4.77 59.59
C VAL C 116 34.15 -4.92 59.94
N SER C 117 34.98 -4.07 59.34
CA SER C 117 36.38 -4.02 59.73
C SER C 117 36.52 -3.52 61.16
N ALA C 118 36.94 -4.41 62.05
CA ALA C 118 37.10 -4.07 63.46
C ALA C 118 38.12 -4.99 64.12
N ASP D 3 4.85 -2.77 45.69
CA ASP D 3 5.16 -4.17 45.40
C ASP D 3 3.93 -5.06 45.51
N ILE D 4 4.16 -6.38 45.48
CA ILE D 4 3.11 -7.36 45.72
C ILE D 4 3.60 -8.34 46.78
N LEU D 5 2.82 -8.51 47.83
CA LEU D 5 3.23 -9.30 48.98
C LEU D 5 2.93 -10.78 48.75
N LEU D 6 3.79 -11.64 49.26
CA LEU D 6 3.64 -13.08 49.14
C LEU D 6 3.51 -13.70 50.52
N THR D 7 2.51 -14.56 50.69
CA THR D 7 2.22 -15.18 51.98
C THR D 7 2.20 -16.70 51.84
N GLN D 8 3.07 -17.36 52.59
CA GLN D 8 3.10 -18.81 52.64
C GLN D 8 2.26 -19.27 53.82
N SER D 9 1.93 -20.56 53.81
CA SER D 9 1.10 -21.10 54.87
C SER D 9 1.85 -21.28 56.19
N GLN D 10 3.07 -21.79 56.15
CA GLN D 10 3.80 -22.10 57.37
C GLN D 10 5.28 -22.21 57.05
N LYS D 11 6.08 -22.46 58.07
CA LYS D 11 7.53 -22.48 57.94
C LYS D 11 8.10 -23.89 57.95
N PHE D 12 7.46 -24.83 58.64
CA PHE D 12 7.99 -26.17 58.82
C PHE D 12 6.97 -27.19 58.32
N MET D 13 7.43 -28.44 58.22
CA MET D 13 6.57 -29.56 57.85
C MET D 13 6.81 -30.76 58.77
N SER D 14 5.90 -31.73 58.67
CA SER D 14 6.04 -32.98 59.42
C SER D 14 5.20 -34.05 58.71
N THR D 15 5.86 -35.03 58.11
CA THR D 15 5.21 -36.11 57.38
C THR D 15 5.97 -37.40 57.68
N SER D 16 5.76 -38.39 56.83
CA SER D 16 6.67 -39.53 56.72
C SER D 16 7.55 -39.36 55.49
N VAL D 17 8.44 -40.32 55.29
CA VAL D 17 9.22 -40.36 54.06
C VAL D 17 8.35 -40.91 52.93
N GLY D 18 8.77 -40.69 51.69
CA GLY D 18 7.99 -41.13 50.55
C GLY D 18 6.66 -40.43 50.40
N ASP D 19 6.52 -39.24 50.95
CA ASP D 19 5.23 -38.60 51.10
C ASP D 19 5.02 -37.58 50.00
N ARG D 20 3.76 -37.26 49.75
CA ARG D 20 3.39 -36.21 48.81
C ARG D 20 2.93 -34.96 49.57
N VAL D 21 3.60 -33.84 49.29
CA VAL D 21 3.39 -32.60 50.02
C VAL D 21 2.95 -31.51 49.05
N SER D 22 1.86 -30.84 49.37
CA SER D 22 1.33 -29.75 48.56
C SER D 22 1.62 -28.43 49.26
N ILE D 23 2.32 -27.53 48.57
CA ILE D 23 2.74 -26.26 49.15
C ILE D 23 2.25 -25.14 48.25
N THR D 24 1.62 -24.13 48.86
CA THR D 24 1.09 -23.00 48.11
C THR D 24 1.39 -21.70 48.85
N CYS D 25 1.94 -20.75 48.10
CA CYS D 25 2.04 -19.36 48.52
C CYS D 25 1.09 -18.57 47.64
N LYS D 26 0.57 -17.46 48.15
CA LYS D 26 -0.36 -16.65 47.39
C LYS D 26 0.14 -15.22 47.24
N ALA D 27 -0.51 -14.49 46.33
CA ALA D 27 -0.12 -13.14 45.98
C ALA D 27 -1.31 -12.21 46.12
N SER D 28 -1.05 -10.92 45.91
CA SER D 28 -2.11 -9.93 46.05
C SER D 28 -2.82 -9.67 44.72
N GLN D 29 -2.14 -9.88 43.60
CA GLN D 29 -2.66 -9.49 42.31
C GLN D 29 -2.24 -10.52 41.27
N ASN D 30 -3.06 -10.69 40.23
CA ASN D 30 -2.71 -11.62 39.16
C ASN D 30 -1.51 -11.09 38.39
N VAL D 31 -0.51 -11.96 38.24
CA VAL D 31 0.77 -11.59 37.66
C VAL D 31 1.08 -12.40 36.42
N ARG D 32 0.12 -13.19 35.93
CA ARG D 32 0.16 -13.83 34.61
C ARG D 32 1.31 -14.84 34.51
N THR D 33 1.37 -15.73 35.50
CA THR D 33 2.20 -16.94 35.54
C THR D 33 3.70 -16.62 35.55
N GLY D 34 4.08 -15.39 35.89
CA GLY D 34 5.49 -15.03 35.86
C GLY D 34 6.20 -15.16 37.20
N VAL D 35 6.30 -16.37 37.74
CA VAL D 35 7.00 -16.62 39.00
C VAL D 35 7.83 -17.89 38.86
N SER D 36 8.53 -18.23 39.94
CA SER D 36 9.31 -19.46 40.02
C SER D 36 9.55 -19.86 41.47
N TRP D 37 9.85 -21.14 41.65
CA TRP D 37 10.12 -21.73 42.96
C TRP D 37 11.56 -22.21 43.02
N TYR D 38 12.03 -22.47 44.24
CA TYR D 38 13.44 -22.72 44.46
C TYR D 38 13.65 -23.76 45.55
N GLN D 39 14.89 -24.21 45.66
CA GLN D 39 15.39 -24.88 46.84
C GLN D 39 16.52 -24.07 47.43
N ARG D 40 16.90 -24.39 48.67
CA ARG D 40 18.07 -23.78 49.29
C ARG D 40 18.67 -24.73 50.33
N LYS D 41 19.98 -24.86 50.30
CA LYS D 41 20.70 -25.74 51.21
C LYS D 41 21.68 -24.91 52.01
N PRO D 42 21.95 -25.28 53.26
CA PRO D 42 22.74 -24.42 54.15
C PRO D 42 24.20 -24.34 53.73
N GLY D 43 24.66 -23.11 53.54
CA GLY D 43 25.98 -22.88 53.00
C GLY D 43 26.12 -23.23 51.54
N GLN D 44 25.01 -23.44 50.84
CA GLN D 44 25.05 -23.87 49.46
C GLN D 44 24.15 -22.96 48.63
N SER D 45 24.38 -22.97 47.33
CA SER D 45 23.67 -22.08 46.44
C SER D 45 22.24 -22.58 46.23
N PRO D 46 21.28 -21.69 45.97
CA PRO D 46 19.93 -22.14 45.65
C PRO D 46 19.87 -22.72 44.25
N LYS D 47 18.73 -23.33 43.92
CA LYS D 47 18.54 -23.90 42.58
C LYS D 47 17.11 -23.63 42.12
N ALA D 48 16.98 -23.22 40.86
CA ALA D 48 15.67 -22.94 40.30
C ALA D 48 14.98 -24.24 39.89
N LEU D 49 13.69 -24.34 40.21
CA LEU D 49 12.96 -25.58 39.99
C LEU D 49 11.86 -25.44 38.97
N ILE D 50 10.90 -24.55 39.17
CA ILE D 50 9.71 -24.51 38.35
C ILE D 50 9.70 -23.22 37.56
N TYR D 51 9.91 -23.34 36.26
CA TYR D 51 10.16 -22.17 35.44
C TYR D 51 8.87 -21.75 34.76
N LEU D 52 8.66 -20.43 34.72
CA LEU D 52 7.41 -19.77 34.31
C LEU D 52 6.20 -20.34 35.02
N ALA D 53 6.37 -20.74 36.27
CA ALA D 53 5.41 -21.51 37.09
C ALA D 53 4.95 -22.80 36.41
N SER D 54 5.72 -23.31 35.45
CA SER D 54 5.35 -24.53 34.76
C SER D 54 6.49 -25.50 34.53
N ASN D 55 7.71 -24.99 34.35
CA ASN D 55 8.74 -25.79 33.70
C ASN D 55 9.78 -26.29 34.68
N ARG D 56 9.88 -27.61 34.79
CA ARG D 56 10.96 -28.22 35.55
C ARG D 56 12.26 -28.06 34.76
N HIS D 57 13.28 -27.53 35.42
CA HIS D 57 14.49 -27.22 34.71
C HIS D 57 15.33 -28.48 34.53
N THR D 58 16.41 -28.36 33.76
CA THR D 58 17.17 -29.52 33.35
C THR D 58 17.99 -30.08 34.50
N GLY D 59 17.99 -31.39 34.66
CA GLY D 59 18.71 -32.04 35.73
C GLY D 59 17.96 -32.07 37.04
N VAL D 60 16.63 -32.00 37.00
CA VAL D 60 15.81 -31.93 38.20
C VAL D 60 14.88 -33.13 38.17
N PRO D 61 14.74 -33.89 39.27
CA PRO D 61 14.02 -35.16 39.24
C PRO D 61 12.52 -35.01 39.03
N ASP D 62 11.92 -36.07 38.47
CA ASP D 62 10.58 -36.04 37.91
C ASP D 62 9.48 -36.05 38.95
N ARG D 63 9.80 -36.26 40.22
CA ARG D 63 8.78 -36.29 41.27
C ARG D 63 8.40 -34.90 41.75
N PHE D 64 8.70 -33.86 40.99
CA PHE D 64 8.56 -32.48 41.41
C PHE D 64 7.55 -31.79 40.50
N THR D 65 6.40 -31.41 41.07
CA THR D 65 5.28 -30.91 40.27
C THR D 65 4.85 -29.54 40.76
N GLY D 66 4.13 -28.81 39.90
CA GLY D 66 3.61 -27.50 40.24
C GLY D 66 2.50 -27.08 39.30
N ARG D 67 1.57 -26.29 39.82
CA ARG D 67 0.44 -25.74 39.06
C ARG D 67 0.10 -24.34 39.56
N GLY D 68 -1.03 -23.84 39.11
CA GLY D 68 -1.54 -22.53 39.48
C GLY D 68 -1.51 -21.56 38.32
N SER D 69 -2.49 -20.65 38.30
CA SER D 69 -2.54 -19.66 37.22
C SER D 69 -2.87 -18.25 37.69
N GLY D 70 -3.54 -18.09 38.83
CA GLY D 70 -4.09 -16.80 39.20
C GLY D 70 -3.19 -15.96 40.07
N THR D 71 -3.60 -15.74 41.31
CA THR D 71 -2.74 -15.17 42.34
C THR D 71 -2.22 -16.23 43.29
N ASP D 72 -2.56 -17.49 43.03
CA ASP D 72 -2.29 -18.59 43.93
C ASP D 72 -1.67 -19.74 43.17
N PHE D 73 -0.60 -20.30 43.72
CA PHE D 73 0.22 -21.19 42.93
C PHE D 73 0.68 -22.35 43.80
N THR D 74 0.38 -23.56 43.32
CA THR D 74 0.61 -24.77 44.08
C THR D 74 1.93 -25.39 43.67
N LEU D 75 2.76 -25.70 44.65
CA LEU D 75 3.99 -26.45 44.45
C LEU D 75 3.86 -27.79 45.16
N THR D 76 3.65 -28.84 44.38
CA THR D 76 3.33 -30.16 44.93
C THR D 76 4.48 -31.11 44.72
N ILE D 77 5.09 -31.57 45.80
CA ILE D 77 6.25 -32.44 45.76
C ILE D 77 5.77 -33.81 46.19
N SER D 78 6.25 -34.85 45.52
CA SER D 78 5.76 -36.20 45.74
C SER D 78 6.92 -37.16 45.99
N GLU D 79 6.68 -38.14 46.88
CA GLU D 79 7.63 -39.18 47.28
C GLU D 79 8.96 -38.63 47.75
N VAL D 80 8.94 -37.96 48.91
CA VAL D 80 10.13 -37.30 49.43
C VAL D 80 11.15 -38.32 49.89
N GLN D 81 12.41 -37.90 49.98
CA GLN D 81 13.46 -38.72 50.54
C GLN D 81 14.28 -37.91 51.55
N SER D 82 15.26 -38.58 52.15
CA SER D 82 16.17 -37.92 53.09
C SER D 82 17.09 -36.93 52.39
N GLU D 83 17.37 -37.15 51.11
CA GLU D 83 18.27 -36.30 50.35
C GLU D 83 17.65 -34.95 49.99
N ASP D 84 16.33 -34.84 50.04
CA ASP D 84 15.64 -33.64 49.56
C ASP D 84 15.33 -32.67 50.69
N LEU D 85 15.82 -32.91 51.89
CA LEU D 85 15.53 -32.06 53.05
C LEU D 85 16.32 -30.76 52.95
N ALA D 86 15.73 -29.80 52.25
CA ALA D 86 16.33 -28.50 52.03
C ALA D 86 15.39 -27.41 52.52
N ASP D 87 15.81 -26.17 52.33
CA ASP D 87 14.94 -25.02 52.51
C ASP D 87 14.37 -24.65 51.15
N TYR D 88 13.14 -24.14 51.16
CA TYR D 88 12.38 -23.94 49.93
C TYR D 88 11.63 -22.62 50.03
N PHE D 89 11.52 -21.92 48.90
CA PHE D 89 10.98 -20.57 48.86
C PHE D 89 10.59 -20.19 47.44
N CYS D 90 9.85 -19.08 47.32
CA CYS D 90 9.43 -18.55 46.04
C CYS D 90 10.05 -17.19 45.78
N LEU D 91 9.74 -16.63 44.62
CA LEU D 91 10.21 -15.31 44.23
C LEU D 91 9.28 -14.73 43.16
N GLN D 92 8.86 -13.48 43.38
CA GLN D 92 8.10 -12.76 42.36
C GLN D 92 9.05 -12.45 41.22
N HIS D 93 8.60 -12.67 39.99
CA HIS D 93 9.52 -12.72 38.87
C HIS D 93 8.95 -12.05 37.63
N TRP D 94 7.92 -11.22 37.80
CA TRP D 94 7.17 -10.72 36.67
C TRP D 94 7.48 -9.26 36.40
N THR D 95 7.30 -8.40 37.41
CA THR D 95 7.67 -7.00 37.30
C THR D 95 8.51 -6.61 38.50
N VAL D 96 9.50 -5.76 38.26
CA VAL D 96 10.34 -5.28 39.36
C VAL D 96 9.52 -4.35 40.25
N PRO D 97 9.73 -4.34 41.58
CA PRO D 97 10.66 -5.13 42.40
C PRO D 97 10.26 -6.59 42.58
N TYR D 98 11.23 -7.41 42.97
CA TYR D 98 11.03 -8.86 43.07
C TYR D 98 10.95 -9.27 44.54
N THR D 99 9.81 -9.84 44.91
CA THR D 99 9.54 -10.20 46.30
C THR D 99 9.61 -11.71 46.45
N PHE D 100 10.07 -12.15 47.61
CA PHE D 100 10.23 -13.56 47.92
C PHE D 100 8.98 -14.13 48.55
N GLY D 101 8.91 -15.44 48.58
CA GLY D 101 7.99 -16.11 49.48
C GLY D 101 8.53 -16.11 50.89
N GLY D 102 7.73 -16.66 51.81
CA GLY D 102 8.15 -16.66 53.20
C GLY D 102 9.29 -17.61 53.51
N GLY D 103 9.57 -18.57 52.64
CA GLY D 103 10.61 -19.53 52.89
C GLY D 103 10.11 -20.66 53.78
N THR D 104 10.33 -21.90 53.37
CA THR D 104 9.79 -23.03 54.11
C THR D 104 10.82 -24.15 54.19
N LYS D 105 11.17 -24.53 55.42
CA LYS D 105 12.07 -25.64 55.66
C LYS D 105 11.24 -26.91 55.80
N LEU D 106 11.69 -27.99 55.15
CA LEU D 106 10.93 -29.23 55.14
C LEU D 106 11.52 -30.23 56.13
N GLU D 107 10.64 -30.77 56.97
CA GLU D 107 10.96 -31.69 58.05
C GLU D 107 9.89 -32.77 58.12
N ILE D 108 10.17 -33.82 58.88
CA ILE D 108 9.22 -34.90 59.09
C ILE D 108 9.16 -35.22 60.57
N LYS D 109 8.07 -35.90 60.96
CA LYS D 109 7.88 -36.55 62.25
C LYS D 109 7.99 -35.61 63.45
N ARG D 110 7.65 -34.35 63.26
CA ARG D 110 7.81 -33.37 64.32
C ARG D 110 6.80 -32.24 64.15
N GLN E 5 27.94 -10.48 -38.51
CA GLN E 5 29.04 -9.60 -38.87
C GLN E 5 28.56 -8.42 -39.70
N LEU E 6 29.47 -7.87 -40.50
CA LEU E 6 29.17 -6.75 -41.39
C LEU E 6 29.80 -6.95 -42.76
N GLN E 7 29.38 -6.07 -43.67
CA GLN E 7 29.97 -5.94 -44.99
C GLN E 7 29.74 -4.52 -45.49
N GLN E 8 30.76 -3.93 -46.10
CA GLN E 8 30.72 -2.56 -46.54
C GLN E 8 31.02 -2.50 -48.03
N SER E 9 30.47 -1.48 -48.69
CA SER E 9 30.59 -1.38 -50.14
C SER E 9 31.97 -0.92 -50.57
N GLY E 10 32.10 -0.65 -51.86
CA GLY E 10 33.37 -0.32 -52.46
C GLY E 10 33.65 1.18 -52.52
N PRO E 11 34.54 1.60 -53.44
CA PRO E 11 34.94 3.00 -53.49
C PRO E 11 33.85 3.95 -53.96
N GLU E 12 34.12 5.25 -53.87
CA GLU E 12 33.12 6.28 -54.15
C GLU E 12 33.83 7.51 -54.71
N LEU E 13 33.12 8.26 -55.56
CA LEU E 13 33.55 9.56 -56.04
C LEU E 13 32.56 10.64 -55.66
N VAL E 14 33.00 11.61 -54.87
CA VAL E 14 32.18 12.79 -54.55
C VAL E 14 32.30 13.81 -55.67
N LYS E 15 31.46 14.83 -55.60
CA LYS E 15 31.19 15.69 -56.74
C LYS E 15 30.60 16.99 -56.22
N PRO E 16 31.07 18.14 -56.71
CA PRO E 16 30.37 19.39 -56.41
C PRO E 16 29.02 19.42 -57.12
N GLY E 17 27.97 19.22 -56.32
CA GLY E 17 26.63 19.04 -56.86
C GLY E 17 26.12 17.61 -56.73
N ALA E 18 26.46 16.93 -55.64
CA ALA E 18 26.01 15.56 -55.46
C ALA E 18 25.92 15.20 -53.98
N SER E 19 24.99 14.30 -53.67
CA SER E 19 24.86 13.70 -52.36
C SER E 19 24.53 12.22 -52.55
N VAL E 20 25.15 11.36 -51.76
CA VAL E 20 25.11 9.93 -52.03
C VAL E 20 25.15 9.16 -50.72
N LYS E 21 24.39 8.06 -50.67
CA LYS E 21 24.33 7.18 -49.51
C LYS E 21 25.17 5.94 -49.75
N ILE E 22 25.72 5.39 -48.67
CA ILE E 22 26.64 4.26 -48.73
C ILE E 22 26.00 3.08 -48.00
N SER E 23 26.19 1.87 -48.51
CA SER E 23 25.54 0.69 -47.98
C SER E 23 26.47 -0.13 -47.11
N CYS E 24 26.00 -0.47 -45.91
CA CYS E 24 26.68 -1.38 -44.98
C CYS E 24 25.65 -2.33 -44.42
N LYS E 25 25.85 -3.63 -44.65
CA LYS E 25 24.84 -4.62 -44.30
C LYS E 25 25.35 -5.53 -43.19
N ALA E 26 24.45 -5.83 -42.24
CA ALA E 26 24.76 -6.72 -41.13
C ALA E 26 24.87 -8.15 -41.63
N SER E 27 26.10 -8.67 -41.65
CA SER E 27 26.35 -10.00 -42.19
C SER E 27 26.07 -11.10 -41.16
N GLY E 28 24.80 -11.48 -41.05
CA GLY E 28 24.41 -12.64 -40.26
C GLY E 28 24.59 -12.47 -38.77
N TYR E 29 23.79 -11.59 -38.17
CA TYR E 29 24.00 -11.25 -36.78
C TYR E 29 22.73 -10.63 -36.21
N ALA E 30 22.51 -10.86 -34.91
CA ALA E 30 21.36 -10.29 -34.23
C ALA E 30 21.50 -8.77 -34.17
N PHE E 31 20.62 -8.10 -34.90
CA PHE E 31 20.93 -6.74 -35.33
C PHE E 31 20.06 -5.66 -34.72
N SER E 32 18.76 -5.93 -34.57
CA SER E 32 17.75 -4.89 -34.34
C SER E 32 17.91 -4.17 -33.02
N ASN E 33 18.68 -4.70 -32.08
CA ASN E 33 18.76 -4.16 -30.74
C ASN E 33 20.19 -3.83 -30.34
N SER E 34 20.95 -3.15 -31.21
CA SER E 34 22.30 -2.73 -30.87
C SER E 34 22.67 -1.53 -31.75
N TRP E 35 23.66 -0.76 -31.30
CA TRP E 35 24.00 0.49 -31.97
C TRP E 35 24.73 0.25 -33.30
N MET E 36 24.95 1.37 -34.00
CA MET E 36 25.96 1.51 -35.04
C MET E 36 26.71 2.80 -34.81
N SER E 37 27.80 3.00 -35.57
CA SER E 37 28.58 4.21 -35.53
C SER E 37 29.34 4.40 -36.83
N TRP E 38 30.01 5.55 -36.93
CA TRP E 38 30.86 5.89 -38.06
C TRP E 38 32.01 6.76 -37.57
N VAL E 39 33.19 6.54 -38.17
CA VAL E 39 34.40 7.30 -37.90
C VAL E 39 35.17 7.45 -39.22
N LYS E 40 35.66 8.65 -39.49
CA LYS E 40 36.51 8.90 -40.64
C LYS E 40 37.97 9.09 -40.23
N GLN E 41 38.87 8.85 -41.18
CA GLN E 41 40.31 8.96 -40.95
C GLN E 41 40.95 9.76 -42.06
N ARG E 42 41.75 10.76 -41.70
CA ARG E 42 42.66 11.33 -42.68
C ARG E 42 44.07 11.32 -42.14
N PRO E 43 45.03 10.85 -42.93
CA PRO E 43 46.42 10.80 -42.46
C PRO E 43 47.03 12.19 -42.37
N GLY E 44 47.69 12.45 -41.25
CA GLY E 44 48.13 13.79 -40.93
C GLY E 44 47.10 14.51 -40.07
N LYS E 45 45.91 13.91 -39.99
CA LYS E 45 44.85 14.34 -39.08
C LYS E 45 44.32 13.21 -38.21
N GLY E 46 44.53 11.96 -38.61
CA GLY E 46 44.12 10.83 -37.80
C GLY E 46 42.64 10.54 -37.89
N LEU E 47 42.17 9.78 -36.90
CA LEU E 47 40.78 9.34 -36.83
C LEU E 47 39.88 10.45 -36.34
N GLU E 48 38.65 10.45 -36.85
CA GLU E 48 37.69 11.50 -36.58
C GLU E 48 36.29 10.90 -36.49
N TRP E 49 35.65 11.07 -35.33
CA TRP E 49 34.31 10.54 -35.08
C TRP E 49 33.31 11.21 -35.99
N ILE E 50 32.25 10.48 -36.34
CA ILE E 50 31.23 11.01 -37.22
C ILE E 50 29.90 11.07 -36.50
N GLY E 51 29.45 9.94 -35.97
CA GLY E 51 28.16 9.87 -35.34
C GLY E 51 27.78 8.44 -35.03
N ARG E 52 26.57 8.28 -34.51
CA ARG E 52 26.04 6.98 -34.14
C ARG E 52 24.52 6.97 -34.25
N LEU E 53 23.96 5.81 -34.62
CA LEU E 53 22.53 5.63 -34.79
C LEU E 53 22.10 4.28 -34.25
N PHE E 54 20.82 4.17 -33.87
CA PHE E 54 20.20 2.92 -33.46
C PHE E 54 19.10 2.53 -34.45
N PRO E 55 19.04 1.27 -34.88
CA PRO E 55 18.05 0.89 -35.89
C PRO E 55 16.74 0.45 -35.26
N ALA E 56 15.66 0.63 -36.03
CA ALA E 56 14.27 0.27 -35.70
C ALA E 56 13.72 1.04 -34.51
N ASP E 57 14.45 2.03 -34.00
CA ASP E 57 13.90 3.01 -33.09
C ASP E 57 14.22 4.44 -33.52
N GLY E 58 15.36 4.63 -34.18
CA GLY E 58 15.64 5.93 -34.77
C GLY E 58 16.22 6.95 -33.80
N ASP E 59 17.16 6.55 -32.96
CA ASP E 59 17.94 7.49 -32.19
C ASP E 59 19.11 7.94 -33.05
N ILE E 60 19.15 9.23 -33.39
CA ILE E 60 20.14 9.78 -34.30
C ILE E 60 20.89 10.88 -33.58
N THR E 61 22.22 10.82 -33.63
CA THR E 61 23.08 11.85 -33.07
C THR E 61 23.90 12.50 -34.17
N TYR E 62 24.68 13.50 -33.78
CA TYR E 62 25.50 14.25 -34.72
C TYR E 62 26.74 14.81 -34.04
N ASN E 63 27.86 14.73 -34.74
CA ASN E 63 28.94 15.68 -34.52
C ASN E 63 28.51 17.02 -35.10
N GLY E 64 28.32 18.00 -34.22
CA GLY E 64 27.78 19.30 -34.60
C GLY E 64 28.62 20.08 -35.58
N HIS E 65 29.94 19.88 -35.56
CA HIS E 65 30.81 20.44 -36.57
C HIS E 65 30.61 19.78 -37.93
N PHE E 66 30.07 18.57 -37.94
CA PHE E 66 29.87 17.80 -39.16
C PHE E 66 28.40 17.71 -39.53
N LYS E 67 27.50 18.16 -38.63
CA LYS E 67 26.07 17.82 -38.63
C LYS E 67 25.38 18.23 -39.92
N ASP E 68 25.80 19.33 -40.53
CA ASP E 68 25.08 19.82 -41.70
C ASP E 68 25.55 19.16 -42.99
N LYS E 69 26.72 18.53 -42.98
CA LYS E 69 27.22 17.88 -44.19
C LYS E 69 26.47 16.62 -44.56
N ALA E 70 25.83 15.95 -43.60
CA ALA E 70 25.36 14.60 -43.86
C ALA E 70 24.10 14.31 -43.06
N ALA E 71 23.43 13.24 -43.46
CA ALA E 71 22.22 12.77 -42.81
C ALA E 71 22.28 11.25 -42.70
N LEU E 72 21.66 10.72 -41.65
CA LEU E 72 21.75 9.30 -41.30
C LEU E 72 20.43 8.60 -41.53
N THR E 73 20.45 7.52 -42.30
CA THR E 73 19.30 6.66 -42.48
C THR E 73 19.74 5.20 -42.39
N ALA E 74 18.77 4.29 -42.40
CA ALA E 74 19.04 2.88 -42.31
C ALA E 74 17.87 2.07 -42.83
N ASP E 75 18.14 0.81 -43.16
CA ASP E 75 17.12 -0.20 -43.42
C ASP E 75 17.14 -1.15 -42.25
N LYS E 76 15.97 -1.37 -41.64
CA LYS E 76 15.88 -2.40 -40.61
C LYS E 76 15.47 -3.74 -41.20
N SER E 77 14.89 -3.74 -42.39
CA SER E 77 14.46 -5.00 -42.99
C SER E 77 15.63 -5.76 -43.60
N SER E 78 16.39 -5.15 -44.50
CA SER E 78 17.57 -5.77 -45.05
C SER E 78 18.83 -5.36 -44.31
N ASN E 79 18.68 -4.70 -43.15
CA ASN E 79 19.74 -4.50 -42.17
C ASN E 79 20.87 -3.64 -42.73
N THR E 80 20.51 -2.57 -43.43
CA THR E 80 21.46 -1.80 -44.23
C THR E 80 21.38 -0.32 -43.90
N ALA E 81 22.49 0.25 -43.48
CA ALA E 81 22.57 1.66 -43.12
C ALA E 81 22.87 2.49 -44.36
N TYR E 82 22.64 3.80 -44.24
CA TYR E 82 22.88 4.75 -45.32
C TYR E 82 23.26 6.11 -44.74
N ILE E 83 24.11 6.82 -45.45
CA ILE E 83 24.56 8.13 -45.01
C ILE E 83 24.74 9.04 -46.21
N GLN E 84 23.90 10.07 -46.32
CA GLN E 84 23.85 10.90 -47.51
C GLN E 84 24.91 11.99 -47.42
N LEU E 85 26.04 11.74 -48.07
CA LEU E 85 27.17 12.65 -47.99
C LEU E 85 27.12 13.68 -49.10
N SER E 86 26.94 14.95 -48.72
CA SER E 86 26.65 16.02 -49.66
C SER E 86 27.92 16.46 -50.40
N SER E 87 27.84 17.55 -51.14
CA SER E 87 28.89 17.96 -52.06
C SER E 87 30.10 18.52 -51.32
N LEU E 88 31.16 17.73 -51.27
CA LEU E 88 32.37 18.10 -50.54
C LEU E 88 33.53 18.23 -51.52
N THR E 89 34.72 18.42 -50.95
CA THR E 89 35.96 18.59 -51.72
C THR E 89 36.99 17.53 -51.34
N SER E 90 38.19 17.71 -51.88
CA SER E 90 39.28 16.76 -51.68
C SER E 90 39.86 16.79 -50.26
N GLU E 91 39.59 17.85 -49.50
CA GLU E 91 40.02 17.88 -48.11
C GLU E 91 39.18 16.95 -47.25
N ASP E 92 38.03 16.51 -47.73
CA ASP E 92 37.26 15.48 -47.05
C ASP E 92 37.41 14.11 -47.69
N SER E 93 38.33 13.96 -48.65
CA SER E 93 38.56 12.67 -49.26
C SER E 93 39.26 11.75 -48.28
N ALA E 94 38.60 10.64 -47.94
CA ALA E 94 39.05 9.79 -46.85
C ALA E 94 38.52 8.37 -47.08
N VAL E 95 38.83 7.49 -46.13
CA VAL E 95 38.31 6.13 -46.12
C VAL E 95 37.42 6.00 -44.89
N TYR E 96 36.19 5.51 -45.12
CA TYR E 96 35.11 5.64 -44.15
C TYR E 96 34.70 4.26 -43.68
N PHE E 97 34.38 4.15 -42.39
CA PHE E 97 34.27 2.86 -41.73
C PHE E 97 32.94 2.71 -41.02
N CYS E 98 32.16 1.74 -41.47
CA CYS E 98 31.01 1.24 -40.74
C CYS E 98 31.47 0.42 -39.54
N ALA E 99 31.12 0.86 -38.34
CA ALA E 99 31.69 0.20 -37.18
C ALA E 99 30.68 0.19 -36.04
N ARG E 100 30.55 -0.98 -35.41
CA ARG E 100 29.74 -1.15 -34.23
C ARG E 100 30.63 -1.25 -33.01
N MET E 101 30.14 -0.72 -31.90
CA MET E 101 30.94 -0.53 -30.70
C MET E 101 30.28 -1.22 -29.52
N ASP E 102 29.96 -2.50 -29.69
CA ASP E 102 29.27 -3.29 -28.69
C ASP E 102 30.29 -4.07 -27.87
N ASN E 103 29.89 -4.49 -26.68
CA ASN E 103 30.63 -5.54 -25.99
C ASN E 103 30.50 -6.87 -26.70
N SER E 104 29.43 -7.08 -27.44
CA SER E 104 29.29 -8.29 -28.23
C SER E 104 29.88 -8.17 -29.62
N GLU E 105 30.13 -6.94 -30.10
CA GLU E 105 30.59 -6.74 -31.47
C GLU E 105 31.37 -5.43 -31.55
N VAL E 106 32.68 -5.56 -31.69
CA VAL E 106 33.57 -4.40 -31.80
C VAL E 106 33.93 -4.13 -33.26
N PHE E 107 33.05 -4.54 -34.17
CA PHE E 107 33.44 -4.85 -35.54
C PHE E 107 33.72 -3.58 -36.33
N TRP E 108 34.30 -3.75 -37.52
CA TRP E 108 34.73 -2.66 -38.38
C TRP E 108 34.37 -3.02 -39.81
N GLY E 109 34.04 -2.00 -40.61
CA GLY E 109 33.70 -2.27 -42.00
C GLY E 109 34.89 -2.53 -42.88
N GLN E 110 34.65 -2.66 -44.19
CA GLN E 110 35.72 -2.87 -45.16
C GLN E 110 36.36 -1.57 -45.63
N GLY E 111 35.94 -0.42 -45.11
CA GLY E 111 36.48 0.84 -45.59
C GLY E 111 35.77 1.32 -46.84
N THR E 112 35.85 2.62 -47.12
CA THR E 112 35.20 3.18 -48.29
C THR E 112 36.12 4.25 -48.87
N LEU E 113 36.90 3.87 -49.87
CA LEU E 113 37.85 4.79 -50.48
C LEU E 113 37.13 5.87 -51.29
N VAL E 114 37.21 7.10 -50.81
CA VAL E 114 36.43 8.19 -51.38
C VAL E 114 37.36 9.30 -51.82
N THR E 115 37.29 9.68 -53.10
CA THR E 115 37.94 10.88 -53.61
C THR E 115 36.92 11.66 -54.44
N VAL E 116 37.40 12.68 -55.14
CA VAL E 116 36.54 13.53 -55.94
C VAL E 116 36.47 12.99 -57.37
N SER E 117 35.26 12.97 -57.92
CA SER E 117 35.10 12.62 -59.33
C SER E 117 35.76 13.68 -60.21
N ALA E 118 36.86 13.29 -60.86
CA ALA E 118 37.60 14.20 -61.73
C ALA E 118 38.37 13.43 -62.80
N ASP F 3 33.55 19.17 -25.56
CA ASP F 3 34.13 17.84 -25.47
C ASP F 3 35.12 17.71 -24.30
N ILE F 4 35.86 16.61 -24.28
CA ILE F 4 36.94 16.40 -23.32
C ILE F 4 38.20 16.00 -24.09
N LEU F 5 39.28 16.73 -23.86
CA LEU F 5 40.50 16.55 -24.63
C LEU F 5 41.35 15.44 -24.02
N LEU F 6 42.04 14.69 -24.87
CA LEU F 6 42.89 13.59 -24.46
C LEU F 6 44.33 13.89 -24.88
N THR F 7 45.27 13.73 -23.96
CA THR F 7 46.68 14.02 -24.21
C THR F 7 47.53 12.81 -23.88
N GLN F 8 48.26 12.33 -24.89
CA GLN F 8 49.20 11.25 -24.70
C GLN F 8 50.58 11.84 -24.44
N SER F 9 51.48 10.99 -23.95
CA SER F 9 52.82 11.46 -23.62
C SER F 9 53.69 11.69 -24.85
N GLN F 10 53.65 10.79 -25.82
CA GLN F 10 54.53 10.88 -26.97
C GLN F 10 53.97 10.03 -28.10
N LYS F 11 54.66 10.04 -29.24
CA LYS F 11 54.19 9.37 -30.44
C LYS F 11 54.93 8.07 -30.72
N PHE F 12 56.20 7.97 -30.33
CA PHE F 12 57.03 6.83 -30.66
C PHE F 12 57.59 6.21 -29.39
N MET F 13 58.19 5.03 -29.53
CA MET F 13 58.85 4.33 -28.43
C MET F 13 60.20 3.80 -28.88
N SER F 14 60.99 3.38 -27.90
CA SER F 14 62.30 2.75 -28.15
C SER F 14 62.68 1.93 -26.93
N THR F 15 62.69 0.60 -27.08
CA THR F 15 63.00 -0.32 -26.00
C THR F 15 63.84 -1.45 -26.60
N SER F 16 63.91 -2.56 -25.87
CA SER F 16 64.30 -3.84 -26.45
C SER F 16 63.07 -4.71 -26.66
N VAL F 17 63.28 -5.90 -27.20
CA VAL F 17 62.20 -6.87 -27.30
C VAL F 17 61.97 -7.51 -25.94
N GLY F 18 60.81 -8.13 -25.77
CA GLY F 18 60.47 -8.74 -24.49
C GLY F 18 60.28 -7.75 -23.37
N ASP F 19 59.97 -6.50 -23.69
CA ASP F 19 60.02 -5.42 -22.73
C ASP F 19 58.63 -5.11 -22.20
N ARG F 20 58.58 -4.49 -21.03
CA ARG F 20 57.34 -4.01 -20.44
C ARG F 20 57.23 -2.51 -20.59
N VAL F 21 56.14 -2.07 -21.22
CA VAL F 21 55.94 -0.67 -21.57
C VAL F 21 54.66 -0.17 -20.92
N SER F 22 54.77 0.96 -20.21
CA SER F 22 53.63 1.59 -19.55
C SER F 22 53.23 2.84 -20.33
N ILE F 23 51.98 2.87 -20.77
CA ILE F 23 51.47 3.96 -21.61
C ILE F 23 50.25 4.56 -20.93
N THR F 24 50.22 5.88 -20.83
CA THR F 24 49.11 6.58 -20.20
C THR F 24 48.73 7.81 -21.00
N CYS F 25 47.44 7.94 -21.30
CA CYS F 25 46.84 9.16 -21.79
C CYS F 25 45.97 9.70 -20.68
N LYS F 26 45.77 11.01 -20.64
CA LYS F 26 44.96 11.62 -19.60
C LYS F 26 43.81 12.43 -20.19
N ALA F 27 42.87 12.78 -19.32
CA ALA F 27 41.65 13.47 -19.71
C ALA F 27 41.48 14.73 -18.88
N SER F 28 40.45 15.50 -19.22
CA SER F 28 40.21 16.74 -18.51
C SER F 28 39.28 16.56 -17.33
N GLN F 29 38.41 15.55 -17.37
CA GLN F 29 37.36 15.40 -16.37
C GLN F 29 37.14 13.92 -16.11
N ASN F 30 36.72 13.59 -14.88
CA ASN F 30 36.44 12.20 -14.55
C ASN F 30 35.22 11.72 -15.33
N VAL F 31 35.38 10.58 -15.98
CA VAL F 31 34.38 10.05 -16.90
C VAL F 31 33.91 8.67 -16.47
N ARG F 32 34.31 8.22 -15.28
CA ARG F 32 33.75 7.04 -14.60
C ARG F 32 34.01 5.76 -15.40
N THR F 33 35.27 5.55 -15.77
CA THR F 33 35.84 4.32 -16.33
C THR F 33 35.25 3.97 -17.70
N GLY F 34 34.61 4.92 -18.37
CA GLY F 34 33.98 4.61 -19.65
C GLY F 34 34.83 4.90 -20.87
N VAL F 35 35.97 4.21 -21.01
CA VAL F 35 36.86 4.38 -22.16
C VAL F 35 37.33 3.00 -22.63
N SER F 36 38.15 3.02 -23.68
CA SER F 36 38.77 1.81 -24.20
C SER F 36 40.01 2.15 -25.02
N TRP F 37 40.88 1.15 -25.16
CA TRP F 37 42.12 1.25 -25.91
C TRP F 37 42.09 0.34 -27.12
N TYR F 38 43.01 0.57 -28.04
CA TYR F 38 42.94 -0.09 -29.35
C TYR F 38 44.34 -0.40 -29.86
N GLN F 39 44.36 -1.19 -30.94
CA GLN F 39 45.52 -1.30 -31.81
C GLN F 39 45.12 -0.84 -33.20
N ARG F 40 46.12 -0.61 -34.05
CA ARG F 40 45.88 -0.31 -35.45
C ARG F 40 47.08 -0.74 -36.29
N LYS F 41 46.77 -1.38 -37.41
CA LYS F 41 47.80 -1.88 -38.33
C LYS F 41 47.59 -1.25 -39.68
N PRO F 42 48.67 -0.99 -40.44
CA PRO F 42 48.55 -0.21 -41.67
C PRO F 42 47.81 -0.96 -42.75
N GLY F 43 46.76 -0.31 -43.27
CA GLY F 43 45.86 -0.94 -44.21
C GLY F 43 44.99 -2.01 -43.60
N GLN F 44 44.92 -2.08 -42.27
CA GLN F 44 44.18 -3.12 -41.61
C GLN F 44 43.25 -2.49 -40.58
N SER F 45 42.24 -3.25 -40.19
CA SER F 45 41.21 -2.73 -39.29
C SER F 45 41.77 -2.63 -37.87
N PRO F 46 41.28 -1.71 -37.05
CA PRO F 46 41.69 -1.67 -35.64
C PRO F 46 41.05 -2.80 -34.86
N LYS F 47 41.50 -2.97 -33.62
CA LYS F 47 40.95 -3.99 -32.75
C LYS F 47 40.83 -3.45 -31.34
N ALA F 48 39.69 -3.73 -30.70
CA ALA F 48 39.46 -3.27 -29.33
C ALA F 48 40.17 -4.18 -28.34
N LEU F 49 40.81 -3.57 -27.35
CA LEU F 49 41.64 -4.33 -26.42
C LEU F 49 41.10 -4.30 -25.00
N ILE F 50 40.94 -3.13 -24.41
CA ILE F 50 40.64 -3.03 -22.98
C ILE F 50 39.26 -2.45 -22.82
N TYR F 51 38.32 -3.29 -22.37
CA TYR F 51 36.93 -2.92 -22.41
C TYR F 51 36.51 -2.43 -21.04
N LEU F 52 35.70 -1.36 -21.04
CA LEU F 52 35.33 -0.57 -19.87
C LEU F 52 36.53 -0.15 -19.04
N ALA F 53 37.65 0.12 -19.71
CA ALA F 53 38.98 0.34 -19.13
C ALA F 53 39.43 -0.79 -18.21
N SER F 54 38.85 -1.98 -18.36
CA SER F 54 39.23 -3.12 -17.52
C SER F 54 39.35 -4.43 -18.27
N ASN F 55 38.58 -4.63 -19.33
CA ASN F 55 38.33 -5.99 -19.79
C ASN F 55 39.09 -6.28 -21.08
N ARG F 56 39.97 -7.27 -21.02
CA ARG F 56 40.61 -7.79 -22.21
C ARG F 56 39.59 -8.59 -22.99
N HIS F 57 39.46 -8.26 -24.28
CA HIS F 57 38.41 -8.88 -25.05
C HIS F 57 38.86 -10.28 -25.50
N THR F 58 37.93 -11.02 -26.10
CA THR F 58 38.16 -12.42 -26.40
C THR F 58 39.12 -12.58 -27.58
N GLY F 59 40.07 -13.50 -27.42
CA GLY F 59 41.07 -13.73 -28.45
C GLY F 59 42.24 -12.79 -28.39
N VAL F 60 42.53 -12.21 -27.24
CA VAL F 60 43.58 -11.22 -27.07
C VAL F 60 44.56 -11.77 -26.06
N PRO F 61 45.88 -11.73 -26.34
CA PRO F 61 46.85 -12.41 -25.47
C PRO F 61 47.01 -11.80 -24.10
N ASP F 62 47.44 -12.65 -23.16
CA ASP F 62 47.37 -12.37 -21.73
C ASP F 62 48.43 -11.40 -21.25
N ARG F 63 49.40 -11.04 -22.07
CA ARG F 63 50.45 -10.12 -21.66
C ARG F 63 50.03 -8.66 -21.78
N PHE F 64 48.74 -8.37 -21.84
CA PHE F 64 48.20 -7.06 -22.14
C PHE F 64 47.39 -6.59 -20.95
N THR F 65 47.86 -5.55 -20.27
CA THR F 65 47.27 -5.12 -19.00
C THR F 65 46.88 -3.65 -19.06
N GLY F 66 46.00 -3.25 -18.16
CA GLY F 66 45.56 -1.86 -18.06
C GLY F 66 44.89 -1.58 -16.73
N ARG F 67 45.03 -0.34 -16.27
CA ARG F 67 44.43 0.15 -15.03
C ARG F 67 44.00 1.60 -15.19
N GLY F 68 43.66 2.22 -14.07
CA GLY F 68 43.25 3.60 -14.00
C GLY F 68 41.78 3.74 -13.64
N SER F 69 41.45 4.82 -12.93
CA SER F 69 40.06 5.04 -12.53
C SER F 69 39.58 6.48 -12.69
N GLY F 70 40.50 7.44 -12.65
CA GLY F 70 40.11 8.84 -12.53
C GLY F 70 39.97 9.56 -13.86
N THR F 71 40.84 10.53 -14.11
CA THR F 71 40.99 11.13 -15.44
C THR F 71 42.21 10.60 -16.15
N ASP F 72 42.91 9.65 -15.54
CA ASP F 72 44.20 9.17 -16.02
C ASP F 72 44.19 7.65 -16.02
N PHE F 73 44.67 7.08 -17.12
CA PHE F 73 44.43 5.66 -17.34
C PHE F 73 45.67 5.04 -17.95
N THR F 74 46.17 4.00 -17.29
CA THR F 74 47.43 3.38 -17.65
C THR F 74 47.16 2.15 -18.50
N LEU F 75 47.86 2.09 -19.63
CA LEU F 75 47.84 0.92 -20.50
C LEU F 75 49.24 0.32 -20.50
N THR F 76 49.40 -0.79 -19.79
CA THR F 76 50.71 -1.38 -19.56
C THR F 76 50.85 -2.69 -20.32
N ILE F 77 51.76 -2.72 -21.28
CA ILE F 77 51.96 -3.88 -22.13
C ILE F 77 53.28 -4.51 -21.70
N SER F 78 53.32 -5.82 -21.65
CA SER F 78 54.46 -6.55 -21.10
C SER F 78 54.94 -7.62 -22.08
N GLU F 79 56.27 -7.80 -22.13
CA GLU F 79 56.96 -8.78 -22.98
C GLU F 79 56.60 -8.67 -24.45
N VAL F 80 57.02 -7.56 -25.06
CA VAL F 80 56.66 -7.27 -26.45
C VAL F 80 57.37 -8.24 -27.38
N GLN F 81 56.82 -8.37 -28.59
CA GLN F 81 57.46 -9.14 -29.65
C GLN F 81 57.47 -8.34 -30.95
N SER F 82 58.07 -8.94 -31.98
CA SER F 82 58.08 -8.33 -33.31
C SER F 82 56.71 -8.30 -33.95
N GLU F 83 55.84 -9.24 -33.57
CA GLU F 83 54.50 -9.34 -34.14
C GLU F 83 53.57 -8.26 -33.65
N ASP F 84 53.88 -7.61 -32.52
CA ASP F 84 52.96 -6.67 -31.91
C ASP F 84 53.25 -5.22 -32.29
N LEU F 85 54.15 -5.00 -33.25
CA LEU F 85 54.53 -3.65 -33.66
C LEU F 85 53.42 -3.02 -34.50
N ALA F 86 52.47 -2.42 -33.81
CA ALA F 86 51.32 -1.78 -34.45
C ALA F 86 51.24 -0.32 -34.02
N ASP F 87 50.21 0.36 -34.50
CA ASP F 87 49.85 1.67 -34.00
C ASP F 87 48.78 1.49 -32.94
N TYR F 88 48.80 2.37 -31.94
CA TYR F 88 47.98 2.21 -30.75
C TYR F 88 47.41 3.56 -30.35
N PHE F 89 46.18 3.57 -29.85
CA PHE F 89 45.45 4.80 -29.56
C PHE F 89 44.28 4.52 -28.62
N CYS F 90 43.69 5.60 -28.11
CA CYS F 90 42.54 5.52 -27.23
C CYS F 90 41.33 6.17 -27.87
N LEU F 91 40.21 6.13 -27.14
CA LEU F 91 38.97 6.74 -27.58
C LEU F 91 38.08 7.01 -26.38
N GLN F 92 37.56 8.24 -26.30
CA GLN F 92 36.56 8.58 -25.29
C GLN F 92 35.29 7.85 -25.64
N HIS F 93 34.65 7.24 -24.65
CA HIS F 93 33.62 6.26 -24.92
C HIS F 93 32.46 6.36 -23.95
N TRP F 94 32.34 7.49 -23.27
CA TRP F 94 31.39 7.60 -22.16
C TRP F 94 30.19 8.45 -22.55
N THR F 95 30.43 9.68 -22.99
CA THR F 95 29.36 10.55 -23.49
C THR F 95 29.76 11.10 -24.84
N VAL F 96 28.79 11.23 -25.72
CA VAL F 96 29.05 11.82 -27.04
C VAL F 96 29.34 13.31 -26.88
N PRO F 97 30.24 13.91 -27.67
CA PRO F 97 31.08 13.35 -28.74
C PRO F 97 32.24 12.49 -28.25
N TYR F 98 32.79 11.68 -29.14
CA TYR F 98 33.82 10.71 -28.80
C TYR F 98 35.17 11.18 -29.32
N THR F 99 36.11 11.41 -28.41
CA THR F 99 37.42 11.94 -28.75
C THR F 99 38.47 10.84 -28.66
N PHE F 100 39.47 10.91 -29.52
CA PHE F 100 40.53 9.93 -29.57
C PHE F 100 41.69 10.34 -28.68
N GLY F 101 42.57 9.38 -28.43
CA GLY F 101 43.89 9.70 -27.94
C GLY F 101 44.77 10.21 -29.06
N GLY F 102 46.00 10.58 -28.70
CA GLY F 102 46.89 11.12 -29.71
C GLY F 102 47.41 10.10 -30.70
N GLY F 103 47.31 8.81 -30.39
CA GLY F 103 47.83 7.78 -31.26
C GLY F 103 49.31 7.58 -31.05
N THR F 104 49.74 6.34 -30.87
CA THR F 104 51.14 6.09 -30.56
C THR F 104 51.63 4.87 -31.32
N LYS F 105 52.67 5.05 -32.13
CA LYS F 105 53.30 3.96 -32.85
C LYS F 105 54.43 3.40 -32.00
N LEU F 106 54.52 2.08 -31.91
CA LEU F 106 55.50 1.43 -31.05
C LEU F 106 56.69 0.95 -31.86
N GLU F 107 57.89 1.32 -31.40
CA GLU F 107 59.16 1.03 -32.03
C GLU F 107 60.18 0.69 -30.95
N ILE F 108 61.32 0.16 -31.39
CA ILE F 108 62.42 -0.16 -30.49
C ILE F 108 63.71 0.38 -31.06
N LYS F 109 64.71 0.51 -30.19
CA LYS F 109 66.12 0.75 -30.51
C LYS F 109 66.36 2.01 -31.32
N ARG F 110 65.52 3.02 -31.12
CA ARG F 110 65.63 4.24 -31.90
C ARG F 110 65.05 5.42 -31.13
N GLN G 1 32.99 -8.13 14.26
CA GLN G 1 34.20 -8.78 13.77
C GLN G 1 34.17 -10.27 14.05
N ASN G 2 33.29 -10.66 14.97
CA ASN G 2 33.17 -12.03 15.42
C ASN G 2 32.48 -12.95 14.41
N ILE G 3 31.82 -12.40 13.39
CA ILE G 3 31.31 -13.21 12.30
C ILE G 3 32.42 -13.35 11.26
N THR G 4 32.60 -14.57 10.77
CA THR G 4 33.69 -14.91 9.86
C THR G 4 33.17 -15.97 8.89
N GLU G 5 34.09 -16.67 8.25
CA GLU G 5 33.75 -17.76 7.36
C GLU G 5 34.94 -18.70 7.22
N GLU G 6 34.75 -19.72 6.38
CA GLU G 6 35.82 -20.66 6.07
C GLU G 6 35.53 -21.28 4.71
N PHE G 7 36.28 -22.32 4.38
CA PHE G 7 36.23 -22.94 3.07
C PHE G 7 36.57 -24.41 3.21
N TYR G 8 36.10 -25.23 2.27
CA TYR G 8 36.38 -26.66 2.25
C TYR G 8 36.79 -27.07 0.85
N GLN G 9 38.10 -27.21 0.63
CA GLN G 9 38.60 -27.71 -0.64
C GLN G 9 38.25 -29.18 -0.84
N SER G 10 37.97 -29.89 0.25
CA SER G 10 37.58 -31.29 0.18
C SER G 10 36.30 -31.51 -0.60
N THR G 11 35.36 -30.56 -0.52
CA THR G 11 34.09 -30.69 -1.24
C THR G 11 33.75 -29.48 -2.11
N CYS G 12 34.61 -28.46 -2.17
CA CYS G 12 34.35 -27.18 -2.84
C CYS G 12 33.03 -26.57 -2.36
N SER G 13 32.95 -26.35 -1.05
CA SER G 13 31.81 -25.78 -0.37
C SER G 13 32.27 -24.59 0.46
N ALA G 14 31.38 -24.08 1.30
CA ALA G 14 31.74 -22.99 2.21
C ALA G 14 30.83 -23.01 3.42
N VAL G 15 31.25 -22.30 4.47
CA VAL G 15 30.48 -22.11 5.69
C VAL G 15 30.72 -20.67 6.14
N SER G 16 29.65 -19.91 6.30
CA SER G 16 29.73 -18.54 6.79
C SER G 16 29.09 -18.51 8.17
N LYS G 17 29.87 -18.84 9.19
CA LYS G 17 29.33 -18.99 10.53
C LYS G 17 29.81 -17.86 11.43
N GLY G 18 29.13 -17.72 12.57
CA GLY G 18 29.34 -16.61 13.47
C GLY G 18 28.01 -16.09 13.96
N TYR G 19 26.93 -16.76 13.55
CA TYR G 19 25.57 -16.34 13.82
C TYR G 19 25.04 -17.01 15.07
N LEU G 20 23.75 -16.75 15.34
CA LEU G 20 23.01 -17.17 16.52
C LEU G 20 21.56 -16.77 16.29
N SER G 21 20.62 -17.63 16.70
CA SER G 21 19.32 -17.57 16.04
C SER G 21 18.18 -17.73 17.03
N ALA G 22 16.95 -17.60 16.50
CA ALA G 22 15.72 -17.91 17.23
C ALA G 22 14.70 -18.35 16.17
N LEU G 23 13.72 -19.17 16.59
CA LEU G 23 12.80 -19.82 15.66
C LEU G 23 11.37 -19.71 16.19
N ARG G 24 10.42 -19.50 15.30
CA ARG G 24 9.05 -19.27 15.73
C ARG G 24 8.34 -20.57 16.08
N THR G 25 7.78 -20.63 17.30
CA THR G 25 7.04 -21.83 17.67
C THR G 25 5.62 -21.58 18.21
N GLY G 26 5.08 -20.38 18.08
CA GLY G 26 3.75 -20.15 18.59
C GLY G 26 3.19 -18.82 18.14
N TRP G 27 2.12 -18.40 18.81
CA TRP G 27 1.44 -17.15 18.50
C TRP G 27 0.92 -16.48 19.75
N TYR G 28 0.89 -15.15 19.71
CA TYR G 28 0.28 -14.34 20.75
C TYR G 28 -0.68 -13.34 20.12
N THR G 29 -1.94 -13.45 20.48
CA THR G 29 -3.00 -12.67 19.85
C THR G 29 -3.57 -11.69 20.84
N SER G 30 -4.30 -10.69 20.33
CA SER G 30 -4.96 -9.71 21.17
C SER G 30 -6.05 -9.00 20.37
N VAL G 31 -6.73 -8.06 21.04
CA VAL G 31 -7.88 -7.34 20.52
C VAL G 31 -7.67 -5.84 20.74
N ILE G 32 -7.90 -5.05 19.68
CA ILE G 32 -7.82 -3.60 19.76
C ILE G 32 -9.19 -3.02 19.44
N THR G 33 -9.64 -2.05 20.24
CA THR G 33 -11.01 -1.54 20.16
C THR G 33 -11.04 -0.01 20.05
N ILE G 34 -10.36 0.56 19.05
CA ILE G 34 -10.40 2.01 18.83
C ILE G 34 -11.79 2.47 18.43
N GLU G 35 -12.23 3.61 18.97
CA GLU G 35 -13.46 4.28 18.59
C GLU G 35 -13.13 5.57 17.84
N LEU G 36 -14.16 6.36 17.53
CA LEU G 36 -13.99 7.61 16.80
C LEU G 36 -14.75 8.74 17.47
N SER G 37 -14.49 9.95 17.01
CA SER G 37 -15.28 11.13 17.32
C SER G 37 -15.97 11.64 16.07
N ASN G 38 -17.01 12.46 16.28
CA ASN G 38 -17.76 13.02 15.16
C ASN G 38 -18.30 14.38 15.54
N ILE G 39 -19.32 14.81 14.81
CA ILE G 39 -19.92 16.12 14.97
C ILE G 39 -21.43 15.98 14.96
N LYS G 40 -22.09 17.10 15.15
CA LYS G 40 -23.54 17.25 15.00
C LYS G 40 -23.84 17.92 13.67
N GLU G 41 -25.12 18.06 13.37
CA GLU G 41 -25.53 18.73 12.14
C GLU G 41 -26.07 20.11 12.47
N ASN G 42 -25.43 21.13 11.92
CA ASN G 42 -25.75 22.51 12.23
C ASN G 42 -27.06 22.88 11.57
N LYS G 43 -27.88 23.66 12.26
CA LYS G 43 -29.13 24.13 11.70
C LYS G 43 -29.06 25.62 11.43
N CYS G 44 -28.55 26.00 10.27
CA CYS G 44 -28.51 27.39 9.84
C CYS G 44 -28.38 27.44 8.34
N ASN G 45 -28.78 28.57 7.76
CA ASN G 45 -28.79 28.74 6.31
C ASN G 45 -27.48 29.38 5.90
N GLY G 46 -26.76 28.72 5.00
CA GLY G 46 -25.48 29.21 4.53
C GLY G 46 -25.59 30.02 3.25
N THR G 47 -24.45 30.17 2.59
CA THR G 47 -24.41 30.93 1.34
C THR G 47 -25.04 30.14 0.19
N ASP G 48 -24.47 28.99 -0.14
CA ASP G 48 -24.98 28.16 -1.23
C ASP G 48 -25.86 27.04 -0.69
N ALA G 49 -26.93 26.74 -1.41
CA ALA G 49 -27.82 25.63 -1.11
C ALA G 49 -27.41 24.36 -1.83
N LYS G 50 -26.13 24.23 -2.16
CA LYS G 50 -25.59 23.05 -2.81
C LYS G 50 -24.47 22.40 -2.02
N VAL G 51 -23.61 23.17 -1.39
CA VAL G 51 -22.41 22.66 -0.73
C VAL G 51 -22.80 21.96 0.56
N LYS G 52 -22.59 20.64 0.60
CA LYS G 52 -23.04 19.75 1.67
C LYS G 52 -21.86 18.99 2.26
N LEU G 53 -20.84 19.75 2.67
CA LEU G 53 -19.65 19.19 3.32
C LEU G 53 -19.99 18.47 4.62
N ILE G 54 -21.07 18.89 5.28
CA ILE G 54 -21.50 18.21 6.49
C ILE G 54 -22.06 16.83 6.17
N LYS G 55 -22.58 16.65 4.96
CA LYS G 55 -23.27 15.42 4.64
C LYS G 55 -22.50 14.61 3.61
N GLN G 56 -22.20 15.21 2.46
CA GLN G 56 -21.62 14.48 1.34
C GLN G 56 -20.20 14.04 1.57
N GLU G 57 -19.55 14.54 2.63
CA GLU G 57 -18.28 14.00 3.07
C GLU G 57 -18.46 12.99 4.20
N LEU G 58 -19.43 13.20 5.08
CA LEU G 58 -19.57 12.33 6.23
C LEU G 58 -20.12 10.97 5.83
N ASP G 59 -21.04 10.92 4.87
CA ASP G 59 -21.58 9.65 4.41
C ASP G 59 -20.56 8.86 3.62
N LYS G 60 -19.56 9.55 3.08
CA LYS G 60 -18.48 8.90 2.35
C LYS G 60 -17.68 7.99 3.27
N TYR G 61 -17.59 8.34 4.54
CA TYR G 61 -17.12 7.37 5.52
C TYR G 61 -18.10 6.20 5.64
N LYS G 62 -19.40 6.50 5.74
CA LYS G 62 -20.41 5.45 5.82
C LYS G 62 -20.54 4.67 4.52
N ASN G 63 -20.14 5.26 3.39
CA ASN G 63 -20.02 4.48 2.17
C ASN G 63 -18.89 3.46 2.28
N ALA G 64 -17.86 3.77 3.06
CA ALA G 64 -16.80 2.79 3.23
C ALA G 64 -17.20 1.70 4.22
N VAL G 65 -18.05 2.03 5.19
CA VAL G 65 -18.40 1.09 6.24
C VAL G 65 -19.24 -0.05 5.68
N THR G 66 -20.15 0.27 4.77
CA THR G 66 -20.99 -0.74 4.15
C THR G 66 -20.19 -1.62 3.21
N GLU G 67 -19.09 -1.09 2.68
CA GLU G 67 -18.21 -1.89 1.84
C GLU G 67 -17.49 -2.97 2.63
N LEU G 68 -16.82 -2.58 3.72
CA LEU G 68 -15.90 -3.49 4.39
C LEU G 68 -16.63 -4.57 5.16
N GLN G 69 -17.81 -4.26 5.68
CA GLN G 69 -18.57 -5.26 6.41
C GLN G 69 -19.17 -6.31 5.49
N LEU G 70 -19.19 -6.06 4.19
CA LEU G 70 -19.55 -7.08 3.22
C LEU G 70 -18.33 -7.85 2.72
N LEU G 71 -17.24 -7.85 3.49
CA LEU G 71 -16.11 -8.73 3.23
C LEU G 71 -15.93 -9.74 4.35
N MET G 72 -17.02 -10.07 5.04
CA MET G 72 -17.01 -11.01 6.14
C MET G 72 -18.19 -11.95 5.99
N GLN G 73 -17.94 -13.24 6.12
CA GLN G 73 -19.01 -14.22 6.12
C GLN G 73 -18.83 -15.18 7.29
N ALA H 122 -42.85 108.90 3.29
CA ALA H 122 -44.16 109.52 3.44
C ALA H 122 -44.11 110.65 4.45
N ILE H 123 -45.30 111.16 4.81
CA ILE H 123 -45.46 112.16 5.86
C ILE H 123 -46.68 111.76 6.67
N ALA H 124 -46.49 111.49 7.96
CA ALA H 124 -47.55 111.04 8.87
C ALA H 124 -47.54 111.95 10.09
N SER H 125 -48.56 112.80 10.20
CA SER H 125 -48.59 113.81 11.26
C SER H 125 -48.86 113.18 12.61
N GLY H 126 -48.00 113.51 13.59
CA GLY H 126 -48.10 112.99 14.94
C GLY H 126 -47.48 111.63 15.15
N VAL H 127 -47.07 110.97 14.06
CA VAL H 127 -46.57 109.60 14.09
C VAL H 127 -45.13 109.66 13.59
N ALA H 128 -44.37 110.63 14.11
CA ALA H 128 -42.98 110.92 13.74
C ALA H 128 -42.87 111.34 12.27
N VAL H 129 -43.34 112.56 12.00
CA VAL H 129 -43.62 113.18 10.71
C VAL H 129 -42.48 113.03 9.70
N SER H 130 -41.30 113.53 10.03
CA SER H 130 -40.16 113.43 9.15
C SER H 130 -39.33 112.19 9.43
N LYS H 131 -39.87 111.23 10.18
CA LYS H 131 -39.10 110.07 10.61
C LYS H 131 -39.75 108.77 10.19
N VAL H 132 -40.74 108.80 9.30
CA VAL H 132 -41.40 107.55 8.92
C VAL H 132 -40.52 106.73 7.98
N LEU H 133 -39.71 107.39 7.15
CA LEU H 133 -38.65 106.67 6.44
C LEU H 133 -37.58 106.21 7.42
N HIS H 134 -37.39 106.95 8.52
CA HIS H 134 -36.46 106.52 9.55
C HIS H 134 -37.05 105.37 10.36
N LEU H 135 -38.33 105.46 10.75
CA LEU H 135 -38.93 104.41 11.57
C LEU H 135 -39.41 103.22 10.75
N GLU H 136 -40.44 103.42 9.91
CA GLU H 136 -41.11 102.25 9.35
C GLU H 136 -40.55 101.83 8.00
N GLY H 137 -39.63 102.60 7.40
CA GLY H 137 -39.00 102.17 6.18
C GLY H 137 -38.12 100.94 6.40
N GLU H 138 -37.35 100.96 7.49
CA GLU H 138 -36.56 99.79 7.85
C GLU H 138 -37.45 98.65 8.34
N VAL H 139 -38.61 98.99 8.90
CA VAL H 139 -39.59 97.97 9.28
C VAL H 139 -40.08 97.22 8.04
N ASN H 140 -40.27 97.95 6.93
CA ASN H 140 -40.50 97.29 5.66
C ASN H 140 -39.28 96.49 5.22
N LYS H 141 -38.08 96.97 5.52
CA LYS H 141 -36.88 96.28 5.10
C LYS H 141 -36.66 94.99 5.89
N ILE H 142 -36.98 95.01 7.19
CA ILE H 142 -36.84 93.80 7.97
C ILE H 142 -38.03 92.87 7.74
N LYS H 143 -39.11 93.37 7.15
CA LYS H 143 -40.28 92.54 6.87
C LYS H 143 -39.95 91.44 5.88
N SER H 144 -39.34 91.82 4.75
CA SER H 144 -38.90 90.80 3.81
C SER H 144 -37.68 90.05 4.33
N ALA H 145 -36.89 90.69 5.20
CA ALA H 145 -35.75 90.02 5.80
C ALA H 145 -36.20 88.90 6.72
N LEU H 146 -37.28 89.14 7.47
CA LEU H 146 -37.88 88.06 8.24
C LEU H 146 -38.63 87.09 7.32
N LEU H 147 -39.14 87.59 6.20
CA LEU H 147 -39.76 86.71 5.22
C LEU H 147 -38.73 85.83 4.54
N SER H 148 -37.57 86.41 4.19
CA SER H 148 -36.48 85.63 3.63
C SER H 148 -35.84 84.72 4.66
N THR H 149 -35.93 85.11 5.94
CA THR H 149 -35.50 84.24 7.02
C THR H 149 -36.29 82.94 7.00
N ASN H 150 -37.60 83.02 6.83
CA ASN H 150 -38.39 81.81 6.68
C ASN H 150 -38.20 81.21 5.30
N LYS H 151 -37.89 82.03 4.31
CA LYS H 151 -37.52 81.46 3.01
C LYS H 151 -36.12 80.88 3.03
N ALA H 152 -35.33 81.18 4.06
CA ALA H 152 -34.08 80.47 4.25
C ALA H 152 -34.32 79.09 4.85
N VAL H 153 -35.37 78.95 5.65
CA VAL H 153 -35.73 77.66 6.26
C VAL H 153 -36.09 76.65 5.19
N VAL H 154 -36.68 77.14 4.08
CA VAL H 154 -36.87 76.34 2.88
C VAL H 154 -35.55 75.75 2.41
N SER H 155 -34.52 76.58 2.35
CA SER H 155 -33.19 76.06 2.03
C SER H 155 -32.63 75.21 3.16
N LEU H 156 -32.90 75.60 4.41
CA LEU H 156 -32.39 74.88 5.57
C LEU H 156 -33.04 73.52 5.72
N SER H 157 -34.36 73.53 5.96
CA SER H 157 -35.02 72.34 6.47
C SER H 157 -35.18 71.25 5.43
N ASN H 158 -35.16 71.60 4.15
CA ASN H 158 -35.48 70.60 3.15
C ASN H 158 -34.30 69.68 2.87
N GLY H 159 -33.10 70.25 2.81
CA GLY H 159 -31.93 69.46 2.49
C GLY H 159 -31.54 68.51 3.61
N VAL H 160 -31.90 68.85 4.84
CA VAL H 160 -31.61 67.93 5.93
C VAL H 160 -32.71 66.90 6.07
N SER H 161 -33.94 67.24 5.67
CA SER H 161 -35.03 66.28 5.71
C SER H 161 -34.83 65.20 4.66
N VAL H 162 -34.18 65.53 3.56
CA VAL H 162 -33.82 64.51 2.59
C VAL H 162 -32.47 63.88 2.91
N LEU H 163 -31.65 64.54 3.73
CA LEU H 163 -30.47 63.87 4.26
C LEU H 163 -30.88 62.76 5.22
N THR H 164 -32.02 62.92 5.88
CA THR H 164 -32.62 61.84 6.65
C THR H 164 -32.95 60.65 5.75
N SER H 165 -33.42 60.93 4.53
CA SER H 165 -33.62 59.86 3.58
C SER H 165 -32.30 59.26 3.12
N LYS H 166 -31.23 60.07 3.13
CA LYS H 166 -29.94 59.59 2.66
C LYS H 166 -29.33 58.56 3.60
N VAL H 167 -29.43 58.79 4.90
CA VAL H 167 -28.86 57.83 5.84
C VAL H 167 -29.73 56.58 5.90
N LEU H 168 -31.02 56.71 5.59
CA LEU H 168 -31.88 55.55 5.51
C LEU H 168 -31.56 54.71 4.30
N ASP H 169 -31.07 55.35 3.24
CA ASP H 169 -30.53 54.59 2.12
C ASP H 169 -29.32 53.79 2.57
N LEU H 170 -28.49 54.39 3.41
CA LEU H 170 -27.36 53.67 3.96
C LEU H 170 -27.80 52.69 5.03
N LYS H 171 -28.87 53.03 5.76
CA LYS H 171 -29.50 52.05 6.63
C LYS H 171 -30.10 50.90 5.83
N ASN H 172 -30.63 51.20 4.64
CA ASN H 172 -31.13 50.13 3.79
C ASN H 172 -30.02 49.35 3.10
N TYR H 173 -28.81 49.90 3.03
CA TYR H 173 -27.76 49.13 2.37
C TYR H 173 -27.11 48.16 3.33
N ILE H 174 -27.04 48.51 4.62
CA ILE H 174 -26.59 47.55 5.61
C ILE H 174 -27.73 46.60 5.98
N ASP H 175 -28.94 46.91 5.53
CA ASP H 175 -30.10 46.09 5.88
C ASP H 175 -30.03 44.73 5.20
N LYS H 176 -29.72 44.71 3.91
CA LYS H 176 -29.76 43.49 3.13
C LYS H 176 -28.44 43.11 2.48
N GLN H 177 -27.56 44.07 2.22
CA GLN H 177 -26.38 43.79 1.40
C GLN H 177 -25.13 43.54 2.21
N LEU H 178 -25.13 43.81 3.50
CA LEU H 178 -23.95 43.52 4.32
C LEU H 178 -24.26 42.56 5.45
N LEU H 179 -25.24 42.90 6.29
CA LEU H 179 -25.56 42.16 7.50
C LEU H 179 -26.12 40.75 7.24
N PRO H 180 -26.99 40.50 6.25
CA PRO H 180 -27.32 39.10 5.98
C PRO H 180 -26.24 38.36 5.22
N ILE H 181 -25.18 39.03 4.77
CA ILE H 181 -24.20 38.37 3.94
C ILE H 181 -23.21 37.58 4.77
N VAL H 182 -22.69 38.22 5.82
CA VAL H 182 -21.49 37.75 6.49
C VAL H 182 -21.78 36.48 7.28
N ASN H 183 -22.95 36.43 7.92
CA ASN H 183 -23.30 35.26 8.71
C ASN H 183 -23.62 34.03 7.87
N LYS H 184 -23.93 34.21 6.59
CA LYS H 184 -24.09 33.04 5.73
C LYS H 184 -22.77 32.31 5.55
N GLN H 185 -21.66 33.06 5.41
CA GLN H 185 -20.38 32.38 5.36
C GLN H 185 -19.97 31.88 6.72
N SER H 186 -20.44 32.52 7.79
CA SER H 186 -20.11 32.10 9.15
C SER H 186 -20.68 30.73 9.48
N CYS H 187 -21.68 30.27 8.74
CA CYS H 187 -22.00 28.86 8.74
C CYS H 187 -21.22 28.13 7.64
N SER H 188 -21.02 28.81 6.51
CA SER H 188 -20.48 28.14 5.34
C SER H 188 -18.98 27.91 5.46
N ILE H 189 -18.23 28.90 5.95
CA ILE H 189 -16.81 28.63 6.14
C ILE H 189 -16.62 27.72 7.34
N SER H 190 -17.54 27.73 8.29
CA SER H 190 -17.38 26.93 9.49
C SER H 190 -17.56 25.44 9.24
N ASN H 191 -17.93 25.05 8.02
CA ASN H 191 -17.99 23.64 7.67
C ASN H 191 -16.62 23.05 7.47
N ILE H 192 -15.67 23.80 6.89
CA ILE H 192 -14.35 23.23 6.66
C ILE H 192 -13.53 23.19 7.94
N GLU H 193 -13.92 23.93 8.96
CA GLU H 193 -13.38 23.63 10.28
C GLU H 193 -14.14 22.52 10.97
N THR H 194 -14.92 21.76 10.23
CA THR H 194 -15.15 20.38 10.60
C THR H 194 -14.39 19.44 9.68
N VAL H 195 -14.44 19.70 8.37
CA VAL H 195 -14.03 18.73 7.36
C VAL H 195 -12.52 18.54 7.37
N ILE H 196 -11.77 19.66 7.40
CA ILE H 196 -10.33 19.57 7.56
C ILE H 196 -10.01 18.99 8.94
N GLU H 197 -10.82 19.34 9.94
CA GLU H 197 -10.55 18.84 11.28
C GLU H 197 -10.94 17.39 11.41
N PHE H 198 -11.99 16.94 10.71
CA PHE H 198 -12.38 15.54 10.74
C PHE H 198 -11.29 14.64 10.19
N GLN H 199 -10.50 15.15 9.25
CA GLN H 199 -9.35 14.42 8.74
C GLN H 199 -8.06 14.81 9.44
N GLN H 200 -8.16 15.43 10.62
CA GLN H 200 -6.97 15.92 11.31
C GLN H 200 -6.73 15.16 12.62
N LYS H 201 -7.65 15.22 13.56
CA LYS H 201 -7.45 14.55 14.84
C LYS H 201 -8.00 13.15 14.85
N ASN H 202 -8.75 12.77 13.83
CA ASN H 202 -9.25 11.41 13.67
C ASN H 202 -8.36 10.60 12.74
N ASN H 203 -7.08 10.99 12.63
CA ASN H 203 -6.25 10.54 11.53
C ASN H 203 -5.87 9.07 11.66
N ARG H 204 -5.75 8.59 12.90
CA ARG H 204 -5.29 7.22 13.09
C ARG H 204 -6.31 6.21 12.58
N LEU H 205 -7.59 6.54 12.68
CA LEU H 205 -8.60 5.69 12.07
C LEU H 205 -8.61 5.82 10.56
N LEU H 206 -8.10 6.94 10.04
CA LEU H 206 -8.26 7.20 8.62
C LEU H 206 -7.33 6.37 7.77
N GLU H 207 -6.13 6.05 8.29
CA GLU H 207 -5.26 5.18 7.52
C GLU H 207 -5.76 3.74 7.57
N ILE H 208 -6.22 3.29 8.74
CA ILE H 208 -6.58 1.89 8.90
C ILE H 208 -7.86 1.52 8.17
N THR H 209 -8.67 2.51 7.80
CA THR H 209 -9.69 2.27 6.79
C THR H 209 -9.07 1.84 5.47
N ARG H 210 -7.93 2.42 5.12
CA ARG H 210 -7.45 2.31 3.75
C ARG H 210 -6.83 0.96 3.44
N GLU H 211 -6.13 0.33 4.40
CA GLU H 211 -5.49 -0.95 4.07
C GLU H 211 -6.49 -2.07 3.92
N PHE H 212 -7.50 -2.12 4.78
CA PHE H 212 -8.49 -3.17 4.63
C PHE H 212 -9.42 -2.91 3.47
N SER H 213 -9.38 -1.71 2.87
CA SER H 213 -9.95 -1.51 1.56
C SER H 213 -9.14 -2.19 0.46
N VAL H 214 -7.84 -2.42 0.67
CA VAL H 214 -6.97 -2.95 -0.36
C VAL H 214 -6.35 -4.29 0.05
N ASN H 215 -5.87 -4.40 1.28
CA ASN H 215 -5.21 -5.64 1.67
C ASN H 215 -6.18 -6.75 2.01
N ALA H 216 -7.48 -6.43 2.09
CA ALA H 216 -8.58 -7.39 2.14
C ALA H 216 -8.49 -8.33 3.34
N GLY H 217 -8.61 -7.76 4.52
CA GLY H 217 -8.71 -8.58 5.73
C GLY H 217 -7.42 -9.02 6.34
N VAL H 218 -6.47 -9.47 5.53
CA VAL H 218 -5.17 -9.91 6.00
C VAL H 218 -4.15 -8.85 5.62
N THR H 219 -3.54 -8.24 6.63
CA THR H 219 -2.61 -7.15 6.43
C THR H 219 -1.23 -7.59 6.91
N THR H 220 -0.22 -7.37 6.06
CA THR H 220 1.13 -7.66 6.42
C THR H 220 2.07 -6.71 5.70
N PRO H 221 3.13 -6.22 6.38
CA PRO H 221 3.34 -6.30 7.81
C PRO H 221 2.49 -5.28 8.55
N VAL H 222 2.48 -5.33 9.88
CA VAL H 222 1.67 -4.42 10.68
C VAL H 222 2.24 -3.00 10.59
N SER H 223 1.38 -2.02 10.32
CA SER H 223 1.86 -0.66 10.11
C SER H 223 2.14 0.01 11.44
N THR H 224 2.32 1.32 11.39
CA THR H 224 2.55 2.10 12.59
C THR H 224 1.44 3.09 12.89
N TYR H 225 0.32 3.07 12.16
CA TYR H 225 -0.85 3.69 12.76
C TYR H 225 -1.79 2.66 13.31
N MET H 226 -1.83 1.46 12.73
CA MET H 226 -2.63 0.42 13.35
C MET H 226 -1.98 -0.14 14.60
N LEU H 227 -0.71 0.16 14.83
CA LEU H 227 -0.06 -0.18 16.08
C LEU H 227 1.05 0.84 16.28
N THR H 228 0.75 1.85 17.08
CA THR H 228 1.60 3.02 17.26
C THR H 228 2.64 2.76 18.35
N ASN H 229 3.57 1.84 18.07
CA ASN H 229 4.83 1.66 18.78
C ASN H 229 4.68 1.30 20.26
N SER H 230 4.13 2.21 21.07
CA SER H 230 4.06 2.00 22.50
C SER H 230 3.15 0.85 22.90
N GLU H 231 2.12 0.56 22.12
CA GLU H 231 1.28 -0.59 22.44
C GLU H 231 1.88 -1.87 21.89
N LEU H 232 3.02 -1.79 21.22
CA LEU H 232 3.83 -3.00 21.10
C LEU H 232 4.61 -3.21 22.38
N LEU H 233 5.12 -2.11 22.96
CA LEU H 233 5.97 -2.20 24.14
C LEU H 233 5.18 -2.70 25.34
N SER H 234 3.90 -2.36 25.41
CA SER H 234 3.05 -2.91 26.44
C SER H 234 2.69 -4.36 26.17
N LEU H 235 2.28 -4.69 24.95
CA LEU H 235 1.93 -6.06 24.61
C LEU H 235 3.11 -6.99 24.52
N ILE H 236 4.34 -6.48 24.40
CA ILE H 236 5.49 -7.32 24.64
C ILE H 236 5.51 -7.66 26.12
N ASN H 237 5.40 -6.65 26.96
CA ASN H 237 5.47 -6.86 28.40
C ASN H 237 4.22 -7.51 28.96
N ASP H 238 3.16 -7.63 28.18
CA ASP H 238 1.97 -8.33 28.62
C ASP H 238 2.15 -9.83 28.66
N MET H 239 2.81 -10.40 27.66
CA MET H 239 2.74 -11.84 27.44
C MET H 239 3.57 -12.60 28.48
N PRO H 240 3.13 -13.85 28.84
CA PRO H 240 3.85 -14.68 29.82
C PRO H 240 5.09 -15.36 29.25
N ILE H 241 5.99 -14.57 28.67
CA ILE H 241 7.23 -15.06 28.09
C ILE H 241 8.36 -14.35 28.82
N THR H 242 9.53 -15.00 28.89
CA THR H 242 10.67 -14.52 29.66
C THR H 242 11.22 -13.16 29.27
N ASN H 243 11.86 -12.51 30.24
CA ASN H 243 12.62 -11.29 30.02
C ASN H 243 13.78 -11.51 29.07
N ASP H 244 14.33 -12.72 29.05
CA ASP H 244 15.40 -13.10 28.15
C ASP H 244 15.02 -12.96 26.69
N GLN H 245 13.75 -13.22 26.35
CA GLN H 245 13.28 -12.95 25.00
C GLN H 245 12.70 -11.55 24.87
N LYS H 246 12.04 -11.04 25.91
CA LYS H 246 11.42 -9.72 25.88
C LYS H 246 12.41 -8.60 25.61
N LYS H 247 13.63 -8.71 26.15
CA LYS H 247 14.62 -7.70 25.85
C LYS H 247 15.11 -7.83 24.42
N LEU H 248 15.19 -9.07 23.93
CA LEU H 248 15.57 -9.30 22.54
C LEU H 248 14.51 -8.78 21.58
N MET H 249 13.22 -8.93 21.94
CA MET H 249 12.17 -8.40 21.09
C MET H 249 12.13 -6.88 21.11
N SER H 250 12.51 -6.28 22.24
CA SER H 250 12.66 -4.83 22.28
C SER H 250 13.85 -4.37 21.44
N ASN H 251 14.82 -5.25 21.22
CA ASN H 251 15.95 -4.85 20.41
C ASN H 251 15.58 -4.82 18.93
N ASN H 252 15.18 -5.96 18.37
CA ASN H 252 14.78 -6.03 16.97
C ASN H 252 13.31 -5.69 16.82
N VAL H 253 12.95 -4.42 16.96
CA VAL H 253 11.55 -4.03 16.92
C VAL H 253 11.05 -4.00 15.49
N GLN H 254 11.96 -3.96 14.53
CA GLN H 254 11.55 -3.81 13.14
C GLN H 254 11.31 -5.16 12.49
N ILE H 255 12.04 -6.19 12.91
CA ILE H 255 11.94 -7.48 12.24
C ILE H 255 10.68 -8.19 12.69
N VAL H 256 10.38 -8.14 13.99
CA VAL H 256 9.19 -8.76 14.55
C VAL H 256 7.92 -8.11 13.99
N ARG H 257 8.01 -6.83 13.65
CA ARG H 257 6.92 -6.17 12.94
C ARG H 257 6.72 -6.76 11.56
N GLN H 258 7.79 -7.25 10.92
CA GLN H 258 7.61 -7.90 9.64
C GLN H 258 7.06 -9.31 9.76
N GLN H 259 6.95 -9.84 10.97
CA GLN H 259 6.37 -11.15 11.17
C GLN H 259 5.03 -11.11 11.88
N SER H 260 4.52 -9.92 12.18
CA SER H 260 3.25 -9.77 12.85
C SER H 260 2.16 -9.59 11.81
N TYR H 261 0.91 -9.82 12.21
CA TYR H 261 -0.23 -9.79 11.33
C TYR H 261 -1.42 -9.13 12.01
N SER H 262 -2.25 -8.47 11.21
CA SER H 262 -3.48 -7.90 11.73
C SER H 262 -4.63 -8.38 10.87
N ILE H 263 -5.71 -8.81 11.51
CA ILE H 263 -6.89 -9.32 10.82
C ILE H 263 -8.10 -8.57 11.35
N MET H 264 -8.89 -8.01 10.44
CA MET H 264 -10.14 -7.35 10.78
C MET H 264 -11.16 -8.34 11.30
N SER H 265 -11.75 -8.04 12.46
CA SER H 265 -12.75 -8.90 13.06
C SER H 265 -14.16 -8.32 13.03
N ILE H 266 -14.37 -7.13 13.61
CA ILE H 266 -15.67 -6.46 13.59
C ILE H 266 -15.44 -5.00 13.24
N ILE H 267 -16.15 -4.51 12.23
CA ILE H 267 -16.01 -3.15 11.77
C ILE H 267 -17.39 -2.54 11.53
N LYS H 268 -17.73 -1.53 12.33
CA LYS H 268 -19.01 -0.85 12.21
C LYS H 268 -18.79 0.66 12.28
N GLU H 269 -19.89 1.40 12.42
CA GLU H 269 -19.87 2.86 12.35
C GLU H 269 -19.27 3.47 13.60
N GLU H 270 -19.49 2.84 14.73
CA GLU H 270 -18.88 3.25 15.98
C GLU H 270 -18.00 2.16 16.57
N VAL H 271 -17.81 1.06 15.84
CA VAL H 271 -17.09 -0.10 16.31
C VAL H 271 -15.96 -0.39 15.33
N LEU H 272 -14.75 -0.54 15.84
CA LEU H 272 -13.63 -0.93 15.00
C LEU H 272 -12.72 -1.90 15.74
N ALA H 273 -12.88 -3.19 15.46
CA ALA H 273 -12.27 -4.24 16.26
C ALA H 273 -11.54 -5.23 15.35
N TYR H 274 -10.27 -5.49 15.66
CA TYR H 274 -9.44 -6.32 14.80
C TYR H 274 -8.45 -7.09 15.64
N VAL H 275 -7.97 -8.19 15.10
CA VAL H 275 -7.06 -9.08 15.79
C VAL H 275 -5.63 -8.74 15.43
N VAL H 276 -4.84 -8.47 16.46
CA VAL H 276 -3.40 -8.28 16.32
C VAL H 276 -2.75 -9.60 16.66
N GLN H 277 -1.82 -10.04 15.84
CA GLN H 277 -1.22 -11.36 15.97
C GLN H 277 0.30 -11.23 16.02
N LEU H 278 0.93 -11.92 16.97
CA LEU H 278 2.37 -11.83 17.14
C LEU H 278 2.99 -13.21 17.25
N PRO H 279 4.21 -13.43 16.76
CA PRO H 279 4.83 -14.74 16.86
C PRO H 279 5.38 -15.02 18.25
N LEU H 280 5.48 -16.30 18.59
CA LEU H 280 6.18 -16.77 19.78
C LEU H 280 7.30 -17.71 19.39
N TYR H 281 8.35 -17.76 20.22
CA TYR H 281 9.63 -18.35 19.87
C TYR H 281 10.00 -19.50 20.80
N GLY H 282 10.60 -20.55 20.24
CA GLY H 282 11.04 -21.68 21.03
C GLY H 282 12.48 -21.64 21.48
N VAL H 283 13.42 -21.48 20.54
CA VAL H 283 14.83 -21.52 20.87
C VAL H 283 15.41 -20.13 20.73
N ILE H 284 16.55 -19.91 21.38
CA ILE H 284 17.28 -18.65 21.38
C ILE H 284 18.77 -18.96 21.30
N ASP H 285 19.47 -18.28 20.38
CA ASP H 285 20.93 -18.23 20.30
C ASP H 285 21.54 -19.59 20.01
N THR H 286 21.15 -20.17 18.91
CA THR H 286 21.85 -21.31 18.38
C THR H 286 22.49 -20.93 17.04
N PRO H 287 23.73 -21.32 16.80
CA PRO H 287 24.49 -20.73 15.70
C PRO H 287 24.06 -21.22 14.32
N CYS H 288 24.49 -20.48 13.29
CA CYS H 288 24.00 -20.67 11.94
C CYS H 288 25.07 -20.40 10.90
N TRP H 289 24.80 -20.89 9.69
CA TRP H 289 25.60 -20.58 8.51
C TRP H 289 24.79 -20.92 7.25
N LYS H 290 24.90 -20.06 6.24
CA LYS H 290 24.36 -20.30 4.91
C LYS H 290 25.42 -21.03 4.09
N LEU H 291 24.99 -21.97 3.25
CA LEU H 291 25.97 -22.65 2.40
C LEU H 291 26.07 -22.01 1.02
N HIS H 292 27.18 -22.28 0.35
CA HIS H 292 27.33 -22.01 -1.07
C HIS H 292 28.11 -23.17 -1.68
N THR H 293 27.42 -24.07 -2.36
CA THR H 293 28.07 -25.23 -2.95
C THR H 293 28.45 -24.93 -4.39
N SER H 294 29.47 -25.63 -4.88
CA SER H 294 30.04 -25.35 -6.19
C SER H 294 30.55 -26.66 -6.77
N PRO H 295 30.52 -26.81 -8.10
CA PRO H 295 30.91 -28.09 -8.71
C PRO H 295 32.40 -28.37 -8.60
N LEU H 296 32.72 -29.59 -8.17
CA LEU H 296 34.09 -30.02 -7.94
C LEU H 296 34.42 -31.19 -8.85
N CYS H 297 35.64 -31.21 -9.37
CA CYS H 297 36.11 -32.35 -10.14
C CYS H 297 36.69 -33.41 -9.24
N CYS H 308 33.54 -34.70 -13.18
CA CYS H 308 33.39 -33.50 -12.36
C CYS H 308 31.97 -33.38 -11.81
N LEU H 309 31.85 -33.49 -10.50
CA LEU H 309 30.60 -33.68 -9.78
C LEU H 309 30.11 -32.31 -9.27
N THR H 310 28.92 -32.29 -8.66
CA THR H 310 28.42 -31.11 -7.97
C THR H 310 27.46 -31.55 -6.87
N ARG H 311 27.25 -30.67 -5.90
CA ARG H 311 26.39 -30.97 -4.77
C ARG H 311 24.95 -30.62 -5.08
N THR H 312 24.07 -30.97 -4.14
CA THR H 312 22.64 -30.68 -4.25
C THR H 312 22.08 -30.17 -2.94
N ASP H 313 22.93 -29.80 -1.99
CA ASP H 313 22.50 -29.63 -0.60
C ASP H 313 22.92 -28.26 -0.10
N ARG H 314 21.94 -27.38 0.12
CA ARG H 314 22.23 -26.00 0.48
C ARG H 314 21.05 -25.42 1.23
N GLY H 315 21.33 -24.70 2.30
CA GLY H 315 20.30 -24.09 3.09
C GLY H 315 20.84 -23.66 4.43
N TRP H 316 19.91 -23.31 5.33
CA TRP H 316 20.26 -22.80 6.64
C TRP H 316 20.39 -23.94 7.65
N TYR H 317 21.15 -23.68 8.71
CA TYR H 317 21.54 -24.69 9.67
C TYR H 317 21.42 -24.15 11.08
N CYS H 318 20.80 -24.93 11.96
CA CYS H 318 20.54 -24.45 13.31
C CYS H 318 20.84 -25.55 14.30
N ASP H 319 21.53 -25.18 15.37
CA ASP H 319 21.75 -26.10 16.48
C ASP H 319 20.42 -26.34 17.20
N ASN H 320 20.18 -27.57 17.60
CA ASN H 320 18.91 -27.96 18.18
C ASN H 320 19.16 -29.08 19.18
N ALA H 321 18.12 -29.39 19.97
CA ALA H 321 18.23 -30.39 21.02
C ALA H 321 18.42 -31.78 20.42
N GLY H 322 19.66 -32.27 20.48
CA GLY H 322 20.01 -33.55 19.92
C GLY H 322 19.90 -33.65 18.41
N SER H 323 19.91 -32.52 17.71
CA SER H 323 19.55 -32.52 16.31
C SER H 323 20.09 -31.28 15.63
N VAL H 324 20.07 -31.31 14.30
CA VAL H 324 20.48 -30.20 13.46
C VAL H 324 19.28 -29.82 12.59
N SER H 325 18.79 -28.61 12.76
CA SER H 325 17.69 -28.15 11.94
C SER H 325 18.19 -27.69 10.59
N PHE H 326 17.43 -28.01 9.55
CA PHE H 326 17.83 -27.69 8.18
C PHE H 326 16.66 -27.02 7.47
N PHE H 327 16.96 -26.01 6.69
CA PHE H 327 15.93 -25.26 5.99
C PHE H 327 16.16 -25.35 4.49
N PRO H 328 15.36 -26.11 3.77
CA PRO H 328 15.62 -26.32 2.34
C PRO H 328 15.27 -25.11 1.50
N GLN H 329 14.20 -24.40 1.86
CA GLN H 329 13.73 -23.27 1.08
C GLN H 329 14.69 -22.09 1.30
N ALA H 330 14.82 -21.26 0.27
CA ALA H 330 15.89 -20.27 0.22
C ALA H 330 15.63 -19.07 1.14
N GLU H 331 14.37 -18.70 1.35
CA GLU H 331 14.13 -17.45 2.06
C GLU H 331 13.00 -17.49 3.09
N THR H 332 12.78 -18.60 3.78
CA THR H 332 11.90 -18.59 4.94
C THR H 332 12.48 -17.79 6.10
N CYS H 333 13.78 -17.51 6.09
CA CYS H 333 14.48 -16.86 7.18
C CYS H 333 14.70 -15.40 6.86
N LYS H 334 14.59 -14.55 7.86
CA LYS H 334 14.75 -13.12 7.64
C LYS H 334 16.21 -12.72 7.75
N VAL H 335 16.51 -11.52 7.27
CA VAL H 335 17.86 -11.06 7.04
C VAL H 335 18.24 -10.04 8.09
N GLN H 336 19.27 -10.37 8.88
CA GLN H 336 19.86 -9.41 9.79
C GLN H 336 21.30 -9.83 9.98
N SER H 337 22.18 -8.87 10.26
CA SER H 337 23.62 -9.04 10.38
C SER H 337 24.11 -10.12 11.34
N ASN H 338 23.32 -10.45 12.36
CA ASN H 338 23.76 -11.43 13.34
C ASN H 338 22.68 -12.44 13.65
N ARG H 339 21.44 -12.14 13.25
CA ARG H 339 20.29 -12.89 13.69
C ARG H 339 19.48 -13.33 12.48
N VAL H 340 18.87 -14.51 12.61
CA VAL H 340 17.90 -15.02 11.65
C VAL H 340 16.71 -15.58 12.41
N PHE H 341 15.58 -15.64 11.73
CA PHE H 341 14.30 -15.96 12.38
C PHE H 341 13.44 -16.72 11.40
N CYS H 342 13.21 -17.99 11.67
CA CYS H 342 12.63 -18.88 10.67
C CYS H 342 11.42 -19.57 11.26
N ASP H 343 10.75 -20.37 10.44
CA ASP H 343 9.60 -21.16 10.88
C ASP H 343 10.03 -22.58 11.24
N THR H 344 9.19 -23.24 12.03
CA THR H 344 9.45 -24.60 12.45
C THR H 344 8.61 -25.63 11.72
N MET H 345 7.51 -25.24 11.09
CA MET H 345 6.69 -26.19 10.36
C MET H 345 7.15 -26.38 8.92
N ASN H 346 8.36 -25.93 8.60
CA ASN H 346 8.84 -25.87 7.23
C ASN H 346 10.29 -26.33 7.15
N SER H 347 10.73 -27.09 8.14
CA SER H 347 12.15 -27.36 8.34
C SER H 347 12.44 -28.84 8.20
N LEU H 348 13.72 -29.14 8.05
CA LEU H 348 14.17 -30.52 8.11
C LEU H 348 15.06 -30.73 9.33
N THR H 349 15.00 -31.95 9.85
CA THR H 349 15.81 -32.33 11.00
C THR H 349 16.89 -33.30 10.57
N LEU H 350 18.08 -33.10 11.12
CA LEU H 350 19.24 -33.88 10.71
C LEU H 350 20.02 -34.27 11.95
N PRO H 351 20.73 -35.40 11.90
CA PRO H 351 21.75 -35.68 12.92
C PRO H 351 22.96 -34.78 12.74
N SER H 352 23.75 -34.69 13.80
CA SER H 352 24.89 -33.78 13.80
C SER H 352 26.10 -34.32 13.05
N GLU H 353 26.00 -35.53 12.50
CA GLU H 353 27.10 -36.10 11.74
C GLU H 353 27.18 -35.57 10.32
N VAL H 354 26.20 -34.77 9.89
CA VAL H 354 26.24 -34.18 8.56
C VAL H 354 27.17 -33.00 8.46
N ASN H 355 27.80 -32.59 9.57
CA ASN H 355 28.95 -31.71 9.50
C ASN H 355 30.14 -32.38 8.83
N LEU H 356 30.15 -33.71 8.78
CA LEU H 356 31.25 -34.45 8.19
C LEU H 356 30.96 -34.93 6.77
N CYS H 357 29.96 -34.34 6.09
CA CYS H 357 29.98 -34.38 4.64
C CYS H 357 31.00 -33.42 4.05
N ASN H 358 31.55 -32.50 4.85
CA ASN H 358 32.50 -31.53 4.33
C ASN H 358 33.90 -32.09 4.12
N VAL H 359 34.25 -33.18 4.79
CA VAL H 359 35.57 -33.76 4.63
C VAL H 359 35.46 -34.98 3.73
N ASP H 360 34.71 -35.98 4.18
CA ASP H 360 34.45 -37.15 3.36
C ASP H 360 33.24 -36.90 2.48
N ILE H 361 33.35 -37.30 1.22
CA ILE H 361 32.20 -37.31 0.34
C ILE H 361 31.37 -38.54 0.70
N PHE H 362 31.96 -39.72 0.48
CA PHE H 362 31.24 -40.98 0.65
C PHE H 362 31.38 -41.42 2.10
N ASN H 363 30.61 -40.76 2.95
CA ASN H 363 30.66 -41.01 4.39
C ASN H 363 30.00 -42.35 4.69
N PRO H 364 30.72 -43.32 5.27
CA PRO H 364 30.06 -44.57 5.68
C PRO H 364 29.11 -44.37 6.84
N LYS H 365 29.34 -43.35 7.68
CA LYS H 365 28.37 -43.00 8.71
C LYS H 365 27.05 -42.57 8.09
N TYR H 366 27.06 -41.45 7.37
CA TYR H 366 25.91 -41.11 6.51
C TYR H 366 26.37 -40.19 5.39
N ASP H 367 26.26 -40.68 4.16
CA ASP H 367 26.57 -39.90 2.98
C ASP H 367 25.33 -39.06 2.60
N CYS H 368 25.57 -38.00 1.85
CA CYS H 368 24.55 -37.03 1.48
C CYS H 368 24.48 -37.00 -0.05
N LYS H 369 23.60 -36.15 -0.60
CA LYS H 369 23.25 -36.21 -2.00
C LYS H 369 24.11 -35.28 -2.84
N ILE H 370 24.37 -35.69 -4.08
CA ILE H 370 25.17 -34.96 -5.04
C ILE H 370 24.57 -35.19 -6.42
N MET H 371 24.75 -34.25 -7.34
CA MET H 371 24.33 -34.48 -8.71
C MET H 371 25.54 -34.92 -9.55
N THR H 372 25.30 -35.81 -10.50
CA THR H 372 26.40 -36.38 -11.27
C THR H 372 26.58 -35.66 -12.59
N SER H 373 27.83 -35.41 -12.93
CA SER H 373 28.22 -35.00 -14.27
C SER H 373 29.52 -35.71 -14.60
N LYS H 374 29.96 -35.60 -15.85
CA LYS H 374 31.10 -36.44 -16.21
C LYS H 374 32.43 -35.72 -16.06
N THR H 375 32.73 -34.76 -16.93
CA THR H 375 34.02 -34.06 -16.85
C THR H 375 33.84 -32.61 -17.34
N ASP H 376 32.65 -32.03 -17.17
CA ASP H 376 32.40 -30.67 -17.65
C ASP H 376 31.23 -29.94 -16.99
N VAL H 377 31.54 -28.84 -16.28
CA VAL H 377 30.82 -27.56 -16.23
C VAL H 377 31.69 -26.51 -15.49
N SER H 378 31.78 -25.30 -16.04
CA SER H 378 32.38 -24.20 -15.31
C SER H 378 31.32 -23.38 -14.57
N SER H 379 31.63 -22.95 -13.35
CA SER H 379 30.65 -22.27 -12.52
C SER H 379 31.34 -21.33 -11.55
N SER H 380 30.58 -20.38 -11.02
CA SER H 380 31.03 -19.49 -9.96
C SER H 380 29.83 -19.07 -9.13
N VAL H 381 30.01 -19.03 -7.81
CA VAL H 381 28.93 -18.75 -6.87
C VAL H 381 29.31 -17.55 -6.02
N ILE H 382 28.43 -16.56 -5.98
CA ILE H 382 28.66 -15.32 -5.25
C ILE H 382 28.08 -15.45 -3.85
N THR H 383 28.90 -15.22 -2.83
CA THR H 383 28.39 -15.25 -1.47
C THR H 383 28.12 -13.83 -1.00
N SER H 384 27.82 -13.68 0.29
CA SER H 384 27.62 -12.34 0.85
C SER H 384 28.95 -11.69 1.21
N LEU H 385 29.98 -12.49 1.45
CA LEU H 385 31.25 -12.00 1.98
C LEU H 385 32.43 -12.67 1.26
N GLY H 386 32.23 -12.95 -0.02
CA GLY H 386 33.26 -13.56 -0.83
C GLY H 386 32.68 -14.25 -2.04
N ALA H 387 33.56 -14.96 -2.75
CA ALA H 387 33.16 -15.59 -4.00
C ALA H 387 33.89 -16.90 -4.20
N ILE H 388 33.18 -17.89 -4.72
CA ILE H 388 33.73 -19.19 -5.04
C ILE H 388 33.75 -19.35 -6.55
N VAL H 389 34.86 -19.84 -7.07
CA VAL H 389 34.98 -20.14 -8.49
C VAL H 389 35.22 -21.63 -8.68
N SER H 390 34.72 -22.15 -9.79
CA SER H 390 34.89 -23.55 -10.20
C SER H 390 35.30 -23.52 -11.67
N CYS H 391 36.29 -22.70 -11.97
CA CYS H 391 36.74 -22.46 -13.33
C CYS H 391 37.37 -23.71 -13.90
N TYR H 392 37.05 -24.02 -15.16
CA TYR H 392 37.39 -25.31 -15.71
C TYR H 392 37.60 -25.21 -17.21
N GLY H 393 38.59 -25.98 -17.69
CA GLY H 393 38.78 -26.18 -19.11
C GLY H 393 39.31 -24.98 -19.83
N LYS H 394 38.65 -24.61 -20.92
CA LYS H 394 39.09 -23.49 -21.73
C LYS H 394 38.36 -22.21 -21.34
N THR H 395 37.66 -22.23 -20.21
CA THR H 395 37.03 -21.02 -19.69
C THR H 395 38.08 -20.11 -19.09
N LYS H 396 38.05 -18.84 -19.48
CA LYS H 396 39.00 -17.85 -18.99
C LYS H 396 38.39 -17.12 -17.79
N CYS H 397 39.09 -17.14 -16.67
CA CYS H 397 38.57 -16.63 -15.42
C CYS H 397 39.56 -15.64 -14.81
N THR H 398 39.06 -14.51 -14.34
CA THR H 398 39.93 -13.42 -13.94
C THR H 398 39.36 -12.69 -12.74
N ALA H 399 40.18 -12.58 -11.69
CA ALA H 399 39.87 -11.76 -10.53
C ALA H 399 40.46 -10.38 -10.76
N SER H 400 39.81 -9.36 -10.20
CA SER H 400 40.20 -7.99 -10.49
C SER H 400 39.92 -7.09 -9.30
N ASN H 401 40.40 -5.86 -9.41
CA ASN H 401 40.19 -4.81 -8.43
C ASN H 401 39.96 -3.50 -9.18
N LYS H 402 39.12 -2.64 -8.60
CA LYS H 402 38.73 -1.41 -9.28
C LYS H 402 39.78 -0.33 -9.21
N ASN H 403 40.88 -0.56 -8.48
CA ASN H 403 41.91 0.44 -8.28
C ASN H 403 43.29 -0.16 -8.52
N ARG H 404 43.38 -1.48 -8.44
CA ARG H 404 44.60 -2.21 -8.67
C ARG H 404 44.53 -3.07 -9.93
N GLY H 405 43.43 -2.98 -10.68
CA GLY H 405 43.29 -3.75 -11.89
C GLY H 405 43.14 -5.24 -11.59
N ILE H 406 43.66 -6.04 -12.52
CA ILE H 406 43.66 -7.48 -12.39
C ILE H 406 44.65 -7.89 -11.32
N ILE H 407 44.19 -8.64 -10.33
CA ILE H 407 45.12 -9.25 -9.39
C ILE H 407 45.66 -10.55 -9.96
N LYS H 408 44.79 -11.40 -10.48
CA LYS H 408 45.21 -12.73 -10.90
C LYS H 408 44.21 -13.31 -11.89
N THR H 409 44.58 -14.46 -12.44
CA THR H 409 43.68 -15.35 -13.14
C THR H 409 43.70 -16.72 -12.48
N PHE H 410 42.94 -17.65 -13.04
CA PHE H 410 42.71 -18.93 -12.39
C PHE H 410 43.03 -20.10 -13.28
N SER H 411 43.13 -21.26 -12.66
CA SER H 411 43.41 -22.53 -13.32
C SER H 411 42.16 -23.39 -13.33
N ASN H 412 42.33 -24.63 -13.78
CA ASN H 412 41.21 -25.57 -13.77
C ASN H 412 41.03 -26.15 -12.37
N GLY H 413 39.95 -25.75 -11.71
CA GLY H 413 39.68 -26.25 -10.38
C GLY H 413 39.13 -25.22 -9.43
N CYS H 414 38.62 -25.71 -8.30
CA CYS H 414 37.92 -24.90 -7.31
C CYS H 414 38.91 -24.00 -6.58
N ASP H 415 38.47 -22.79 -6.24
CA ASP H 415 39.32 -21.82 -5.58
C ASP H 415 38.44 -20.79 -4.88
N TYR H 416 38.99 -20.13 -3.88
CA TYR H 416 38.23 -19.17 -3.09
C TYR H 416 38.94 -17.82 -3.08
N VAL H 417 38.14 -16.74 -3.13
CA VAL H 417 38.65 -15.38 -3.04
C VAL H 417 37.83 -14.61 -2.00
N SER H 418 38.47 -13.61 -1.37
CA SER H 418 37.76 -12.78 -0.40
C SER H 418 37.37 -11.44 -1.03
N ASN H 419 36.35 -10.82 -0.45
CA ASN H 419 35.81 -9.56 -0.98
C ASN H 419 36.61 -8.33 -0.64
N LYS H 420 37.69 -8.36 0.15
CA LYS H 420 38.32 -7.10 0.55
C LYS H 420 39.19 -6.53 -0.55
N GLY H 421 39.87 -7.38 -1.30
CA GLY H 421 40.68 -6.90 -2.39
C GLY H 421 40.01 -7.09 -3.73
N VAL H 422 39.00 -7.96 -3.75
CA VAL H 422 38.35 -8.37 -4.98
C VAL H 422 36.96 -7.77 -5.03
N ASP H 423 36.66 -7.11 -6.14
CA ASP H 423 35.36 -6.52 -6.37
C ASP H 423 34.67 -7.03 -7.61
N THR H 424 35.41 -7.35 -8.67
CA THR H 424 34.84 -7.80 -9.92
C THR H 424 35.53 -9.07 -10.36
N VAL H 425 34.74 -10.00 -10.89
CA VAL H 425 35.22 -11.29 -11.38
C VAL H 425 34.55 -11.58 -12.71
N SER H 426 35.36 -11.82 -13.74
CA SER H 426 34.87 -12.17 -15.07
C SER H 426 34.94 -13.69 -15.23
N VAL H 427 33.80 -14.31 -15.51
CA VAL H 427 33.78 -15.73 -15.83
C VAL H 427 33.25 -15.89 -17.24
N GLY H 428 34.13 -16.24 -18.18
CA GLY H 428 33.74 -16.28 -19.57
C GLY H 428 33.56 -14.86 -20.07
N ASN H 429 32.31 -14.48 -20.31
CA ASN H 429 32.03 -13.11 -20.70
C ASN H 429 31.18 -12.48 -19.61
N THR H 430 30.87 -13.26 -18.59
CA THR H 430 30.02 -12.80 -17.50
C THR H 430 30.84 -12.14 -16.41
N LEU H 431 30.71 -10.83 -16.29
CA LEU H 431 31.38 -10.08 -15.23
C LEU H 431 30.50 -10.13 -14.00
N TYR H 432 31.09 -10.49 -12.88
CA TYR H 432 30.39 -10.49 -11.61
C TYR H 432 30.86 -9.33 -10.75
N TYR H 433 30.03 -8.97 -9.80
CA TYR H 433 30.37 -7.98 -8.79
C TYR H 433 30.28 -8.65 -7.43
N VAL H 434 31.24 -8.39 -6.56
CA VAL H 434 31.18 -8.90 -5.19
C VAL H 434 30.92 -7.78 -4.19
N ASN H 435 31.63 -6.66 -4.30
CA ASN H 435 31.33 -5.51 -3.46
C ASN H 435 30.22 -4.73 -4.14
N LYS H 436 29.29 -4.16 -3.36
CA LYS H 436 28.21 -3.36 -3.90
C LYS H 436 28.75 -2.06 -4.49
N GLN H 437 28.04 -1.48 -5.45
CA GLN H 437 28.55 -0.35 -6.21
C GLN H 437 27.96 0.95 -5.68
N GLU H 438 28.85 1.90 -5.39
CA GLU H 438 28.44 3.22 -4.93
C GLU H 438 27.83 4.02 -6.08
N GLY H 439 27.02 5.00 -5.70
CA GLY H 439 26.47 5.94 -6.66
C GLY H 439 26.88 7.35 -6.34
N LYS H 440 25.91 8.16 -5.93
CA LYS H 440 26.14 9.54 -5.57
C LYS H 440 25.04 9.95 -4.60
N SER H 441 24.97 11.25 -4.32
CA SER H 441 23.84 11.81 -3.60
C SER H 441 23.04 12.72 -4.52
N LEU H 442 21.78 12.94 -4.16
CA LEU H 442 20.92 13.79 -4.96
C LEU H 442 19.98 14.54 -4.04
N TYR H 443 19.67 15.77 -4.42
CA TYR H 443 18.96 16.72 -3.60
C TYR H 443 17.71 17.20 -4.29
N VAL H 444 16.61 17.23 -3.54
CA VAL H 444 15.39 17.91 -3.95
C VAL H 444 15.12 18.97 -2.90
N LYS H 445 15.15 20.23 -3.32
CA LYS H 445 15.27 21.32 -2.37
C LYS H 445 14.07 22.25 -2.47
N GLY H 446 13.71 22.84 -1.33
CA GLY H 446 12.63 23.80 -1.28
C GLY H 446 12.99 24.91 -0.32
N GLU H 447 12.01 25.76 -0.05
CA GLU H 447 12.21 26.89 0.86
C GLU H 447 10.86 27.26 1.47
N PRO H 448 10.85 27.73 2.72
CA PRO H 448 9.58 27.94 3.42
C PRO H 448 8.76 29.09 2.86
N ILE H 449 7.48 29.09 3.21
CA ILE H 449 6.55 30.10 2.72
C ILE H 449 6.00 30.90 3.89
N ILE H 450 5.51 32.10 3.57
CA ILE H 450 5.13 33.10 4.56
C ILE H 450 3.68 33.52 4.30
N ASN H 451 2.88 33.58 5.36
CA ASN H 451 1.52 34.08 5.29
C ASN H 451 1.53 35.61 5.37
N PHE H 452 0.50 36.22 4.79
CA PHE H 452 0.36 37.67 4.83
C PHE H 452 -1.10 38.06 4.76
N TYR H 453 -1.44 39.13 5.47
CA TYR H 453 -2.76 39.74 5.41
C TYR H 453 -2.61 41.21 5.80
N ASP H 454 -3.73 41.87 6.04
CA ASP H 454 -3.72 43.21 6.59
C ASP H 454 -4.87 43.35 7.57
N PRO H 455 -4.64 44.00 8.71
CA PRO H 455 -5.74 44.22 9.66
C PRO H 455 -6.71 45.32 9.24
N LEU H 456 -7.65 45.66 10.12
CA LEU H 456 -8.62 46.71 9.86
C LEU H 456 -8.35 47.90 10.76
N VAL H 457 -8.85 49.07 10.35
CA VAL H 457 -8.47 50.33 10.99
C VAL H 457 -9.53 51.37 10.65
N PHE H 458 -9.68 52.37 11.53
CA PHE H 458 -10.43 53.59 11.25
C PHE H 458 -9.97 54.75 12.12
N PRO H 459 -9.73 55.92 11.55
CA PRO H 459 -9.40 57.13 12.35
C PRO H 459 -10.62 57.84 12.94
N SER H 460 -11.04 57.35 14.10
CA SER H 460 -12.34 57.73 14.65
C SER H 460 -12.31 58.98 15.51
N ASP H 461 -11.22 59.21 16.24
CA ASP H 461 -11.29 60.08 17.43
C ASP H 461 -11.42 61.55 17.04
N GLU H 462 -10.52 62.03 16.18
CA GLU H 462 -10.62 63.41 15.71
C GLU H 462 -11.83 63.58 14.80
N PHE H 463 -12.25 62.50 14.14
CA PHE H 463 -13.55 62.50 13.48
C PHE H 463 -14.67 62.69 14.49
N ASP H 464 -14.62 61.94 15.59
CA ASP H 464 -15.62 62.12 16.64
C ASP H 464 -15.41 63.41 17.41
N ALA H 465 -14.19 63.94 17.42
CA ALA H 465 -13.97 65.25 18.02
C ALA H 465 -14.54 66.34 17.14
N SER H 466 -14.47 66.15 15.81
CA SER H 466 -15.16 67.06 14.90
C SER H 466 -16.67 66.96 15.09
N ILE H 467 -17.15 65.75 15.37
CA ILE H 467 -18.54 65.59 15.79
C ILE H 467 -18.77 66.33 17.10
N SER H 468 -17.82 66.19 18.04
CA SER H 468 -17.89 66.94 19.29
C SER H 468 -17.76 68.44 19.04
N GLN H 469 -17.06 68.83 17.99
CA GLN H 469 -17.05 70.23 17.59
C GLN H 469 -18.41 70.68 17.09
N VAL H 470 -19.11 69.79 16.36
CA VAL H 470 -20.49 70.09 15.99
C VAL H 470 -21.39 70.00 17.22
N ASN H 471 -21.08 69.07 18.13
CA ASN H 471 -21.82 68.98 19.38
C ASN H 471 -21.60 70.21 20.25
N GLU H 472 -20.46 70.87 20.10
CA GLU H 472 -20.28 72.18 20.71
C GLU H 472 -21.22 73.19 20.07
N LYS H 473 -21.39 73.12 18.74
CA LYS H 473 -22.18 74.12 18.01
C LYS H 473 -23.66 74.03 18.37
N ILE H 474 -24.14 72.85 18.75
CA ILE H 474 -25.51 72.70 19.17
C ILE H 474 -25.75 73.41 20.50
N ASN H 475 -24.79 73.33 21.41
CA ASN H 475 -25.00 73.89 22.72
C ASN H 475 -24.62 75.35 22.82
N GLN H 476 -23.68 75.82 22.02
CA GLN H 476 -23.49 77.26 21.94
C GLN H 476 -24.53 77.92 21.05
N SER H 477 -25.34 77.14 20.34
CA SER H 477 -26.51 77.71 19.70
C SER H 477 -27.46 78.29 20.74
N LEU H 478 -27.52 77.67 21.91
CA LEU H 478 -28.38 78.10 23.01
C LEU H 478 -28.00 79.47 23.57
N ALA H 479 -26.81 79.97 23.25
CA ALA H 479 -26.37 81.27 23.73
C ALA H 479 -27.25 82.39 23.18
N PHE H 480 -27.40 82.47 21.87
CA PHE H 480 -28.29 83.47 21.31
C PHE H 480 -29.76 83.10 21.50
N ILE H 481 -30.07 81.80 21.64
CA ILE H 481 -31.44 81.33 21.72
C ILE H 481 -32.13 81.91 22.94
N ARG H 482 -31.50 81.81 24.11
CA ARG H 482 -32.11 82.39 25.30
C ARG H 482 -32.00 83.91 25.28
N LYS H 483 -30.93 84.43 24.67
CA LYS H 483 -30.72 85.87 24.64
C LYS H 483 -31.71 86.55 23.71
N SER H 484 -31.97 85.96 22.54
CA SER H 484 -32.98 86.52 21.66
C SER H 484 -34.37 86.33 22.22
N ASP H 485 -34.61 85.23 22.92
CA ASP H 485 -35.92 84.98 23.51
C ASP H 485 -36.07 85.59 24.90
N GLU H 486 -35.12 86.44 25.31
CA GLU H 486 -35.28 87.17 26.56
C GLU H 486 -36.35 88.24 26.45
N LEU H 487 -36.65 88.68 25.23
CA LEU H 487 -37.39 89.92 24.97
C LEU H 487 -38.88 89.84 25.32
N LEU H 488 -39.38 88.70 25.81
CA LEU H 488 -40.73 88.69 26.34
C LEU H 488 -40.81 89.40 27.67
N HIS H 489 -39.70 89.44 28.42
CA HIS H 489 -39.67 90.11 29.70
C HIS H 489 -38.39 89.85 30.47
N GLN I 1 -18.05 -29.58 12.62
CA GLN I 1 -17.70 -30.77 13.39
C GLN I 1 -17.35 -31.92 12.46
N ASN I 2 -17.73 -31.77 11.19
CA ASN I 2 -17.53 -32.79 10.18
C ASN I 2 -16.07 -32.87 9.70
N ILE I 3 -15.23 -31.90 10.03
CA ILE I 3 -13.79 -32.03 9.79
C ILE I 3 -13.18 -32.69 11.02
N THR I 4 -12.29 -33.64 10.77
CA THR I 4 -11.63 -34.44 11.81
C THR I 4 -10.22 -34.74 11.33
N GLU I 5 -9.61 -35.76 11.93
CA GLU I 5 -8.28 -36.21 11.53
C GLU I 5 -8.09 -37.66 11.94
N GLU I 6 -6.89 -38.16 11.68
CA GLU I 6 -6.52 -39.51 12.09
C GLU I 6 -5.00 -39.57 12.22
N PHE I 7 -4.48 -40.78 12.37
CA PHE I 7 -3.07 -41.00 12.64
C PHE I 7 -2.68 -42.35 12.07
N TYR I 8 -1.40 -42.51 11.76
CA TYR I 8 -0.86 -43.77 11.23
C TYR I 8 0.42 -44.11 11.98
N GLN I 9 0.31 -45.02 12.96
CA GLN I 9 1.48 -45.51 13.67
C GLN I 9 2.36 -46.35 12.76
N SER I 10 1.80 -46.89 11.68
CA SER I 10 2.56 -47.69 10.71
C SER I 10 3.64 -46.88 10.03
N THR I 11 3.42 -45.57 9.82
CA THR I 11 4.40 -44.72 9.16
C THR I 11 4.80 -43.49 9.97
N CYS I 12 4.20 -43.26 11.13
CA CYS I 12 4.33 -42.03 11.93
C CYS I 12 4.06 -40.80 11.05
N SER I 13 2.86 -40.77 10.48
CA SER I 13 2.37 -39.68 9.66
C SER I 13 0.98 -39.30 10.18
N ALA I 14 0.29 -38.45 9.41
CA ALA I 14 -1.04 -38.02 9.82
C ALA I 14 -1.85 -37.60 8.60
N VAL I 15 -3.16 -37.53 8.78
CA VAL I 15 -4.11 -37.09 7.76
C VAL I 15 -5.16 -36.25 8.47
N SER I 16 -5.34 -35.02 8.02
CA SER I 16 -6.36 -34.13 8.56
C SER I 16 -7.38 -33.91 7.46
N LYS I 17 -8.35 -34.82 7.35
CA LYS I 17 -9.30 -34.77 6.24
C LYS I 17 -10.68 -34.39 6.74
N GLY I 18 -11.52 -34.02 5.80
CA GLY I 18 -12.83 -33.45 6.07
C GLY I 18 -13.10 -32.29 5.15
N TYR I 19 -12.16 -32.04 4.25
CA TYR I 19 -12.18 -30.88 3.38
C TYR I 19 -12.84 -31.22 2.05
N LEU I 20 -12.82 -30.24 1.14
CA LEU I 20 -13.46 -30.25 -0.16
C LEU I 20 -12.99 -28.99 -0.88
N SER I 21 -12.77 -29.10 -2.19
CA SER I 21 -11.86 -28.12 -2.79
C SER I 21 -12.32 -27.69 -4.17
N ALA I 22 -11.62 -26.70 -4.73
CA ALA I 22 -11.77 -26.27 -6.12
C ALA I 22 -10.38 -25.79 -6.57
N LEU I 23 -10.14 -25.83 -7.88
CA LEU I 23 -8.81 -25.59 -8.45
C LEU I 23 -8.92 -24.68 -9.66
N ARG I 24 -7.96 -23.76 -9.82
CA ARG I 24 -8.07 -22.77 -10.88
C ARG I 24 -7.66 -23.34 -12.23
N THR I 25 -8.54 -23.21 -13.23
CA THR I 25 -8.17 -23.69 -14.56
C THR I 25 -8.35 -22.67 -15.68
N GLY I 26 -8.52 -21.39 -15.39
CA GLY I 26 -8.66 -20.44 -16.47
C GLY I 26 -8.67 -19.02 -15.98
N TRP I 27 -9.12 -18.11 -16.84
CA TRP I 27 -9.20 -16.69 -16.52
C TRP I 27 -10.43 -16.06 -17.14
N TYR I 28 -10.92 -15.00 -16.51
CA TYR I 28 -12.01 -14.20 -17.04
C TYR I 28 -11.65 -12.73 -16.92
N THR I 29 -11.55 -12.07 -18.08
CA THR I 29 -11.01 -10.74 -18.17
C THR I 29 -12.07 -9.78 -18.68
N SER I 30 -11.95 -8.51 -18.28
CA SER I 30 -12.86 -7.46 -18.75
C SER I 30 -12.19 -6.10 -18.61
N VAL I 31 -12.93 -5.05 -18.99
CA VAL I 31 -12.42 -3.69 -19.12
C VAL I 31 -13.33 -2.76 -18.32
N ILE I 32 -12.71 -1.83 -17.59
CA ILE I 32 -13.43 -0.81 -16.84
C ILE I 32 -12.99 0.57 -17.34
N THR I 33 -13.96 1.47 -17.55
CA THR I 33 -13.70 2.75 -18.22
C THR I 33 -14.24 3.93 -17.40
N ILE I 34 -13.82 4.08 -16.15
CA ILE I 34 -14.21 5.22 -15.33
C ILE I 34 -13.67 6.53 -15.90
N GLU I 35 -14.46 7.58 -15.85
CA GLU I 35 -14.07 8.94 -16.20
C GLU I 35 -14.04 9.81 -14.96
N LEU I 36 -13.77 11.11 -15.15
CA LEU I 36 -13.73 12.05 -14.04
C LEU I 36 -14.61 13.27 -14.32
N SER I 37 -14.82 14.06 -13.27
CA SER I 37 -15.37 15.41 -13.38
C SER I 37 -14.27 16.41 -13.06
N ASN I 38 -14.55 17.68 -13.39
CA ASN I 38 -13.58 18.75 -13.17
C ASN I 38 -14.32 20.08 -13.08
N ILE I 39 -13.55 21.15 -13.25
CA ILE I 39 -14.06 22.50 -13.11
C ILE I 39 -13.55 23.35 -14.27
N LYS I 40 -13.96 24.61 -14.26
CA LYS I 40 -13.46 25.65 -15.14
C LYS I 40 -12.54 26.57 -14.36
N GLU I 41 -11.94 27.53 -15.06
CA GLU I 41 -11.10 28.51 -14.40
C GLU I 41 -11.85 29.82 -14.26
N ASN I 42 -12.00 30.26 -13.02
CA ASN I 42 -12.78 31.44 -12.70
C ASN I 42 -12.01 32.68 -13.13
N LYS I 43 -12.73 33.70 -13.56
CA LYS I 43 -12.12 34.98 -13.85
C LYS I 43 -12.53 36.00 -12.79
N CYS I 44 -11.66 36.19 -11.80
CA CYS I 44 -11.91 37.14 -10.72
C CYS I 44 -10.56 37.60 -10.21
N ASN I 45 -10.58 38.69 -9.46
CA ASN I 45 -9.39 39.13 -8.73
C ASN I 45 -9.64 38.83 -7.26
N GLY I 46 -8.73 38.07 -6.66
CA GLY I 46 -8.87 37.66 -5.28
C GLY I 46 -8.05 38.51 -4.33
N THR I 47 -7.86 37.96 -3.12
CA THR I 47 -7.11 38.65 -2.09
C THR I 47 -5.61 38.63 -2.39
N ASP I 48 -5.02 37.45 -2.46
CA ASP I 48 -3.59 37.31 -2.73
C ASP I 48 -3.38 36.89 -4.18
N ALA I 49 -2.37 37.49 -4.81
CA ALA I 49 -1.94 37.14 -6.16
C ALA I 49 -0.90 36.04 -6.17
N LYS I 50 -0.87 35.23 -5.13
CA LYS I 50 0.02 34.10 -5.04
C LYS I 50 -0.70 32.77 -4.92
N VAL I 51 -1.81 32.72 -4.21
CA VAL I 51 -2.51 31.47 -3.92
C VAL I 51 -3.22 30.99 -5.19
N LYS I 52 -2.77 29.85 -5.71
CA LYS I 52 -3.18 29.30 -7.00
C LYS I 52 -3.71 27.88 -6.82
N LEU I 53 -4.68 27.75 -5.90
CA LEU I 53 -5.33 26.46 -5.65
C LEU I 53 -6.05 25.93 -6.88
N ILE I 54 -6.50 26.82 -7.75
CA ILE I 54 -7.17 26.40 -8.98
C ILE I 54 -6.16 25.79 -9.95
N LYS I 55 -4.90 26.19 -9.85
CA LYS I 55 -3.93 25.78 -10.84
C LYS I 55 -2.89 24.84 -10.24
N GLN I 56 -2.21 25.30 -9.18
CA GLN I 56 -1.08 24.56 -8.64
C GLN I 56 -1.49 23.29 -7.92
N GLU I 57 -2.77 23.08 -7.70
CA GLU I 57 -3.29 21.79 -7.27
C GLU I 57 -3.80 20.96 -8.43
N LEU I 58 -4.39 21.60 -9.44
CA LEU I 58 -5.00 20.84 -10.52
C LEU I 58 -3.95 20.23 -11.43
N ASP I 59 -2.86 20.94 -11.68
CA ASP I 59 -1.78 20.40 -12.50
C ASP I 59 -1.06 19.26 -11.82
N LYS I 60 -1.13 19.23 -10.49
CA LYS I 60 -0.53 18.14 -9.72
C LYS I 60 -1.18 16.81 -10.06
N TYR I 61 -2.47 16.82 -10.40
CA TYR I 61 -3.05 15.65 -11.03
C TYR I 61 -2.41 15.38 -12.37
N LYS I 62 -2.26 16.42 -13.20
CA LYS I 62 -1.62 16.25 -14.50
C LYS I 62 -0.13 15.93 -14.38
N ASN I 63 0.50 16.29 -13.26
CA ASN I 63 1.86 15.81 -13.02
C ASN I 63 1.87 14.32 -12.76
N ALA I 64 0.78 13.76 -12.23
CA ALA I 64 0.72 12.32 -12.07
C ALA I 64 0.48 11.62 -13.40
N VAL I 65 -0.27 12.25 -14.29
CA VAL I 65 -0.68 11.59 -15.54
C VAL I 65 0.52 11.40 -16.46
N THR I 66 1.42 12.37 -16.48
CA THR I 66 2.61 12.26 -17.30
C THR I 66 3.57 11.20 -16.74
N GLU I 67 3.51 10.98 -15.43
CA GLU I 67 4.34 9.94 -14.82
C GLU I 67 3.87 8.55 -15.21
N LEU I 68 2.58 8.28 -15.09
CA LEU I 68 2.10 6.90 -15.19
C LEU I 68 2.10 6.42 -16.62
N GLN I 69 1.88 7.33 -17.57
CA GLN I 69 1.91 6.93 -18.98
C GLN I 69 3.31 6.64 -19.46
N LEU I 70 4.33 7.03 -18.71
CA LEU I 70 5.70 6.64 -19.01
C LEU I 70 6.10 5.38 -18.29
N LEU I 71 5.14 4.56 -17.85
CA LEU I 71 5.39 3.22 -17.35
C LEU I 71 4.89 2.16 -18.33
N MET I 72 5.01 2.44 -19.63
CA MET I 72 4.60 1.49 -20.65
C MET I 72 5.69 1.31 -21.70
N VAL J 129 -46.53 104.14 24.33
CA VAL J 129 -47.59 105.13 24.22
C VAL J 129 -47.00 106.50 23.87
N SER J 130 -45.69 106.61 24.02
CA SER J 130 -44.96 107.83 23.67
C SER J 130 -44.35 107.62 22.29
N LYS J 131 -45.11 107.99 21.25
CA LYS J 131 -44.98 107.47 19.88
C LYS J 131 -43.55 107.51 19.31
N VAL J 132 -42.78 108.52 19.66
CA VAL J 132 -41.39 108.56 19.23
C VAL J 132 -40.51 107.77 20.20
N LEU J 133 -40.69 108.01 21.50
CA LEU J 133 -39.82 107.37 22.49
C LEU J 133 -40.19 105.91 22.70
N HIS J 134 -41.46 105.58 22.61
CA HIS J 134 -41.92 104.20 22.62
C HIS J 134 -41.98 103.73 21.15
N LEU J 135 -42.46 102.51 20.92
CA LEU J 135 -42.72 101.90 19.61
C LEU J 135 -41.46 101.65 18.79
N GLU J 136 -40.28 101.94 19.33
CA GLU J 136 -39.04 101.63 18.62
C GLU J 136 -37.95 101.05 19.51
N GLY J 137 -38.07 101.15 20.83
CA GLY J 137 -37.03 100.60 21.70
C GLY J 137 -36.98 99.08 21.63
N GLU J 138 -38.15 98.44 21.70
CA GLU J 138 -38.22 97.00 21.51
C GLU J 138 -37.92 96.63 20.05
N VAL J 139 -38.21 97.54 19.13
CA VAL J 139 -37.85 97.35 17.72
C VAL J 139 -36.33 97.33 17.57
N ASN J 140 -35.65 98.18 18.35
CA ASN J 140 -34.19 98.06 18.44
C ASN J 140 -33.79 96.75 19.11
N LYS J 141 -34.60 96.29 20.07
CA LYS J 141 -34.26 95.06 20.78
C LYS J 141 -34.45 93.83 19.88
N ILE J 142 -35.47 93.84 19.04
CA ILE J 142 -35.64 92.71 18.13
C ILE J 142 -34.74 92.84 16.91
N LYS J 143 -34.10 94.00 16.71
CA LYS J 143 -33.23 94.20 15.57
C LYS J 143 -32.00 93.31 15.65
N SER J 144 -31.28 93.39 16.76
CA SER J 144 -30.17 92.47 16.97
C SER J 144 -30.65 91.06 17.25
N ALA J 145 -31.87 90.90 17.77
CA ALA J 145 -32.44 89.57 17.92
C ALA J 145 -32.70 88.94 16.57
N LEU J 146 -33.13 89.75 15.59
CA LEU J 146 -33.21 89.25 14.22
C LEU J 146 -31.82 89.11 13.62
N LEU J 147 -30.86 89.92 14.06
CA LEU J 147 -29.48 89.74 13.63
C LEU J 147 -28.91 88.46 14.22
N SER J 148 -29.25 88.18 15.48
CA SER J 148 -28.92 86.90 16.08
C SER J 148 -29.68 85.76 15.43
N THR J 149 -30.88 86.03 14.94
CA THR J 149 -31.62 85.04 14.18
C THR J 149 -30.94 84.75 12.85
N ASN J 150 -30.14 85.68 12.35
CA ASN J 150 -29.29 85.38 11.21
C ASN J 150 -27.87 85.07 11.62
N LYS J 151 -27.48 85.44 12.84
CA LYS J 151 -26.30 84.82 13.42
C LYS J 151 -26.61 83.44 13.98
N ALA J 152 -27.88 83.02 13.94
CA ALA J 152 -28.24 81.65 14.26
C ALA J 152 -27.66 80.68 13.24
N VAL J 153 -27.80 81.00 11.96
CA VAL J 153 -27.55 80.06 10.89
C VAL J 153 -26.06 79.74 10.78
N VAL J 154 -25.22 80.65 11.28
CA VAL J 154 -23.81 80.36 11.46
C VAL J 154 -23.63 79.16 12.40
N SER J 155 -24.32 79.20 13.54
CA SER J 155 -24.32 78.03 14.42
C SER J 155 -25.07 76.88 13.80
N LEU J 156 -26.17 77.18 13.09
CA LEU J 156 -27.02 76.12 12.57
C LEU J 156 -26.38 75.44 11.37
N SER J 157 -26.20 76.19 10.28
CA SER J 157 -25.95 75.56 9.00
C SER J 157 -24.53 75.04 8.85
N ASN J 158 -23.59 75.57 9.62
CA ASN J 158 -22.21 75.17 9.41
C ASN J 158 -21.96 73.76 9.94
N GLY J 159 -22.50 73.45 11.12
CA GLY J 159 -22.25 72.17 11.73
C GLY J 159 -22.91 71.02 11.00
N VAL J 160 -23.98 71.31 10.26
CA VAL J 160 -24.61 70.25 9.49
C VAL J 160 -23.99 70.15 8.09
N SER J 161 -23.49 71.26 7.56
CA SER J 161 -22.79 71.21 6.28
C SER J 161 -21.47 70.47 6.39
N VAL J 162 -20.86 70.50 7.57
CA VAL J 162 -19.69 69.67 7.79
C VAL J 162 -20.09 68.27 8.25
N LEU J 163 -21.31 68.10 8.79
CA LEU J 163 -21.82 66.77 9.04
C LEU J 163 -22.09 66.05 7.74
N THR J 164 -22.41 66.81 6.69
CA THR J 164 -22.46 66.27 5.34
C THR J 164 -21.10 65.72 4.93
N SER J 165 -20.03 66.43 5.30
CA SER J 165 -18.71 65.90 5.05
C SER J 165 -18.42 64.69 5.93
N LYS J 166 -19.04 64.63 7.11
CA LYS J 166 -18.80 63.52 8.02
C LYS J 166 -19.37 62.21 7.50
N VAL J 167 -20.56 62.25 6.91
CA VAL J 167 -21.14 61.01 6.41
C VAL J 167 -20.46 60.61 5.12
N LEU J 168 -19.90 61.58 4.40
CA LEU J 168 -19.12 61.26 3.21
C LEU J 168 -17.80 60.61 3.58
N ASP J 169 -17.27 60.93 4.75
CA ASP J 169 -16.14 60.19 5.26
C ASP J 169 -16.53 58.74 5.49
N LEU J 170 -17.74 58.51 5.99
CA LEU J 170 -18.23 57.16 6.18
C LEU J 170 -18.63 56.56 4.84
N LYS J 171 -19.13 57.39 3.92
CA LYS J 171 -19.30 56.93 2.55
C LYS J 171 -17.96 56.58 1.90
N ASN J 172 -16.91 57.32 2.24
CA ASN J 172 -15.59 56.98 1.72
C ASN J 172 -14.98 55.79 2.44
N TYR J 173 -15.49 55.41 3.61
CA TYR J 173 -14.86 54.29 4.29
C TYR J 173 -15.46 52.96 3.83
N ILE J 174 -16.74 52.95 3.44
CA ILE J 174 -17.31 51.79 2.77
C ILE J 174 -16.91 51.76 1.31
N ASP J 175 -16.33 52.84 0.80
CA ASP J 175 -15.99 52.95 -0.61
C ASP J 175 -14.86 52.01 -0.97
N LYS J 176 -13.83 51.96 -0.14
CA LYS J 176 -12.62 51.19 -0.42
C LYS J 176 -12.31 50.12 0.62
N GLN J 177 -12.70 50.33 1.87
CA GLN J 177 -12.27 49.46 2.95
C GLN J 177 -13.28 48.37 3.29
N LEU J 178 -14.49 48.40 2.73
CA LEU J 178 -15.45 47.35 3.01
C LEU J 178 -15.81 46.57 1.76
N LEU J 179 -16.35 47.24 0.77
CA LEU J 179 -16.89 46.57 -0.42
C LEU J 179 -15.83 46.02 -1.37
N PRO J 180 -14.67 46.67 -1.59
CA PRO J 180 -13.61 45.93 -2.30
C PRO J 180 -12.99 44.83 -1.47
N ILE J 181 -13.21 44.79 -0.17
CA ILE J 181 -12.54 43.81 0.66
C ILE J 181 -13.25 42.46 0.62
N VAL J 182 -14.56 42.47 0.86
CA VAL J 182 -15.30 41.25 1.16
C VAL J 182 -15.40 40.38 -0.08
N ASN J 183 -15.64 41.00 -1.22
CA ASN J 183 -15.85 40.25 -2.46
C ASN J 183 -14.59 39.62 -3.01
N LYS J 184 -13.41 40.07 -2.57
CA LYS J 184 -12.19 39.36 -2.97
C LYS J 184 -12.14 37.97 -2.37
N GLN J 185 -12.55 37.83 -1.10
CA GLN J 185 -12.58 36.51 -0.50
C GLN J 185 -13.69 35.67 -1.08
N SER J 186 -14.78 36.32 -1.51
CA SER J 186 -15.93 35.63 -2.09
C SER J 186 -15.60 34.86 -3.35
N CYS J 187 -14.50 35.19 -4.01
CA CYS J 187 -13.92 34.30 -5.01
C CYS J 187 -12.69 33.57 -4.48
N SER J 188 -12.01 34.12 -3.47
CA SER J 188 -10.84 33.45 -2.92
C SER J 188 -11.22 32.27 -2.03
N ILE J 189 -12.14 32.48 -1.09
CA ILE J 189 -12.53 31.37 -0.23
C ILE J 189 -13.45 30.43 -0.97
N SER J 190 -13.98 30.84 -2.12
CA SER J 190 -14.77 29.93 -2.93
C SER J 190 -13.90 28.95 -3.69
N ASN J 191 -12.58 29.16 -3.70
CA ASN J 191 -11.69 28.24 -4.38
C ASN J 191 -11.57 26.92 -3.64
N ILE J 192 -11.72 26.93 -2.31
CA ILE J 192 -11.49 25.69 -1.60
C ILE J 192 -12.69 24.76 -1.73
N GLU J 193 -13.89 25.31 -1.93
CA GLU J 193 -15.01 24.44 -2.25
C GLU J 193 -14.97 23.98 -3.70
N THR J 194 -13.96 24.37 -4.46
CA THR J 194 -13.55 23.53 -5.57
C THR J 194 -12.57 22.46 -5.10
N VAL J 195 -11.61 22.86 -4.24
CA VAL J 195 -10.47 22.02 -3.93
C VAL J 195 -10.86 20.80 -3.11
N ILE J 196 -11.57 21.02 -1.99
CA ILE J 196 -12.07 19.91 -1.21
C ILE J 196 -13.08 19.11 -2.03
N GLU J 197 -13.94 19.80 -2.75
CA GLU J 197 -14.93 19.12 -3.57
C GLU J 197 -14.35 18.51 -4.84
N PHE J 198 -13.12 18.87 -5.21
CA PHE J 198 -12.41 18.04 -6.17
C PHE J 198 -12.03 16.72 -5.54
N GLN J 199 -11.67 16.73 -4.27
CA GLN J 199 -11.27 15.52 -3.57
C GLN J 199 -12.42 14.86 -2.83
N GLN J 200 -13.56 15.53 -2.75
CA GLN J 200 -14.72 14.93 -2.10
C GLN J 200 -15.46 14.01 -3.05
N LYS J 201 -15.98 14.58 -4.13
CA LYS J 201 -16.85 13.82 -5.04
C LYS J 201 -16.08 12.86 -5.91
N ASN J 202 -14.83 13.16 -6.23
CA ASN J 202 -14.05 12.37 -7.16
C ASN J 202 -13.13 11.41 -6.44
N ASN J 203 -13.56 10.87 -5.30
CA ASN J 203 -12.67 10.15 -4.41
C ASN J 203 -12.24 8.81 -4.99
N ARG J 204 -13.13 8.16 -5.74
CA ARG J 204 -12.84 6.82 -6.23
C ARG J 204 -11.71 6.82 -7.24
N LEU J 205 -11.59 7.89 -8.01
CA LEU J 205 -10.46 8.01 -8.91
C LEU J 205 -9.19 8.39 -8.16
N LEU J 206 -9.33 8.98 -6.98
CA LEU J 206 -8.15 9.46 -6.28
C LEU J 206 -7.36 8.34 -5.64
N GLU J 207 -8.03 7.29 -5.17
CA GLU J 207 -7.27 6.18 -4.62
C GLU J 207 -6.59 5.40 -5.73
N ILE J 208 -7.31 5.16 -6.83
CA ILE J 208 -6.83 4.29 -7.90
C ILE J 208 -5.62 4.87 -8.64
N THR J 209 -5.39 6.17 -8.51
CA THR J 209 -4.12 6.74 -8.92
C THR J 209 -2.97 6.12 -8.15
N ARG J 210 -3.04 6.13 -6.82
CA ARG J 210 -1.83 6.00 -6.02
C ARG J 210 -1.31 4.56 -5.95
N GLU J 211 -2.12 3.54 -6.25
CA GLU J 211 -1.52 2.21 -6.28
C GLU J 211 -0.66 2.00 -7.50
N PHE J 212 -1.13 2.46 -8.64
CA PHE J 212 -0.32 2.32 -9.84
C PHE J 212 0.85 3.28 -9.86
N SER J 213 0.89 4.25 -8.95
CA SER J 213 2.12 4.95 -8.66
C SER J 213 3.13 4.07 -7.95
N VAL J 214 2.69 3.07 -7.18
CA VAL J 214 3.58 2.26 -6.37
C VAL J 214 3.58 0.80 -6.80
N ASN J 215 2.41 0.24 -7.11
CA ASN J 215 2.38 -1.17 -7.47
C ASN J 215 2.80 -1.42 -8.89
N ALA J 216 2.95 -0.36 -9.69
CA ALA J 216 3.58 -0.38 -11.02
C ALA J 216 2.83 -1.32 -11.99
N GLY J 217 1.60 -0.98 -12.27
CA GLY J 217 0.84 -1.71 -13.27
C GLY J 217 0.14 -2.95 -12.80
N VAL J 218 0.86 -3.83 -12.10
CA VAL J 218 0.30 -5.07 -11.60
C VAL J 218 -0.05 -4.87 -10.14
N THR J 219 -1.33 -5.00 -9.82
CA THR J 219 -1.82 -4.79 -8.47
C THR J 219 -2.46 -6.08 -7.98
N THR J 220 -2.10 -6.47 -6.75
CA THR J 220 -2.72 -7.62 -6.13
C THR J 220 -2.75 -7.43 -4.62
N PRO J 221 -3.86 -7.81 -3.95
CA PRO J 221 -5.15 -8.18 -4.53
C PRO J 221 -5.92 -6.96 -4.99
N VAL J 222 -7.07 -7.16 -5.61
CA VAL J 222 -7.87 -6.04 -6.12
C VAL J 222 -8.52 -5.31 -4.95
N SER J 223 -8.39 -3.99 -4.93
CA SER J 223 -8.90 -3.23 -3.81
C SER J 223 -10.40 -3.03 -3.95
N THR J 224 -10.96 -2.15 -3.13
CA THR J 224 -12.39 -1.90 -3.15
C THR J 224 -12.75 -0.53 -3.71
N TYR J 225 -11.78 0.32 -4.06
CA TYR J 225 -12.15 1.42 -4.94
C TYR J 225 -11.72 1.12 -6.36
N MET J 226 -10.74 0.23 -6.54
CA MET J 226 -10.47 -0.31 -7.86
C MET J 226 -11.69 -1.03 -8.41
N LEU J 227 -12.39 -1.73 -7.53
CA LEU J 227 -13.59 -2.46 -7.92
C LEU J 227 -14.45 -2.56 -6.67
N THR J 228 -15.55 -1.80 -6.64
CA THR J 228 -16.46 -1.84 -5.49
C THR J 228 -17.28 -3.12 -5.54
N ASN J 229 -18.20 -3.26 -4.59
CA ASN J 229 -18.77 -4.56 -4.31
C ASN J 229 -19.78 -5.00 -5.36
N SER J 230 -20.58 -4.07 -5.86
CA SER J 230 -21.69 -4.43 -6.75
C SER J 230 -21.21 -4.84 -8.13
N GLU J 231 -20.17 -4.22 -8.67
CA GLU J 231 -19.72 -4.62 -10.00
C GLU J 231 -18.86 -5.87 -9.93
N LEU J 232 -18.50 -6.31 -8.73
CA LEU J 232 -18.07 -7.69 -8.61
C LEU J 232 -19.25 -8.62 -8.84
N LEU J 233 -20.39 -8.29 -8.25
CA LEU J 233 -21.54 -9.18 -8.26
C LEU J 233 -22.12 -9.30 -9.65
N SER J 234 -22.05 -8.24 -10.44
CA SER J 234 -22.52 -8.30 -11.82
C SER J 234 -21.58 -9.08 -12.71
N LEU J 235 -20.28 -8.85 -12.61
CA LEU J 235 -19.32 -9.58 -13.41
C LEU J 235 -19.20 -11.05 -13.04
N ILE J 236 -19.63 -11.43 -11.84
CA ILE J 236 -19.77 -12.85 -11.53
C ILE J 236 -20.92 -13.38 -12.36
N ASN J 237 -22.04 -12.67 -12.36
CA ASN J 237 -23.22 -13.11 -13.09
C ASN J 237 -23.10 -12.89 -14.59
N ASP J 238 -22.06 -12.20 -15.05
CA ASP J 238 -21.84 -12.03 -16.48
C ASP J 238 -21.31 -13.31 -17.14
N MET J 239 -20.39 -14.01 -16.48
CA MET J 239 -19.59 -15.01 -17.15
C MET J 239 -20.40 -16.28 -17.46
N PRO J 240 -20.06 -16.98 -18.57
CA PRO J 240 -20.73 -18.24 -18.95
C PRO J 240 -20.31 -19.44 -18.12
N ILE J 241 -20.48 -19.35 -16.80
CA ILE J 241 -20.13 -20.42 -15.86
C ILE J 241 -21.41 -20.79 -15.13
N THR J 242 -21.50 -22.05 -14.69
CA THR J 242 -22.69 -22.57 -14.00
C THR J 242 -23.02 -21.84 -12.70
N ASN J 243 -24.31 -21.90 -12.34
CA ASN J 243 -24.79 -21.38 -11.07
C ASN J 243 -24.20 -22.12 -9.89
N ASP J 244 -23.86 -23.39 -10.07
CA ASP J 244 -23.22 -24.21 -9.07
C ASP J 244 -21.89 -23.62 -8.59
N GLN J 245 -21.13 -22.99 -9.47
CA GLN J 245 -19.93 -22.28 -9.06
C GLN J 245 -20.20 -20.84 -8.69
N LYS J 246 -21.14 -20.19 -9.41
CA LYS J 246 -21.47 -18.79 -9.17
C LYS J 246 -21.96 -18.53 -7.75
N LYS J 247 -22.72 -19.45 -7.18
CA LYS J 247 -23.17 -19.26 -5.82
C LYS J 247 -22.01 -19.44 -4.85
N LEU J 248 -21.08 -20.33 -5.19
CA LEU J 248 -19.90 -20.52 -4.36
C LEU J 248 -18.99 -19.29 -4.40
N MET J 249 -18.90 -18.64 -5.56
CA MET J 249 -18.09 -17.43 -5.66
C MET J 249 -18.72 -16.28 -4.89
N SER J 250 -20.04 -16.23 -4.84
CA SER J 250 -20.71 -15.25 -4.00
C SER J 250 -20.53 -15.57 -2.53
N ASN J 251 -20.25 -16.82 -2.18
CA ASN J 251 -20.04 -17.14 -0.79
C ASN J 251 -18.68 -16.66 -0.31
N ASN J 252 -17.60 -17.16 -0.92
CA ASN J 252 -16.26 -16.72 -0.57
C ASN J 252 -15.90 -15.46 -1.34
N VAL J 253 -16.50 -14.33 -0.96
CA VAL J 253 -16.29 -13.10 -1.70
C VAL J 253 -14.92 -12.52 -1.42
N GLN J 254 -14.32 -12.91 -0.30
CA GLN J 254 -13.07 -12.29 0.10
C GLN J 254 -11.87 -13.05 -0.47
N ILE J 255 -12.00 -14.37 -0.63
CA ILE J 255 -10.85 -15.16 -1.05
C ILE J 255 -10.58 -14.97 -2.54
N VAL J 256 -11.65 -14.95 -3.34
CA VAL J 256 -11.56 -14.76 -4.78
C VAL J 256 -11.00 -13.39 -5.10
N ARG J 257 -11.23 -12.41 -4.22
CA ARG J 257 -10.56 -11.12 -4.34
C ARG J 257 -9.06 -11.24 -4.16
N GLN J 258 -8.61 -12.18 -3.32
CA GLN J 258 -7.17 -12.37 -3.18
C GLN J 258 -6.56 -13.12 -4.35
N GLN J 259 -7.38 -13.69 -5.23
CA GLN J 259 -6.88 -14.31 -6.44
C GLN J 259 -7.19 -13.51 -7.69
N SER J 260 -7.78 -12.33 -7.54
CA SER J 260 -8.09 -11.47 -8.67
C SER J 260 -6.95 -10.51 -8.89
N TYR J 261 -6.83 -10.01 -10.10
CA TYR J 261 -5.74 -9.14 -10.51
C TYR J 261 -6.25 -8.03 -11.40
N SER J 262 -5.46 -6.97 -11.51
CA SER J 262 -5.79 -5.91 -12.46
C SER J 262 -4.52 -5.29 -13.01
N ILE J 263 -4.56 -4.92 -14.29
CA ILE J 263 -3.44 -4.33 -14.98
C ILE J 263 -3.91 -3.04 -15.62
N MET J 264 -3.19 -1.95 -15.35
CA MET J 264 -3.39 -0.68 -16.04
C MET J 264 -3.06 -0.81 -17.53
N SER J 265 -4.03 -0.51 -18.38
CA SER J 265 -3.79 -0.49 -19.82
C SER J 265 -3.63 0.91 -20.39
N ILE J 266 -4.65 1.76 -20.27
CA ILE J 266 -4.63 3.10 -20.86
C ILE J 266 -5.01 4.09 -19.78
N ILE J 267 -4.18 5.11 -19.58
CA ILE J 267 -4.40 6.11 -18.55
C ILE J 267 -4.08 7.49 -19.11
N LYS J 268 -5.12 8.31 -19.27
CA LYS J 268 -4.96 9.66 -19.79
C LYS J 268 -5.73 10.63 -18.90
N GLU J 269 -5.83 11.88 -19.37
CA GLU J 269 -6.37 12.97 -18.56
C GLU J 269 -7.88 12.86 -18.42
N GLU J 270 -8.54 12.30 -19.44
CA GLU J 270 -9.96 12.03 -19.37
C GLU J 270 -10.26 10.55 -19.58
N VAL J 271 -9.22 9.73 -19.73
CA VAL J 271 -9.35 8.31 -20.04
C VAL J 271 -8.67 7.52 -18.93
N LEU J 272 -9.39 6.55 -18.37
CA LEU J 272 -8.80 5.69 -17.36
C LEU J 272 -9.27 4.26 -17.55
N ALA J 273 -8.45 3.46 -18.23
CA ALA J 273 -8.86 2.15 -18.69
C ALA J 273 -7.87 1.09 -18.24
N TYR J 274 -8.38 0.04 -17.61
CA TYR J 274 -7.52 -0.98 -17.03
C TYR J 274 -8.22 -2.33 -17.13
N VAL J 275 -7.42 -3.37 -17.18
CA VAL J 275 -7.91 -4.72 -17.40
C VAL J 275 -8.10 -5.42 -16.08
N VAL J 276 -9.34 -5.83 -15.80
CA VAL J 276 -9.67 -6.57 -14.60
C VAL J 276 -9.59 -8.05 -14.95
N GLN J 277 -9.00 -8.85 -14.07
CA GLN J 277 -8.71 -10.24 -14.34
C GLN J 277 -9.24 -11.10 -13.20
N LEU J 278 -9.97 -12.17 -13.53
CA LEU J 278 -10.56 -13.05 -12.53
C LEU J 278 -10.24 -14.50 -12.86
N PRO J 279 -10.09 -15.38 -11.86
CA PRO J 279 -9.77 -16.78 -12.15
C PRO J 279 -11.01 -17.59 -12.51
N LEU J 280 -10.79 -18.66 -13.26
CA LEU J 280 -11.81 -19.66 -13.57
C LEU J 280 -11.39 -21.03 -13.05
N TYR J 281 -12.38 -21.86 -12.74
CA TYR J 281 -12.19 -23.07 -11.95
C TYR J 281 -12.66 -24.32 -12.69
N GLY J 282 -11.90 -25.40 -12.57
CA GLY J 282 -12.26 -26.64 -13.21
C GLY J 282 -13.05 -27.62 -12.37
N VAL J 283 -12.54 -27.98 -11.19
CA VAL J 283 -13.17 -28.99 -10.35
C VAL J 283 -13.81 -28.30 -9.15
N ILE J 284 -14.76 -28.99 -8.53
CA ILE J 284 -15.51 -28.51 -7.37
C ILE J 284 -15.70 -29.68 -6.42
N ASP J 285 -15.39 -29.45 -5.14
CA ASP J 285 -15.75 -30.34 -4.01
C ASP J 285 -15.08 -31.70 -4.12
N THR J 286 -13.78 -31.69 -4.15
CA THR J 286 -13.02 -32.92 -3.98
C THR J 286 -12.19 -32.82 -2.69
N PRO J 287 -12.16 -33.89 -1.89
CA PRO J 287 -11.67 -33.77 -0.53
C PRO J 287 -10.15 -33.61 -0.43
N CYS J 288 -9.69 -33.19 0.75
CA CYS J 288 -8.31 -32.79 0.95
C CYS J 288 -7.82 -33.12 2.35
N TRP J 289 -6.49 -33.15 2.49
CA TRP J 289 -5.82 -33.26 3.77
C TRP J 289 -4.37 -32.81 3.62
N LYS J 290 -3.89 -32.08 4.63
CA LYS J 290 -2.50 -31.68 4.74
C LYS J 290 -1.75 -32.77 5.48
N LEU J 291 -0.51 -33.05 5.06
CA LEU J 291 0.29 -34.02 5.80
C LEU J 291 1.17 -33.36 6.85
N HIS J 292 1.47 -34.11 7.91
CA HIS J 292 2.55 -33.80 8.83
C HIS J 292 3.34 -35.09 9.04
N THR J 293 4.58 -35.09 8.57
CA THR J 293 5.43 -36.28 8.62
C THR J 293 6.45 -36.16 9.74
N SER J 294 6.87 -37.31 10.27
CA SER J 294 7.75 -37.32 11.43
C SER J 294 8.63 -38.54 11.37
N PRO J 295 9.87 -38.48 11.90
CA PRO J 295 10.79 -39.61 11.78
C PRO J 295 10.38 -40.80 12.63
N LEU J 296 10.37 -41.97 12.01
CA LEU J 296 9.97 -43.21 12.67
C LEU J 296 11.15 -44.16 12.76
N CYS J 297 11.22 -44.89 13.86
CA CYS J 297 12.23 -45.93 14.02
C CYS J 297 11.70 -47.26 13.50
N ILE J 307 17.27 -49.07 13.00
CA ILE J 307 17.60 -47.74 12.52
C ILE J 307 16.34 -46.89 12.58
N CYS J 308 16.47 -45.60 12.33
CA CYS J 308 15.36 -44.66 12.50
C CYS J 308 15.30 -43.71 11.31
N LEU J 309 14.36 -43.99 10.40
CA LEU J 309 14.23 -43.28 9.13
C LEU J 309 13.34 -42.06 9.29
N THR J 310 13.09 -41.39 8.17
CA THR J 310 12.07 -40.35 8.10
C THR J 310 11.52 -40.26 6.69
N ARG J 311 10.43 -39.51 6.56
CA ARG J 311 9.62 -39.49 5.35
C ARG J 311 10.20 -38.54 4.31
N THR J 312 9.47 -38.36 3.22
CA THR J 312 9.85 -37.41 2.19
C THR J 312 8.73 -36.47 1.78
N ASP J 313 7.49 -36.94 1.74
CA ASP J 313 6.42 -36.28 1.00
C ASP J 313 5.47 -35.56 1.94
N ARG J 314 5.24 -34.27 1.67
CA ARG J 314 4.25 -33.46 2.36
C ARG J 314 3.56 -32.57 1.34
N GLY J 315 2.31 -32.24 1.63
CA GLY J 315 1.57 -31.39 0.71
C GLY J 315 0.10 -31.71 0.63
N TRP J 316 -0.58 -31.06 -0.30
CA TRP J 316 -2.03 -31.15 -0.40
C TRP J 316 -2.44 -32.23 -1.37
N TYR J 317 -3.67 -32.71 -1.19
CA TYR J 317 -4.15 -33.90 -1.89
C TYR J 317 -5.56 -33.68 -2.38
N CYS J 318 -5.76 -33.91 -3.66
CA CYS J 318 -7.06 -33.62 -4.27
C CYS J 318 -7.55 -34.82 -5.04
N ASP J 319 -8.82 -35.16 -4.87
CA ASP J 319 -9.45 -36.17 -5.69
C ASP J 319 -9.59 -35.63 -7.10
N ASN J 320 -9.27 -36.47 -8.08
CA ASN J 320 -9.23 -36.04 -9.46
C ASN J 320 -9.68 -37.19 -10.34
N ALA J 321 -9.90 -36.91 -11.63
CA ALA J 321 -10.40 -37.89 -12.58
C ALA J 321 -9.38 -39.01 -12.79
N GLY J 322 -9.63 -40.16 -12.17
CA GLY J 322 -8.74 -41.29 -12.23
C GLY J 322 -7.39 -41.07 -11.59
N SER J 323 -7.27 -40.10 -10.69
CA SER J 323 -5.95 -39.63 -10.29
C SER J 323 -6.04 -38.88 -8.97
N VAL J 324 -4.88 -38.66 -8.38
CA VAL J 324 -4.73 -37.92 -7.13
C VAL J 324 -3.80 -36.75 -7.41
N SER J 325 -4.31 -35.54 -7.28
CA SER J 325 -3.49 -34.36 -7.47
C SER J 325 -2.65 -34.12 -6.23
N PHE J 326 -1.40 -33.70 -6.45
CA PHE J 326 -0.47 -33.51 -5.35
C PHE J 326 0.22 -32.16 -5.51
N PHE J 327 0.38 -31.46 -4.39
CA PHE J 327 0.95 -30.13 -4.41
C PHE J 327 2.22 -30.11 -3.58
N PRO J 328 3.38 -30.02 -4.19
CA PRO J 328 4.63 -30.10 -3.43
C PRO J 328 4.93 -28.84 -2.66
N GLN J 329 4.64 -27.67 -3.23
CA GLN J 329 4.97 -26.41 -2.60
C GLN J 329 4.01 -26.15 -1.45
N ALA J 330 4.51 -25.48 -0.41
CA ALA J 330 3.81 -25.42 0.87
C ALA J 330 2.63 -24.48 0.87
N GLU J 331 2.64 -23.42 0.05
CA GLU J 331 1.59 -22.43 0.16
C GLU J 331 1.04 -21.89 -1.15
N THR J 332 0.96 -22.71 -2.20
CA THR J 332 0.18 -22.32 -3.37
C THR J 332 -1.32 -22.29 -3.09
N CYS J 333 -1.76 -22.91 -2.00
CA CYS J 333 -3.17 -23.07 -1.68
C CYS J 333 -3.57 -22.08 -0.60
N LYS J 334 -4.78 -21.53 -0.72
CA LYS J 334 -5.22 -20.54 0.23
C LYS J 334 -5.91 -21.19 1.42
N VAL J 335 -6.14 -20.39 2.45
CA VAL J 335 -6.52 -20.87 3.77
C VAL J 335 -7.98 -20.51 4.01
N GLN J 336 -8.81 -21.53 4.20
CA GLN J 336 -10.16 -21.34 4.69
C GLN J 336 -10.54 -22.60 5.43
N SER J 337 -11.44 -22.47 6.41
CA SER J 337 -11.88 -23.53 7.31
C SER J 337 -12.36 -24.83 6.65
N ASN J 338 -12.86 -24.76 5.42
CA ASN J 338 -13.36 -25.96 4.77
C ASN J 338 -12.87 -26.06 3.34
N ARG J 339 -12.35 -24.97 2.79
CA ARG J 339 -12.08 -24.87 1.37
C ARG J 339 -10.63 -24.46 1.15
N VAL J 340 -10.08 -24.98 0.06
CA VAL J 340 -8.77 -24.57 -0.44
C VAL J 340 -8.87 -24.37 -1.94
N PHE J 341 -7.97 -23.55 -2.47
CA PHE J 341 -8.05 -23.10 -3.86
C PHE J 341 -6.64 -22.95 -4.40
N CYS J 342 -6.28 -23.81 -5.35
CA CYS J 342 -4.89 -23.94 -5.74
C CYS J 342 -4.79 -23.79 -7.25
N ASP J 343 -3.55 -23.82 -7.75
CA ASP J 343 -3.30 -23.78 -9.18
C ASP J 343 -3.22 -25.18 -9.76
N THR J 344 -3.24 -25.24 -11.08
CA THR J 344 -3.11 -26.50 -11.79
C THR J 344 -1.81 -26.62 -12.58
N MET J 345 -1.12 -25.52 -12.84
CA MET J 345 0.15 -25.59 -13.56
C MET J 345 1.34 -25.82 -12.65
N ASN J 346 1.08 -26.23 -11.41
CA ASN J 346 2.11 -26.29 -10.38
C ASN J 346 1.96 -27.54 -9.55
N SER J 347 1.24 -28.53 -10.07
CA SER J 347 0.80 -29.67 -9.29
C SER J 347 1.45 -30.95 -9.79
N LEU J 348 1.37 -31.98 -8.95
CA LEU J 348 1.78 -33.30 -9.36
C LEU J 348 0.58 -34.23 -9.44
N THR J 349 0.67 -35.20 -10.34
CA THR J 349 -0.38 -36.17 -10.55
C THR J 349 0.08 -37.53 -10.04
N LEU J 350 -0.83 -38.23 -9.37
CA LEU J 350 -0.48 -39.49 -8.72
C LEU J 350 -1.62 -40.48 -8.94
N PRO J 351 -1.31 -41.77 -8.97
CA PRO J 351 -2.36 -42.80 -8.87
C PRO J 351 -2.89 -42.86 -7.45
N SER J 352 -4.08 -43.43 -7.32
CA SER J 352 -4.76 -43.48 -6.03
C SER J 352 -4.22 -44.56 -5.10
N GLU J 353 -3.23 -45.34 -5.54
CA GLU J 353 -2.63 -46.37 -4.72
C GLU J 353 -1.70 -45.82 -3.66
N VAL J 354 -1.37 -44.52 -3.72
CA VAL J 354 -0.50 -43.91 -2.73
C VAL J 354 -1.17 -43.72 -1.38
N ASN J 355 -2.49 -43.90 -1.30
CA ASN J 355 -3.15 -43.99 0.00
C ASN J 355 -2.72 -45.22 0.77
N LEU J 356 -2.23 -46.25 0.10
CA LEU J 356 -1.72 -47.43 0.74
C LEU J 356 -0.28 -47.29 1.20
N CYS J 357 0.34 -46.12 0.99
CA CYS J 357 1.67 -45.87 1.56
C CYS J 357 1.62 -45.65 3.07
N ASN J 358 0.43 -45.45 3.65
CA ASN J 358 0.32 -45.27 5.09
C ASN J 358 0.41 -46.57 5.87
N VAL J 359 0.42 -47.71 5.19
CA VAL J 359 0.56 -48.99 5.88
C VAL J 359 1.93 -49.56 5.60
N ASP J 360 2.23 -49.82 4.33
CA ASP J 360 3.51 -50.39 3.94
C ASP J 360 4.51 -49.28 3.63
N ILE J 361 5.78 -49.58 3.84
CA ILE J 361 6.87 -48.71 3.43
C ILE J 361 7.35 -49.14 2.06
N PHE J 362 7.74 -50.41 1.96
CA PHE J 362 8.27 -50.96 0.73
C PHE J 362 7.12 -51.61 -0.04
N ASN J 363 6.27 -50.75 -0.56
CA ASN J 363 5.08 -51.19 -1.26
C ASN J 363 5.46 -51.58 -2.69
N PRO J 364 5.14 -52.79 -3.14
CA PRO J 364 5.27 -53.09 -4.57
C PRO J 364 4.28 -52.33 -5.43
N LYS J 365 3.21 -51.81 -4.83
CA LYS J 365 2.25 -51.00 -5.57
C LYS J 365 2.80 -49.64 -5.91
N TYR J 366 3.54 -49.02 -4.98
CA TYR J 366 4.09 -47.71 -5.25
C TYR J 366 5.41 -47.53 -4.52
N ASP J 367 6.35 -46.83 -5.18
CA ASP J 367 7.61 -46.40 -4.59
C ASP J 367 7.35 -45.27 -3.60
N CYS J 368 6.90 -45.65 -2.41
CA CYS J 368 6.67 -44.68 -1.36
C CYS J 368 8.01 -44.09 -0.91
N LYS J 369 8.12 -42.76 -1.03
CA LYS J 369 9.39 -42.08 -0.94
C LYS J 369 9.91 -42.03 0.49
N ILE J 370 11.23 -42.09 0.62
CA ILE J 370 11.88 -42.43 1.88
C ILE J 370 13.12 -41.57 2.01
N MET J 371 13.47 -41.25 3.26
CA MET J 371 14.68 -40.51 3.57
C MET J 371 15.49 -41.33 4.57
N THR J 372 16.67 -41.78 4.15
CA THR J 372 17.43 -42.75 4.92
C THR J 372 18.13 -42.12 6.11
N SER J 373 18.33 -42.94 7.13
CA SER J 373 19.12 -42.63 8.31
C SER J 373 19.40 -43.92 9.05
N LYS J 374 20.46 -43.90 9.85
CA LYS J 374 20.69 -44.94 10.85
C LYS J 374 20.91 -44.26 12.18
N THR J 375 21.58 -43.11 12.15
CA THR J 375 21.75 -42.30 13.34
C THR J 375 20.44 -41.64 13.69
N ASP J 376 20.04 -41.74 14.96
CA ASP J 376 18.74 -41.22 15.36
C ASP J 376 18.77 -39.70 15.45
N VAL J 377 17.61 -39.08 15.22
CA VAL J 377 17.40 -37.65 15.35
C VAL J 377 16.02 -37.41 15.97
N SER J 378 15.94 -36.49 16.92
CA SER J 378 14.68 -36.27 17.62
C SER J 378 13.90 -35.12 16.99
N SER J 379 12.57 -35.28 16.90
CA SER J 379 11.75 -34.32 16.17
C SER J 379 10.36 -34.26 16.77
N SER J 380 9.70 -33.13 16.54
CA SER J 380 8.29 -32.94 16.86
C SER J 380 7.69 -31.96 15.86
N VAL J 381 6.49 -32.29 15.37
CA VAL J 381 5.85 -31.52 14.31
C VAL J 381 4.50 -31.02 14.79
N ILE J 382 4.29 -29.72 14.72
CA ILE J 382 3.08 -29.07 15.19
C ILE J 382 2.06 -29.03 14.06
N THR J 383 0.87 -29.58 14.30
CA THR J 383 -0.16 -29.50 13.27
C THR J 383 -1.08 -28.32 13.58
N SER J 384 -2.18 -28.21 12.85
CA SER J 384 -3.15 -27.18 13.15
C SER J 384 -4.10 -27.61 14.25
N LEU J 385 -4.25 -28.92 14.46
CA LEU J 385 -5.27 -29.46 15.36
C LEU J 385 -4.68 -30.61 16.18
N GLY J 386 -3.41 -30.50 16.52
CA GLY J 386 -2.73 -31.49 17.32
C GLY J 386 -1.22 -31.44 17.12
N ALA J 387 -0.54 -32.45 17.67
CA ALA J 387 0.91 -32.45 17.64
C ALA J 387 1.45 -33.87 17.59
N ILE J 388 2.53 -34.05 16.85
CA ILE J 388 3.20 -35.33 16.70
C ILE J 388 4.58 -35.22 17.32
N VAL J 389 4.97 -36.23 18.08
CA VAL J 389 6.29 -36.30 18.69
C VAL J 389 7.03 -37.53 18.18
N SER J 390 8.36 -37.43 18.11
CA SER J 390 9.24 -38.52 17.69
C SER J 390 10.39 -38.59 18.69
N CYS J 391 10.04 -38.62 19.96
CA CYS J 391 11.02 -38.53 21.04
C CYS J 391 11.81 -39.82 21.14
N TYR J 392 13.07 -39.70 21.56
CA TYR J 392 13.94 -40.87 21.62
C TYR J 392 15.10 -40.61 22.56
N GLY J 393 15.49 -41.66 23.27
CA GLY J 393 16.76 -41.73 23.97
C GLY J 393 16.85 -40.83 25.18
N LYS J 394 17.91 -40.04 25.23
CA LYS J 394 18.15 -39.18 26.38
C LYS J 394 17.48 -37.82 26.21
N THR J 395 16.69 -37.64 25.16
CA THR J 395 15.87 -36.46 25.01
C THR J 395 14.65 -36.56 25.92
N LYS J 396 14.43 -35.53 26.72
CA LYS J 396 13.32 -35.49 27.66
C LYS J 396 12.15 -34.75 27.02
N CYS J 397 10.97 -35.37 27.03
CA CYS J 397 9.81 -34.90 26.30
C CYS J 397 8.60 -34.90 27.22
N THR J 398 7.85 -33.81 27.22
CA THR J 398 6.82 -33.61 28.22
C THR J 398 5.62 -32.88 27.63
N ALA J 399 4.44 -33.48 27.79
CA ALA J 399 3.18 -32.85 27.46
C ALA J 399 2.62 -32.18 28.71
N SER J 400 1.89 -31.08 28.52
CA SER J 400 1.46 -30.27 29.65
C SER J 400 0.13 -29.59 29.35
N ASN J 401 -0.44 -29.01 30.41
CA ASN J 401 -1.65 -28.20 30.32
C ASN J 401 -1.47 -26.97 31.20
N LYS J 402 -2.05 -25.86 30.76
CA LYS J 402 -1.84 -24.59 31.46
C LYS J 402 -2.64 -24.48 32.73
N ASN J 403 -3.53 -25.42 33.01
CA ASN J 403 -4.40 -25.34 34.17
C ASN J 403 -4.36 -26.64 34.96
N ARG J 404 -3.85 -27.70 34.32
CA ARG J 404 -3.70 -28.99 34.95
C ARG J 404 -2.23 -29.38 35.11
N GLY J 405 -1.31 -28.50 34.75
CA GLY J 405 0.09 -28.83 34.86
C GLY J 405 0.49 -29.84 33.81
N ILE J 406 1.49 -30.65 34.19
CA ILE J 406 1.96 -31.72 33.33
C ILE J 406 0.94 -32.85 33.31
N ILE J 407 0.52 -33.26 32.12
CA ILE J 407 -0.30 -34.46 32.03
C ILE J 407 0.58 -35.70 31.99
N LYS J 408 1.61 -35.69 31.15
CA LYS J 408 2.41 -36.90 30.96
C LYS J 408 3.78 -36.54 30.40
N THR J 409 4.63 -37.55 30.33
CA THR J 409 5.85 -37.54 29.55
C THR J 409 5.82 -38.72 28.58
N PHE J 410 6.90 -38.86 27.81
CA PHE J 410 6.89 -39.78 26.68
C PHE J 410 8.06 -40.75 26.74
N SER J 411 7.90 -41.83 25.96
CA SER J 411 8.90 -42.87 25.82
C SER J 411 9.65 -42.69 24.50
N ASN J 412 10.51 -43.63 24.19
CA ASN J 412 11.28 -43.58 22.95
C ASN J 412 10.42 -44.06 21.78
N GLY J 413 9.95 -43.12 20.98
CA GLY J 413 9.14 -43.48 19.83
C GLY J 413 8.00 -42.53 19.53
N CYS J 414 7.37 -42.75 18.38
CA CYS J 414 6.36 -41.88 17.83
C CYS J 414 5.08 -41.97 18.66
N ASP J 415 4.38 -40.84 18.79
CA ASP J 415 3.17 -40.76 19.59
C ASP J 415 2.38 -39.53 19.14
N TYR J 416 1.07 -39.57 19.38
CA TYR J 416 0.20 -38.47 18.96
C TYR J 416 -0.58 -37.93 20.15
N VAL J 417 -0.77 -36.61 20.17
CA VAL J 417 -1.56 -35.93 21.19
C VAL J 417 -2.54 -34.99 20.53
N SER J 418 -3.65 -34.71 21.21
CA SER J 418 -4.64 -33.78 20.69
C SER J 418 -4.58 -32.45 21.43
N ASN J 419 -5.01 -31.39 20.75
CA ASN J 419 -4.93 -30.01 21.27
C ASN J 419 -5.96 -29.67 22.33
N LYS J 420 -6.93 -30.51 22.72
CA LYS J 420 -7.96 -30.04 23.62
C LYS J 420 -7.48 -30.00 25.07
N GLY J 421 -6.68 -30.96 25.47
CA GLY J 421 -6.14 -30.96 26.80
C GLY J 421 -4.70 -30.47 26.83
N VAL J 422 -4.07 -30.46 25.67
CA VAL J 422 -2.66 -30.17 25.54
C VAL J 422 -2.49 -28.81 24.90
N ASP J 423 -1.70 -27.96 25.55
CA ASP J 423 -1.38 -26.64 25.05
C ASP J 423 0.09 -26.39 24.87
N THR J 424 0.94 -26.95 25.74
CA THR J 424 2.38 -26.73 25.68
C THR J 424 3.09 -28.07 25.69
N VAL J 425 4.16 -28.17 24.92
CA VAL J 425 4.99 -29.35 24.82
C VAL J 425 6.45 -28.93 24.83
N SER J 426 7.22 -29.48 25.77
CA SER J 426 8.64 -29.23 25.87
C SER J 426 9.39 -30.37 25.22
N VAL J 427 10.18 -30.08 24.20
CA VAL J 427 11.06 -31.06 23.58
C VAL J 427 12.49 -30.61 23.79
N GLY J 428 13.21 -31.31 24.67
CA GLY J 428 14.53 -30.88 25.04
C GLY J 428 14.45 -29.62 25.88
N ASN J 429 14.83 -28.49 25.31
CA ASN J 429 14.66 -27.23 26.00
C ASN J 429 13.70 -26.37 25.18
N THR J 430 13.23 -26.92 24.07
CA THR J 430 12.35 -26.18 23.17
C THR J 430 10.89 -26.39 23.57
N LEU J 431 10.29 -25.35 24.13
CA LEU J 431 8.88 -25.39 24.49
C LEU J 431 8.08 -25.06 23.25
N TYR J 432 7.11 -25.91 22.94
CA TYR J 432 6.20 -25.67 21.84
C TYR J 432 4.85 -25.25 22.37
N TYR J 433 4.09 -24.55 21.55
CA TYR J 433 2.72 -24.18 21.83
C TYR J 433 1.85 -24.84 20.77
N VAL J 434 0.70 -25.36 21.18
CA VAL J 434 -0.26 -25.90 20.23
C VAL J 434 -1.53 -25.06 20.17
N ASN J 435 -2.08 -24.67 21.31
CA ASN J 435 -3.22 -23.75 21.31
C ASN J 435 -2.64 -22.35 21.28
N LYS J 436 -3.29 -21.44 20.54
CA LYS J 436 -2.83 -20.05 20.46
C LYS J 436 -3.04 -19.33 21.78
N GLN J 437 -2.27 -18.27 22.02
CA GLN J 437 -2.26 -17.61 23.32
C GLN J 437 -3.09 -16.34 23.28
N GLU J 438 -4.03 -16.25 24.23
CA GLU J 438 -4.85 -15.06 24.38
C GLU J 438 -4.04 -13.91 24.92
N GLY J 439 -4.53 -12.70 24.66
CA GLY J 439 -3.94 -11.51 25.24
C GLY J 439 -4.91 -10.76 26.11
N LYS J 440 -5.37 -9.63 25.61
CA LYS J 440 -6.32 -8.78 26.32
C LYS J 440 -7.03 -7.91 25.29
N SER J 441 -7.80 -6.95 25.77
CA SER J 441 -8.36 -5.91 24.91
C SER J 441 -7.68 -4.59 25.23
N LEU J 442 -7.79 -3.66 24.28
CA LEU J 442 -7.19 -2.35 24.47
C LEU J 442 -8.05 -1.33 23.75
N TYR J 443 -8.09 -0.12 24.32
CA TYR J 443 -9.02 0.91 23.91
C TYR J 443 -8.26 2.19 23.58
N VAL J 444 -8.63 2.79 22.46
CA VAL J 444 -8.22 4.15 22.13
C VAL J 444 -9.49 4.97 22.00
N LYS J 445 -9.64 5.97 22.85
CA LYS J 445 -10.92 6.60 23.07
C LYS J 445 -10.89 8.07 22.71
N GLY J 446 -12.05 8.58 22.32
CA GLY J 446 -12.20 9.99 22.00
C GLY J 446 -13.60 10.44 22.30
N GLU J 447 -13.86 11.73 22.08
CA GLU J 447 -15.18 12.28 22.31
C GLU J 447 -15.50 13.31 21.24
N PRO J 448 -16.77 13.42 20.82
CA PRO J 448 -17.11 14.28 19.69
C PRO J 448 -16.95 15.75 20.01
N ILE J 449 -16.88 16.56 18.95
CA ILE J 449 -16.69 17.99 19.08
C ILE J 449 -17.93 18.72 18.57
N ILE J 450 -18.04 19.99 18.96
CA ILE J 450 -19.21 20.81 18.67
C ILE J 450 -18.75 22.09 17.97
N ASN J 451 -19.45 22.45 16.90
CA ASN J 451 -19.20 23.70 16.19
C ASN J 451 -19.86 24.85 16.95
N PHE J 452 -19.27 26.04 16.82
CA PHE J 452 -19.83 27.22 17.48
C PHE J 452 -19.51 28.46 16.66
N TYR J 453 -20.46 29.39 16.67
CA TYR J 453 -20.30 30.71 16.07
C TYR J 453 -21.25 31.66 16.79
N ASP J 454 -21.45 32.84 16.23
CA ASP J 454 -22.52 33.70 16.68
C ASP J 454 -23.19 34.33 15.45
N PRO J 455 -24.51 34.44 15.46
CA PRO J 455 -25.19 35.11 14.34
C PRO J 455 -25.05 36.63 14.37
N LEU J 456 -25.74 37.32 13.47
CA LEU J 456 -25.66 38.77 13.37
C LEU J 456 -27.00 39.40 13.71
N VAL J 457 -26.97 40.69 14.02
CA VAL J 457 -28.11 41.37 14.64
C VAL J 457 -27.94 42.87 14.46
N PHE J 458 -29.07 43.60 14.49
CA PHE J 458 -29.11 45.05 14.71
C PHE J 458 -30.46 45.49 15.24
N PRO J 459 -30.50 46.33 16.28
CA PRO J 459 -31.78 46.86 16.76
C PRO J 459 -32.27 48.08 15.98
N SER J 460 -32.97 47.85 14.88
CA SER J 460 -33.25 48.91 13.93
C SER J 460 -34.52 49.71 14.23
N ASP J 461 -35.54 49.07 14.78
CA ASP J 461 -36.90 49.58 14.61
C ASP J 461 -37.14 50.84 15.46
N GLU J 462 -36.86 50.77 16.76
CA GLU J 462 -37.00 51.94 17.61
C GLU J 462 -35.96 53.00 17.27
N PHE J 463 -34.81 52.58 16.75
CA PHE J 463 -33.88 53.51 16.13
C PHE J 463 -34.54 54.21 14.95
N ASP J 464 -35.18 53.45 14.07
CA ASP J 464 -35.89 54.06 12.95
C ASP J 464 -37.15 54.77 13.39
N ALA J 465 -37.73 54.36 14.52
CA ALA J 465 -38.82 55.12 15.09
C ALA J 465 -38.33 56.42 15.68
N SER J 466 -37.10 56.42 16.22
CA SER J 466 -36.48 57.68 16.62
C SER J 466 -36.18 58.53 15.41
N ILE J 467 -35.85 57.90 14.29
CA ILE J 467 -35.79 58.63 13.02
C ILE J 467 -37.17 59.13 12.66
N SER J 468 -38.19 58.29 12.86
CA SER J 468 -39.56 58.70 12.64
C SER J 468 -39.99 59.76 13.64
N GLN J 469 -39.35 59.79 14.81
CA GLN J 469 -39.57 60.89 15.74
C GLN J 469 -39.03 62.20 15.17
N VAL J 470 -37.87 62.15 14.53
CA VAL J 470 -37.34 63.34 13.88
C VAL J 470 -38.15 63.63 12.61
N ASN J 471 -38.64 62.59 11.94
CA ASN J 471 -39.50 62.77 10.78
C ASN J 471 -40.82 63.42 11.16
N GLU J 472 -41.26 63.20 12.39
CA GLU J 472 -42.38 63.97 12.92
C GLU J 472 -41.99 65.44 13.05
N LYS J 473 -40.77 65.71 13.53
CA LYS J 473 -40.36 67.07 13.87
C LYS J 473 -40.23 67.96 12.64
N ILE J 474 -39.96 67.38 11.48
CA ILE J 474 -39.83 68.16 10.26
C ILE J 474 -41.18 68.72 9.86
N ASN J 475 -42.22 67.91 9.95
CA ASN J 475 -43.51 68.29 9.41
C ASN J 475 -44.37 69.03 10.41
N GLN J 476 -44.13 68.88 11.70
CA GLN J 476 -44.77 69.78 12.65
C GLN J 476 -44.03 71.10 12.76
N SER J 477 -42.80 71.17 12.24
CA SER J 477 -42.16 72.46 12.08
C SER J 477 -42.88 73.32 11.06
N LEU J 478 -43.58 72.68 10.11
CA LEU J 478 -44.39 73.40 9.14
C LEU J 478 -45.50 74.20 9.80
N ALA J 479 -46.01 73.71 10.94
CA ALA J 479 -46.97 74.49 11.72
C ALA J 479 -46.33 75.75 12.28
N PHE J 480 -45.07 75.66 12.68
CA PHE J 480 -44.33 76.87 13.02
C PHE J 480 -44.01 77.69 11.78
N ILE J 481 -43.84 77.03 10.63
CA ILE J 481 -43.52 77.73 9.39
C ILE J 481 -44.75 78.49 8.89
N ARG J 482 -45.84 77.75 8.64
CA ARG J 482 -46.92 78.29 7.84
C ARG J 482 -47.74 79.32 8.60
N LYS J 483 -47.94 79.10 9.90
CA LYS J 483 -48.68 80.07 10.71
C LYS J 483 -47.90 81.37 10.86
N SER J 484 -46.59 81.27 11.02
CA SER J 484 -45.77 82.48 11.06
C SER J 484 -45.69 83.14 9.69
N ASP J 485 -45.83 82.36 8.62
CA ASP J 485 -45.80 82.90 7.27
C ASP J 485 -47.17 83.31 6.76
N GLU J 486 -48.16 83.43 7.65
CA GLU J 486 -49.47 83.87 7.23
C GLU J 486 -49.50 85.37 6.96
N LEU J 487 -48.55 86.12 7.53
CA LEU J 487 -48.67 87.57 7.70
C LEU J 487 -48.53 88.37 6.42
N LEU J 488 -48.37 87.75 5.25
CA LEU J 488 -48.45 88.53 4.02
C LEU J 488 -49.89 88.89 3.70
N HIS J 489 -50.85 88.12 4.18
CA HIS J 489 -52.25 88.40 3.95
C HIS J 489 -53.15 87.26 4.37
N GLN K 1 6.47 -12.48 -34.02
CA GLN K 1 6.19 -13.71 -34.74
C GLN K 1 7.35 -14.68 -34.63
N ASN K 2 8.52 -14.14 -34.28
CA ASN K 2 9.76 -14.90 -34.17
C ASN K 2 9.81 -15.81 -32.97
N ILE K 3 8.92 -15.66 -31.99
CA ILE K 3 8.77 -16.64 -30.92
C ILE K 3 7.81 -17.72 -31.40
N THR K 4 8.16 -18.97 -31.14
CA THR K 4 7.41 -20.14 -31.59
C THR K 4 7.55 -21.21 -30.52
N GLU K 5 7.28 -22.45 -30.90
CA GLU K 5 7.41 -23.59 -30.00
C GLU K 5 7.62 -24.86 -30.81
N GLU K 6 7.71 -25.97 -30.10
CA GLU K 6 7.81 -27.28 -30.71
C GLU K 6 7.30 -28.33 -29.74
N PHE K 7 7.53 -29.60 -30.08
CA PHE K 7 6.99 -30.71 -29.32
C PHE K 7 7.96 -31.88 -29.46
N TYR K 8 7.94 -32.79 -28.49
CA TYR K 8 8.76 -34.00 -28.52
C TYR K 8 7.89 -35.19 -28.14
N GLN K 9 7.49 -35.97 -29.14
CA GLN K 9 6.75 -37.20 -28.86
C GLN K 9 7.65 -38.25 -28.21
N SER K 10 8.96 -38.12 -28.37
CA SER K 10 9.92 -39.06 -27.80
C SER K 10 9.88 -39.07 -26.27
N THR K 11 9.60 -37.93 -25.65
CA THR K 11 9.51 -37.86 -24.19
C THR K 11 8.21 -37.27 -23.67
N CYS K 12 7.28 -36.89 -24.56
CA CYS K 12 6.05 -36.16 -24.22
C CYS K 12 6.37 -34.90 -23.41
N SER K 13 7.13 -34.01 -24.04
CA SER K 13 7.57 -32.77 -23.44
C SER K 13 7.24 -31.62 -24.40
N ALA K 14 7.76 -30.43 -24.09
CA ALA K 14 7.58 -29.28 -24.95
C ALA K 14 8.72 -28.30 -24.75
N VAL K 15 8.94 -27.44 -25.74
CA VAL K 15 9.91 -26.36 -25.68
C VAL K 15 9.25 -25.15 -26.35
N SER K 16 9.17 -24.05 -25.62
CA SER K 16 8.62 -22.80 -26.15
C SER K 16 9.77 -21.82 -26.24
N LYS K 17 10.53 -21.87 -27.33
CA LYS K 17 11.73 -21.06 -27.46
C LYS K 17 11.51 -19.95 -28.47
N GLY K 18 12.39 -18.95 -28.42
CA GLY K 18 12.24 -17.73 -29.18
C GLY K 18 12.68 -16.55 -28.35
N TYR K 19 13.05 -16.83 -27.11
CA TYR K 19 13.34 -15.82 -26.11
C TYR K 19 14.82 -15.46 -26.13
N LEU K 20 15.20 -14.59 -25.19
CA LEU K 20 16.51 -13.99 -25.04
C LEU K 20 16.50 -13.22 -23.73
N SER K 21 17.59 -13.26 -22.98
CA SER K 21 17.44 -13.01 -21.55
C SER K 21 18.58 -12.17 -21.00
N ALA K 22 18.46 -11.81 -19.71
CA ALA K 22 19.51 -11.17 -18.94
C ALA K 22 19.32 -11.62 -17.48
N LEU K 23 20.40 -11.59 -16.70
CA LEU K 23 20.40 -12.15 -15.35
C LEU K 23 21.09 -11.17 -14.39
N ARG K 24 20.60 -11.13 -13.16
CA ARG K 24 21.14 -10.16 -12.21
C ARG K 24 22.44 -10.65 -11.58
N THR K 25 23.50 -9.83 -11.68
CA THR K 25 24.76 -10.21 -11.03
C THR K 25 25.36 -9.15 -10.12
N GLY K 26 24.60 -8.14 -9.70
CA GLY K 26 25.18 -7.16 -8.81
C GLY K 26 24.15 -6.17 -8.30
N TRP K 27 24.64 -5.06 -7.76
CA TRP K 27 23.78 -4.01 -7.24
C TRP K 27 24.39 -2.64 -7.50
N TYR K 28 23.52 -1.64 -7.61
CA TYR K 28 23.94 -0.25 -7.74
C TYR K 28 23.14 0.59 -6.76
N THR K 29 23.84 1.16 -5.79
CA THR K 29 23.21 1.83 -4.66
C THR K 29 23.56 3.30 -4.69
N SER K 30 22.66 4.12 -4.15
CA SER K 30 22.90 5.56 -4.04
C SER K 30 22.02 6.15 -2.93
N VAL K 31 22.14 7.46 -2.76
CA VAL K 31 21.55 8.20 -1.65
C VAL K 31 20.70 9.35 -2.21
N ILE K 32 19.51 9.53 -1.65
CA ILE K 32 18.64 10.66 -1.99
C ILE K 32 18.40 11.48 -0.74
N THR K 33 18.49 12.81 -0.87
CA THR K 33 18.49 13.71 0.27
C THR K 33 17.44 14.82 0.11
N ILE K 34 16.18 14.47 -0.09
CA ILE K 34 15.09 15.44 -0.18
C ILE K 34 14.90 16.17 1.16
N GLU K 35 14.63 17.47 1.11
CA GLU K 35 14.27 18.27 2.26
C GLU K 35 12.81 18.70 2.13
N LEU K 36 12.35 19.53 3.07
CA LEU K 36 10.97 20.02 3.07
C LEU K 36 10.93 21.54 3.22
N SER K 37 9.75 22.10 3.02
CA SER K 37 9.43 23.47 3.36
C SER K 37 8.42 23.49 4.50
N ASN K 38 8.26 24.66 5.11
CA ASN K 38 7.35 24.83 6.24
C ASN K 38 6.93 26.28 6.35
N ILE K 39 6.42 26.63 7.52
CA ILE K 39 5.85 27.93 7.78
C ILE K 39 6.35 28.44 9.13
N LYS K 40 5.90 29.65 9.47
CA LYS K 40 6.10 30.26 10.77
C LYS K 40 4.78 30.23 11.54
N GLU K 41 4.85 30.63 12.81
CA GLU K 41 3.65 30.72 13.61
C GLU K 41 3.18 32.16 13.67
N ASN K 42 1.98 32.41 13.19
CA ASN K 42 1.44 33.75 13.08
C ASN K 42 1.08 34.27 14.45
N LYS K 43 1.22 35.57 14.65
CA LYS K 43 0.78 36.21 15.88
C LYS K 43 -0.45 37.06 15.60
N CYS K 44 -1.62 36.50 15.88
CA CYS K 44 -2.88 37.20 15.68
C CYS K 44 -3.89 36.63 16.65
N ASN K 45 -5.01 37.32 16.81
CA ASN K 45 -6.14 36.77 17.53
C ASN K 45 -7.23 36.47 16.51
N GLY K 46 -7.68 35.22 16.48
CA GLY K 46 -8.66 34.80 15.51
C GLY K 46 -10.07 34.78 16.08
N THR K 47 -10.95 34.08 15.35
CA THR K 47 -12.34 33.98 15.75
C THR K 47 -12.51 33.04 16.94
N ASP K 48 -12.12 31.77 16.79
CA ASP K 48 -12.24 30.80 17.85
C ASP K 48 -10.88 30.56 18.50
N ALA K 49 -10.89 30.43 19.83
CA ALA K 49 -9.70 30.10 20.60
C ALA K 49 -9.51 28.60 20.76
N LYS K 50 -10.05 27.82 19.84
CA LYS K 50 -9.93 26.38 19.86
C LYS K 50 -9.24 25.83 18.62
N VAL K 51 -9.52 26.40 17.45
CA VAL K 51 -9.05 25.86 16.17
C VAL K 51 -7.56 26.16 16.03
N LYS K 52 -6.75 25.11 16.03
CA LYS K 52 -5.28 25.19 16.08
C LYS K 52 -4.67 24.45 14.90
N LEU K 53 -5.14 24.80 13.71
CA LEU K 53 -4.63 24.21 12.47
C LEU K 53 -3.14 24.48 12.26
N ILE K 54 -2.63 25.57 12.83
CA ILE K 54 -1.21 25.85 12.73
C ILE K 54 -0.40 24.89 13.58
N LYS K 55 -1.02 24.36 14.64
CA LYS K 55 -0.27 23.55 15.58
C LYS K 55 -0.71 22.09 15.52
N GLN K 56 -2.01 21.86 15.71
CA GLN K 56 -2.52 20.50 15.85
C GLN K 56 -2.49 19.70 14.55
N GLU K 57 -2.20 20.36 13.43
CA GLU K 57 -1.86 19.65 12.21
C GLU K 57 -0.36 19.52 12.02
N LEU K 58 0.41 20.52 12.45
CA LEU K 58 1.84 20.50 12.16
C LEU K 58 2.58 19.50 13.03
N ASP K 59 2.16 19.35 14.29
CA ASP K 59 2.77 18.36 15.17
C ASP K 59 2.47 16.95 14.73
N LYS K 60 1.36 16.77 14.02
CA LYS K 60 0.99 15.46 13.50
C LYS K 60 2.02 14.95 12.51
N TYR K 61 2.69 15.85 11.79
CA TYR K 61 3.90 15.45 11.08
C TYR K 61 4.98 15.00 12.06
N LYS K 62 5.24 15.81 13.10
CA LYS K 62 6.24 15.47 14.10
C LYS K 62 5.85 14.26 14.93
N ASN K 63 4.55 13.96 15.03
CA ASN K 63 4.15 12.69 15.64
C ASN K 63 4.56 11.51 14.77
N ALA K 64 4.64 11.70 13.46
CA ALA K 64 5.12 10.62 12.62
C ALA K 64 6.63 10.47 12.72
N VAL K 65 7.35 11.57 12.95
CA VAL K 65 8.80 11.55 12.91
C VAL K 65 9.35 10.77 14.10
N THR K 66 8.71 10.92 15.27
CA THR K 66 9.14 10.20 16.46
C THR K 66 8.83 8.72 16.34
N GLU K 67 7.80 8.38 15.56
CA GLU K 67 7.48 6.98 15.33
C GLU K 67 8.54 6.31 14.47
N LEU K 68 8.90 6.93 13.35
CA LEU K 68 9.70 6.22 12.36
C LEU K 68 11.14 6.08 12.80
N GLN K 69 11.65 7.06 13.55
CA GLN K 69 13.02 6.97 14.02
C GLN K 69 13.18 5.93 15.12
N LEU K 70 12.10 5.46 15.71
CA LEU K 70 12.13 4.33 16.62
C LEU K 70 11.94 3.01 15.91
N LEU K 71 12.13 2.97 14.59
CA LEU K 71 12.21 1.73 13.83
C LEU K 71 13.63 1.49 13.32
N MET K 72 14.63 1.99 14.04
CA MET K 72 16.02 1.84 13.64
C MET K 72 16.85 1.49 14.85
N GLN K 73 17.84 0.63 14.65
CA GLN K 73 18.85 0.32 15.67
C GLN K 73 20.21 0.17 15.00
N SER L 130 -52.35 109.73 13.12
CA SER L 130 -53.58 109.22 12.52
C SER L 130 -53.68 107.71 12.67
N LYS L 131 -52.87 107.00 11.88
CA LYS L 131 -52.90 105.54 11.81
C LYS L 131 -51.92 104.92 12.81
N VAL L 132 -52.12 105.28 14.08
CA VAL L 132 -51.23 104.84 15.14
C VAL L 132 -51.41 103.36 15.43
N LEU L 133 -52.64 102.87 15.41
CA LEU L 133 -52.92 101.45 15.63
C LEU L 133 -52.67 100.60 14.38
N HIS L 134 -52.32 101.23 13.26
CA HIS L 134 -52.08 100.54 12.01
C HIS L 134 -50.65 100.02 11.87
N LEU L 135 -49.66 100.80 12.30
CA LEU L 135 -48.27 100.39 12.23
C LEU L 135 -47.77 99.77 13.53
N GLU L 136 -48.68 99.24 14.34
CA GLU L 136 -48.31 98.58 15.59
C GLU L 136 -48.86 97.16 15.63
N GLY L 137 -50.03 96.96 15.01
CA GLY L 137 -50.69 95.66 15.09
C GLY L 137 -49.92 94.56 14.36
N GLU L 138 -49.43 94.88 13.17
CA GLU L 138 -48.58 93.94 12.44
C GLU L 138 -47.23 93.78 13.13
N VAL L 139 -46.75 94.83 13.79
CA VAL L 139 -45.56 94.73 14.62
C VAL L 139 -45.79 93.77 15.78
N ASN L 140 -46.99 93.79 16.35
CA ASN L 140 -47.37 92.74 17.28
C ASN L 140 -47.48 91.39 16.59
N LYS L 141 -47.91 91.38 15.33
CA LYS L 141 -48.06 90.11 14.63
C LYS L 141 -46.71 89.49 14.29
N ILE L 142 -45.74 90.32 13.92
CA ILE L 142 -44.42 89.77 13.63
C ILE L 142 -43.66 89.46 14.90
N LYS L 143 -44.11 89.97 16.05
CA LYS L 143 -43.46 89.71 17.32
C LYS L 143 -43.54 88.23 17.68
N SER L 144 -44.76 87.68 17.65
CA SER L 144 -44.91 86.25 17.86
C SER L 144 -44.40 85.44 16.67
N ALA L 145 -44.42 86.04 15.48
CA ALA L 145 -43.87 85.36 14.30
C ALA L 145 -42.37 85.17 14.43
N LEU L 146 -41.68 86.18 14.95
CA LEU L 146 -40.26 86.00 15.29
C LEU L 146 -40.10 85.12 16.52
N LEU L 147 -41.08 85.14 17.43
CA LEU L 147 -41.04 84.24 18.58
C LEU L 147 -41.27 82.81 18.14
N SER L 148 -42.19 82.59 17.20
CA SER L 148 -42.40 81.27 16.65
C SER L 148 -41.26 80.85 15.75
N THR L 149 -40.57 81.82 15.15
CA THR L 149 -39.37 81.54 14.40
C THR L 149 -38.31 80.89 15.28
N ASN L 150 -38.11 81.41 16.48
CA ASN L 150 -37.23 80.76 17.41
C ASN L 150 -37.88 79.50 17.98
N LYS L 151 -39.21 79.48 18.08
CA LYS L 151 -39.86 78.23 18.44
C LYS L 151 -39.88 77.24 17.30
N ALA L 152 -39.58 77.67 16.07
CA ALA L 152 -39.35 76.73 14.99
C ALA L 152 -37.97 76.08 15.11
N VAL L 153 -36.99 76.83 15.63
CA VAL L 153 -35.64 76.31 15.82
C VAL L 153 -35.63 75.16 16.82
N VAL L 154 -36.55 75.22 17.79
CA VAL L 154 -36.82 74.09 18.68
C VAL L 154 -37.16 72.84 17.87
N SER L 155 -38.02 72.98 16.87
CA SER L 155 -38.29 71.87 15.98
C SER L 155 -37.09 71.56 15.09
N LEU L 156 -36.38 72.60 14.66
CA LEU L 156 -35.23 72.44 13.79
C LEU L 156 -34.05 71.78 14.51
N SER L 157 -33.53 72.46 15.53
CA SER L 157 -32.23 72.11 16.07
C SER L 157 -32.24 70.82 16.87
N ASN L 158 -33.39 70.41 17.39
CA ASN L 158 -33.38 69.29 18.30
C ASN L 158 -33.32 67.97 17.54
N GLY L 159 -34.06 67.86 16.45
CA GLY L 159 -34.09 66.62 15.70
C GLY L 159 -32.79 66.32 14.99
N VAL L 160 -32.04 67.37 14.64
CA VAL L 160 -30.75 67.13 14.02
C VAL L 160 -29.69 66.87 15.08
N SER L 161 -29.88 67.40 16.29
CA SER L 161 -28.94 67.14 17.37
C SER L 161 -29.02 65.71 17.84
N VAL L 162 -30.20 65.11 17.79
CA VAL L 162 -30.31 63.69 18.07
C VAL L 162 -30.02 62.85 16.84
N LEU L 163 -30.09 63.44 15.64
CA LEU L 163 -29.61 62.74 14.45
C LEU L 163 -28.11 62.56 14.51
N THR L 164 -27.42 63.49 15.17
CA THR L 164 -26.01 63.30 15.47
C THR L 164 -25.80 62.08 16.35
N SER L 165 -26.69 61.87 17.31
CA SER L 165 -26.63 60.65 18.10
C SER L 165 -26.95 59.43 17.26
N LYS L 166 -27.77 59.59 16.22
CA LYS L 166 -28.17 58.45 15.39
C LYS L 166 -27.01 57.91 14.57
N VAL L 167 -26.21 58.79 13.98
CA VAL L 167 -25.09 58.31 13.19
C VAL L 167 -23.98 57.79 14.10
N LEU L 168 -23.93 58.29 15.34
CA LEU L 168 -22.98 57.76 16.30
C LEU L 168 -23.36 56.38 16.76
N ASP L 169 -24.65 56.08 16.76
CA ASP L 169 -25.08 54.70 16.97
C ASP L 169 -24.56 53.82 15.84
N LEU L 170 -24.62 54.34 14.61
CA LEU L 170 -24.08 53.61 13.48
C LEU L 170 -22.56 53.63 13.50
N LYS L 171 -21.97 54.71 13.99
CA LYS L 171 -20.54 54.71 14.29
C LYS L 171 -20.21 53.70 15.37
N ASN L 172 -21.09 53.55 16.36
CA ASN L 172 -20.89 52.51 17.37
C ASN L 172 -21.19 51.11 16.85
N TYR L 173 -21.88 50.99 15.72
CA TYR L 173 -22.18 49.65 15.25
C TYR L 173 -21.08 49.11 14.36
N ILE L 174 -20.38 49.98 13.64
CA ILE L 174 -19.14 49.57 12.96
C ILE L 174 -17.97 49.52 13.92
N ASP L 175 -18.15 50.04 15.14
CA ASP L 175 -17.09 50.10 16.12
C ASP L 175 -16.70 48.72 16.59
N LYS L 176 -17.68 47.89 16.92
CA LYS L 176 -17.46 46.59 17.51
C LYS L 176 -18.00 45.44 16.68
N GLN L 177 -19.05 45.65 15.90
CA GLN L 177 -19.75 44.55 15.25
C GLN L 177 -19.32 44.32 13.81
N LEU L 178 -18.51 45.20 13.23
CA LEU L 178 -18.05 44.97 11.87
C LEU L 178 -16.54 44.83 11.80
N LEU L 179 -15.81 45.84 12.22
CA LEU L 179 -14.37 45.88 12.07
C LEU L 179 -13.61 44.92 12.99
N PRO L 180 -14.00 44.68 14.25
CA PRO L 180 -13.38 43.56 14.96
C PRO L 180 -13.80 42.21 14.45
N ILE L 181 -14.87 42.12 13.67
CA ILE L 181 -15.38 40.82 13.26
C ILE L 181 -14.59 40.28 12.08
N VAL L 182 -14.42 41.10 11.04
CA VAL L 182 -13.96 40.61 9.75
C VAL L 182 -12.50 40.21 9.80
N ASN L 183 -11.69 40.99 10.51
CA ASN L 183 -10.25 40.73 10.56
C ASN L 183 -9.89 39.52 11.40
N LYS L 184 -10.80 39.03 12.26
CA LYS L 184 -10.51 37.79 12.96
C LYS L 184 -10.48 36.61 12.01
N GLN L 185 -11.40 36.57 11.04
CA GLN L 185 -11.36 35.51 10.04
C GLN L 185 -10.18 35.68 9.12
N SER L 186 -9.78 36.94 8.87
CA SER L 186 -8.67 37.26 7.97
C SER L 186 -7.35 36.67 8.41
N CYS L 187 -7.22 36.30 9.68
CA CYS L 187 -6.14 35.42 10.11
C CYS L 187 -6.61 34.00 10.36
N SER L 188 -7.92 33.81 10.65
CA SER L 188 -8.43 32.46 10.89
C SER L 188 -8.61 31.70 9.58
N ILE L 189 -9.28 32.30 8.60
CA ILE L 189 -9.46 31.59 7.34
C ILE L 189 -8.17 31.61 6.53
N SER L 190 -7.21 32.45 6.91
CA SER L 190 -5.91 32.40 6.28
C SER L 190 -5.09 31.21 6.75
N ASN L 191 -5.53 30.51 7.80
CA ASN L 191 -4.76 29.37 8.27
C ASN L 191 -4.90 28.17 7.33
N ILE L 192 -6.00 28.08 6.59
CA ILE L 192 -6.16 26.89 5.77
C ILE L 192 -5.31 26.99 4.51
N GLU L 193 -5.03 28.19 4.04
CA GLU L 193 -4.05 28.33 2.97
C GLU L 193 -2.63 28.18 3.46
N THR L 194 -2.42 27.94 4.74
CA THR L 194 -1.23 27.24 5.15
C THR L 194 -1.45 25.73 5.08
N VAL L 195 -2.64 25.26 5.50
CA VAL L 195 -2.87 23.84 5.72
C VAL L 195 -2.94 23.06 4.42
N ILE L 196 -3.80 23.50 3.49
CA ILE L 196 -3.87 22.86 2.18
C ILE L 196 -2.55 23.06 1.44
N GLU L 197 -1.99 24.25 1.54
CA GLU L 197 -0.71 24.51 0.89
C GLU L 197 0.47 23.87 1.61
N PHE L 198 0.29 23.40 2.84
CA PHE L 198 1.28 22.47 3.37
C PHE L 198 1.21 21.16 2.64
N GLN L 199 0.01 20.72 2.26
CA GLN L 199 -0.17 19.46 1.59
C GLN L 199 -0.26 19.61 0.08
N GLN L 200 -0.32 20.83 -0.42
CA GLN L 200 -0.30 21.04 -1.86
C GLN L 200 1.12 20.95 -2.39
N LYS L 201 1.97 21.86 -1.94
CA LYS L 201 3.31 21.99 -2.52
C LYS L 201 4.26 20.90 -2.05
N ASN L 202 4.07 20.39 -0.83
CA ASN L 202 4.99 19.44 -0.24
C ASN L 202 4.51 18.00 -0.42
N ASN L 203 3.84 17.72 -1.53
CA ASN L 203 3.10 16.47 -1.66
C ASN L 203 4.02 15.28 -1.84
N ARG L 204 5.19 15.50 -2.43
CA ARG L 204 6.08 14.37 -2.72
C ARG L 204 6.63 13.75 -1.44
N LEU L 205 6.88 14.57 -0.43
CA LEU L 205 7.30 14.03 0.85
C LEU L 205 6.14 13.36 1.58
N LEU L 206 4.91 13.73 1.25
CA LEU L 206 3.77 13.25 2.01
C LEU L 206 3.47 11.79 1.74
N GLU L 207 3.70 11.33 0.51
CA GLU L 207 3.47 9.92 0.23
C GLU L 207 4.56 9.08 0.86
N ILE L 208 5.82 9.54 0.79
CA ILE L 208 6.93 8.70 1.21
C ILE L 208 7.00 8.57 2.73
N THR L 209 6.32 9.45 3.47
CA THR L 209 6.05 9.16 4.87
C THR L 209 5.20 7.91 5.01
N ARG L 210 4.25 7.70 4.10
CA ARG L 210 3.18 6.74 4.35
C ARG L 210 3.66 5.30 4.19
N GLU L 211 4.54 5.02 3.22
CA GLU L 211 4.96 3.63 3.02
C GLU L 211 5.84 3.15 4.16
N PHE L 212 6.77 3.98 4.62
CA PHE L 212 7.60 3.55 5.71
C PHE L 212 6.87 3.53 7.05
N SER L 213 5.67 4.09 7.09
CA SER L 213 4.76 3.78 8.19
C SER L 213 4.24 2.35 8.11
N VAL L 214 4.16 1.76 6.91
CA VAL L 214 3.54 0.46 6.73
C VAL L 214 4.51 -0.57 6.18
N ASN L 215 5.31 -0.21 5.16
CA ASN L 215 6.21 -1.19 4.57
C ASN L 215 7.43 -1.43 5.43
N ALA L 216 7.66 -0.59 6.43
CA ALA L 216 8.60 -0.81 7.53
C ALA L 216 10.04 -0.96 7.04
N GLY L 217 10.56 0.12 6.47
CA GLY L 217 11.97 0.17 6.17
C GLY L 217 12.35 -0.38 4.80
N VAL L 218 11.83 -1.56 4.48
CA VAL L 218 12.09 -2.19 3.18
C VAL L 218 10.86 -2.02 2.32
N THR L 219 11.02 -1.33 1.21
CA THR L 219 9.92 -1.00 0.32
C THR L 219 10.15 -1.64 -1.03
N THR L 220 9.14 -2.36 -1.52
CA THR L 220 9.22 -2.96 -2.84
C THR L 220 7.83 -3.00 -3.46
N PRO L 221 7.70 -2.73 -4.76
CA PRO L 221 8.74 -2.13 -5.61
C PRO L 221 8.83 -0.63 -5.37
N VAL L 222 9.81 0.02 -6.00
CA VAL L 222 10.02 1.46 -5.83
C VAL L 222 8.87 2.22 -6.47
N SER L 223 8.30 3.17 -5.74
CA SER L 223 7.16 3.90 -6.27
C SER L 223 7.60 4.98 -7.23
N THR L 224 6.67 5.87 -7.57
CA THR L 224 6.97 6.98 -8.46
C THR L 224 6.87 8.33 -7.77
N TYR L 225 6.69 8.39 -6.45
CA TYR L 225 7.03 9.65 -5.81
C TYR L 225 8.36 9.56 -5.10
N MET L 226 8.75 8.38 -4.64
CA MET L 226 10.09 8.26 -4.10
C MET L 226 11.14 8.24 -5.20
N LEU L 227 10.72 8.07 -6.45
CA LEU L 227 11.64 8.17 -7.57
C LEU L 227 10.80 8.59 -8.77
N THR L 228 10.79 9.88 -9.04
CA THR L 228 9.94 10.49 -10.07
C THR L 228 10.62 10.40 -11.43
N ASN L 229 10.72 9.18 -11.96
CA ASN L 229 10.98 8.88 -13.37
C ASN L 229 12.31 9.42 -13.91
N SER L 230 12.48 10.74 -13.92
CA SER L 230 13.68 11.34 -14.49
C SER L 230 14.94 11.00 -13.72
N GLU L 231 14.84 10.82 -12.41
CA GLU L 231 16.03 10.43 -11.66
C GLU L 231 16.22 8.92 -11.68
N LEU L 232 15.38 8.20 -12.39
CA LEU L 232 15.85 6.91 -12.90
C LEU L 232 16.76 7.12 -14.08
N LEU L 233 16.36 8.01 -14.99
CA LEU L 233 17.05 8.18 -16.26
C LEU L 233 18.43 8.77 -16.05
N SER L 234 18.58 9.64 -15.05
CA SER L 234 19.90 10.13 -14.70
C SER L 234 20.74 9.06 -14.02
N LEU L 235 20.17 8.34 -13.06
CA LEU L 235 20.91 7.30 -12.37
C LEU L 235 21.14 6.06 -13.22
N ILE L 236 20.42 5.89 -14.31
CA ILE L 236 20.83 4.90 -15.30
C ILE L 236 22.11 5.39 -15.93
N ASN L 237 22.12 6.64 -16.37
CA ASN L 237 23.27 7.18 -17.06
C ASN L 237 24.42 7.52 -16.13
N ASP L 238 24.22 7.42 -14.82
CA ASP L 238 25.32 7.60 -13.89
C ASP L 238 26.26 6.41 -13.85
N MET L 239 25.72 5.19 -13.87
CA MET L 239 26.50 4.02 -13.50
C MET L 239 27.49 3.64 -14.60
N PRO L 240 28.68 3.09 -14.21
CA PRO L 240 29.71 2.67 -15.17
C PRO L 240 29.39 1.35 -15.88
N ILE L 241 28.27 1.32 -16.59
CA ILE L 241 27.81 0.16 -17.34
C ILE L 241 27.69 0.57 -18.79
N THR L 242 27.88 -0.37 -19.71
CA THR L 242 27.82 -0.12 -21.15
C THR L 242 26.48 0.42 -21.64
N ASN L 243 26.53 1.13 -22.76
CA ASN L 243 25.34 1.63 -23.43
C ASN L 243 24.47 0.50 -23.95
N ASP L 244 25.08 -0.64 -24.24
CA ASP L 244 24.37 -1.84 -24.67
C ASP L 244 23.35 -2.31 -23.65
N GLN L 245 23.64 -2.17 -22.36
CA GLN L 245 22.65 -2.47 -21.34
C GLN L 245 21.79 -1.27 -21.00
N LYS L 246 22.37 -0.06 -21.01
CA LYS L 246 21.66 1.15 -20.63
C LYS L 246 20.45 1.43 -21.51
N LYS L 247 20.55 1.16 -22.81
CA LYS L 247 19.41 1.39 -23.68
C LYS L 247 18.34 0.34 -23.43
N LEU L 248 18.76 -0.87 -23.07
CA LEU L 248 17.81 -1.92 -22.70
C LEU L 248 17.09 -1.58 -21.41
N MET L 249 17.79 -0.97 -20.45
CA MET L 249 17.15 -0.59 -19.20
C MET L 249 16.19 0.57 -19.41
N SER L 250 16.49 1.46 -20.34
CA SER L 250 15.54 2.49 -20.70
C SER L 250 14.34 1.92 -21.43
N ASN L 251 14.50 0.75 -22.06
CA ASN L 251 13.37 0.14 -22.74
C ASN L 251 12.38 -0.45 -21.76
N ASN L 252 12.82 -1.38 -20.93
CA ASN L 252 11.95 -1.98 -19.92
C ASN L 252 11.97 -1.15 -18.64
N VAL L 253 11.32 0.02 -18.69
CA VAL L 253 11.35 0.94 -17.56
C VAL L 253 10.50 0.41 -16.42
N GLN L 254 9.52 -0.43 -16.72
CA GLN L 254 8.59 -0.85 -15.69
C GLN L 254 9.09 -2.09 -14.97
N ILE L 255 9.83 -2.96 -15.66
CA ILE L 255 10.20 -4.23 -15.05
C ILE L 255 11.33 -4.03 -14.05
N VAL L 256 12.31 -3.20 -14.41
CA VAL L 256 13.46 -2.91 -13.55
C VAL L 256 13.01 -2.19 -12.28
N ARG L 257 11.91 -1.44 -12.36
CA ARG L 257 11.30 -0.88 -11.18
C ARG L 257 10.77 -1.96 -10.25
N GLN L 258 10.33 -3.09 -10.80
CA GLN L 258 9.87 -4.17 -9.93
C GLN L 258 11.03 -4.94 -9.30
N GLN L 259 12.27 -4.70 -9.75
CA GLN L 259 13.42 -5.32 -9.13
C GLN L 259 14.23 -4.34 -8.31
N SER L 260 13.78 -3.11 -8.17
CA SER L 260 14.50 -2.09 -7.44
C SER L 260 13.97 -2.02 -6.02
N TYR L 261 14.76 -1.47 -5.11
CA TYR L 261 14.44 -1.43 -3.69
C TYR L 261 14.82 -0.08 -3.10
N SER L 262 14.07 0.34 -2.08
CA SER L 262 14.40 1.53 -1.34
C SER L 262 14.42 1.21 0.14
N ILE L 263 15.44 1.68 0.84
CA ILE L 263 15.59 1.43 2.27
C ILE L 263 15.80 2.77 2.96
N MET L 264 14.98 3.05 3.97
CA MET L 264 15.14 4.21 4.82
C MET L 264 16.43 4.10 5.64
N SER L 265 17.22 5.18 5.65
CA SER L 265 18.44 5.24 6.44
C SER L 265 18.42 6.30 7.53
N ILE L 266 18.17 7.57 7.19
CA ILE L 266 18.09 8.64 8.18
C ILE L 266 16.82 9.43 7.91
N ILE L 267 16.00 9.59 8.94
CA ILE L 267 14.75 10.32 8.82
C ILE L 267 14.58 11.25 10.03
N LYS L 268 14.66 12.55 9.79
CA LYS L 268 14.50 13.54 10.85
C LYS L 268 13.53 14.62 10.38
N GLU L 269 13.45 15.70 11.16
CA GLU L 269 12.44 16.72 10.96
C GLU L 269 12.75 17.60 9.76
N GLU L 270 14.04 17.76 9.47
CA GLU L 270 14.46 18.46 8.27
C GLU L 270 15.33 17.59 7.38
N VAL L 271 15.51 16.33 7.76
CA VAL L 271 16.41 15.40 7.08
C VAL L 271 15.61 14.21 6.64
N LEU L 272 15.73 13.84 5.36
CA LEU L 272 15.08 12.63 4.88
C LEU L 272 15.99 11.90 3.90
N ALA L 273 16.73 10.92 4.41
CA ALA L 273 17.78 10.26 3.66
C ALA L 273 17.54 8.76 3.60
N TYR L 274 17.48 8.22 2.39
CA TYR L 274 17.15 6.83 2.20
C TYR L 274 17.99 6.26 1.07
N VAL L 275 18.14 4.94 1.08
CA VAL L 275 19.01 4.25 0.14
C VAL L 275 18.18 3.69 -1.00
N VAL L 276 18.55 4.10 -2.22
CA VAL L 276 17.95 3.57 -3.44
C VAL L 276 18.87 2.49 -3.95
N GLN L 277 18.30 1.34 -4.31
CA GLN L 277 19.06 0.17 -4.70
C GLN L 277 18.58 -0.34 -6.04
N LEU L 278 19.51 -0.61 -6.96
CA LEU L 278 19.19 -1.07 -8.29
C LEU L 278 19.98 -2.32 -8.65
N PRO L 279 19.44 -3.22 -9.46
CA PRO L 279 20.19 -4.43 -9.82
C PRO L 279 21.18 -4.19 -10.95
N LEU L 280 22.25 -4.98 -10.95
CA LEU L 280 23.21 -5.01 -12.05
C LEU L 280 23.23 -6.38 -12.71
N TYR L 281 23.60 -6.39 -13.99
CA TYR L 281 23.37 -7.54 -14.88
C TYR L 281 24.67 -8.09 -15.45
N GLY L 282 24.77 -9.42 -15.54
CA GLY L 282 25.93 -10.04 -16.12
C GLY L 282 25.84 -10.39 -17.59
N VAL L 283 24.81 -11.13 -18.00
CA VAL L 283 24.69 -11.61 -19.37
C VAL L 283 23.54 -10.87 -20.05
N ILE L 284 23.56 -10.88 -21.38
CA ILE L 284 22.54 -10.24 -22.20
C ILE L 284 22.27 -11.16 -23.39
N ASP L 285 20.98 -11.42 -23.65
CA ASP L 285 20.48 -12.05 -24.87
C ASP L 285 20.98 -13.48 -25.03
N THR L 286 20.68 -14.29 -24.05
CA THR L 286 20.82 -15.72 -24.23
C THR L 286 19.44 -16.37 -24.23
N PRO L 287 19.19 -17.30 -25.14
CA PRO L 287 17.81 -17.74 -25.38
C PRO L 287 17.24 -18.63 -24.27
N CYS L 288 15.91 -18.76 -24.28
CA CYS L 288 15.19 -19.39 -23.18
C CYS L 288 13.96 -20.13 -23.64
N TRP L 289 13.48 -21.03 -22.79
CA TRP L 289 12.22 -21.73 -22.97
C TRP L 289 11.77 -22.32 -21.64
N LYS L 290 10.47 -22.27 -21.40
CA LYS L 290 9.83 -22.91 -20.25
C LYS L 290 9.43 -24.31 -20.63
N LEU L 291 9.57 -25.26 -19.71
CA LEU L 291 9.12 -26.62 -20.01
C LEU L 291 7.71 -26.89 -19.52
N HIS L 292 7.10 -27.94 -20.05
CA HIS L 292 5.88 -28.53 -19.53
C HIS L 292 5.99 -30.04 -19.69
N THR L 293 6.20 -30.74 -18.59
CA THR L 293 6.30 -32.18 -18.62
C THR L 293 4.92 -32.82 -18.58
N SER L 294 4.85 -34.07 -19.02
CA SER L 294 3.59 -34.79 -19.04
C SER L 294 3.92 -36.27 -19.01
N PRO L 295 3.11 -37.10 -18.34
CA PRO L 295 3.46 -38.51 -18.17
C PRO L 295 3.27 -39.30 -19.45
N LEU L 296 4.32 -39.99 -19.87
CA LEU L 296 4.32 -40.76 -21.10
C LEU L 296 4.32 -42.25 -20.80
N CYS L 297 3.61 -43.02 -21.61
CA CYS L 297 3.64 -44.46 -21.52
C CYS L 297 4.79 -45.03 -22.32
N ILE L 307 4.38 -49.89 -18.96
CA ILE L 307 4.23 -49.00 -17.82
C ILE L 307 4.21 -47.58 -18.33
N CYS L 308 3.86 -46.62 -17.47
CA CYS L 308 3.63 -45.24 -17.90
C CYS L 308 4.30 -44.29 -16.90
N LEU L 309 5.49 -43.84 -17.25
CA LEU L 309 6.37 -43.07 -16.38
C LEU L 309 5.99 -41.60 -16.39
N THR L 310 6.81 -40.78 -15.72
CA THR L 310 6.58 -39.34 -15.62
C THR L 310 7.93 -38.65 -15.46
N ARG L 311 8.10 -37.53 -16.17
CA ARG L 311 9.29 -36.70 -16.00
C ARG L 311 9.24 -35.97 -14.67
N THR L 312 10.34 -35.27 -14.36
CA THR L 312 10.37 -34.39 -13.20
C THR L 312 10.64 -32.95 -13.59
N ASP L 313 11.71 -32.69 -14.33
CA ASP L 313 12.35 -31.38 -14.35
C ASP L 313 11.58 -30.36 -15.18
N ARG L 314 11.27 -29.22 -14.55
CA ARG L 314 10.66 -28.08 -15.21
C ARG L 314 11.42 -26.84 -14.78
N GLY L 315 11.36 -25.81 -15.63
CA GLY L 315 12.03 -24.57 -15.31
C GLY L 315 12.67 -23.89 -16.50
N TRP L 316 13.40 -22.82 -16.22
CA TRP L 316 13.92 -21.96 -17.26
C TRP L 316 15.34 -22.35 -17.64
N TYR L 317 15.72 -22.00 -18.85
CA TYR L 317 16.95 -22.47 -19.46
C TYR L 317 17.70 -21.34 -20.12
N CYS L 318 18.93 -21.11 -19.68
CA CYS L 318 19.70 -19.99 -20.16
C CYS L 318 21.01 -20.50 -20.74
N ASP L 319 21.38 -19.96 -21.90
CA ASP L 319 22.68 -20.23 -22.47
C ASP L 319 23.75 -19.56 -21.60
N ASN L 320 24.75 -20.32 -21.22
CA ASN L 320 25.79 -19.85 -20.32
C ASN L 320 27.14 -20.17 -20.93
N ALA L 321 28.18 -19.51 -20.43
CA ALA L 321 29.54 -19.76 -20.88
C ALA L 321 29.99 -21.16 -20.47
N GLY L 322 30.00 -22.07 -21.42
CA GLY L 322 30.41 -23.43 -21.17
C GLY L 322 29.39 -24.29 -20.45
N SER L 323 28.20 -23.77 -20.18
CA SER L 323 27.22 -24.55 -19.43
C SER L 323 25.82 -24.08 -19.81
N VAL L 324 24.83 -24.66 -19.13
CA VAL L 324 23.43 -24.32 -19.30
C VAL L 324 22.87 -23.98 -17.94
N SER L 325 22.41 -22.75 -17.78
CA SER L 325 21.81 -22.34 -16.51
C SER L 325 20.40 -22.89 -16.42
N PHE L 326 20.03 -23.31 -15.21
CA PHE L 326 18.73 -23.93 -14.99
C PHE L 326 18.13 -23.39 -13.72
N PHE L 327 16.82 -23.14 -13.76
CA PHE L 327 16.12 -22.53 -12.65
C PHE L 327 15.06 -23.47 -12.12
N PRO L 328 15.25 -24.05 -10.94
CA PRO L 328 14.29 -25.03 -10.45
C PRO L 328 13.00 -24.41 -9.97
N GLN L 329 13.08 -23.24 -9.32
CA GLN L 329 11.92 -22.60 -8.74
C GLN L 329 11.06 -22.01 -9.85
N ALA L 330 9.74 -21.97 -9.63
CA ALA L 330 8.79 -21.69 -10.69
C ALA L 330 8.76 -20.22 -11.08
N GLU L 331 8.99 -19.31 -10.15
CA GLU L 331 8.77 -17.90 -10.47
C GLU L 331 9.85 -16.94 -9.97
N THR L 332 11.13 -17.34 -9.95
CA THR L 332 12.19 -16.37 -9.75
C THR L 332 12.34 -15.42 -10.94
N CYS L 333 11.78 -15.76 -12.09
CA CYS L 333 11.95 -15.02 -13.33
C CYS L 333 10.71 -14.18 -13.60
N LYS L 334 10.92 -12.97 -14.10
CA LYS L 334 9.79 -12.09 -14.36
C LYS L 334 9.24 -12.31 -15.76
N VAL L 335 8.03 -11.79 -15.97
CA VAL L 335 7.20 -12.12 -17.12
C VAL L 335 7.21 -10.98 -18.09
N GLN L 336 7.69 -11.24 -19.31
CA GLN L 336 7.56 -10.31 -20.41
C GLN L 336 7.59 -11.15 -21.68
N SER L 337 6.94 -10.65 -22.73
CA SER L 337 6.73 -11.36 -24.00
C SER L 337 7.99 -11.85 -24.71
N ASN L 338 9.15 -11.23 -24.46
CA ASN L 338 10.36 -11.64 -25.15
C ASN L 338 11.53 -11.76 -24.18
N ARG L 339 11.36 -11.23 -22.98
CA ARG L 339 12.48 -11.08 -22.05
C ARG L 339 12.13 -11.68 -20.71
N VAL L 340 13.14 -12.26 -20.06
CA VAL L 340 13.04 -12.72 -18.68
C VAL L 340 14.28 -12.25 -17.94
N PHE L 341 14.16 -12.15 -16.62
CA PHE L 341 15.19 -11.54 -15.80
C PHE L 341 15.22 -12.24 -14.46
N CYS L 342 16.29 -12.99 -14.20
CA CYS L 342 16.30 -13.92 -13.09
C CYS L 342 17.52 -13.64 -12.23
N ASP L 343 17.64 -14.38 -11.13
CA ASP L 343 18.79 -14.28 -10.24
C ASP L 343 19.85 -15.30 -10.59
N THR L 344 21.02 -15.11 -10.00
CA THR L 344 22.13 -16.03 -10.22
C THR L 344 22.51 -16.83 -8.98
N MET L 345 22.10 -16.41 -7.79
CA MET L 345 22.41 -17.17 -6.58
C MET L 345 21.37 -18.22 -6.28
N ASN L 346 20.53 -18.57 -7.26
CA ASN L 346 19.36 -19.40 -7.05
C ASN L 346 19.20 -20.40 -8.19
N SER L 347 20.25 -20.60 -8.97
CA SER L 347 20.16 -21.31 -10.23
C SER L 347 20.96 -22.59 -10.17
N LEU L 348 20.71 -23.45 -11.15
CA LEU L 348 21.52 -24.64 -11.33
C LEU L 348 22.32 -24.55 -12.63
N THR L 349 23.45 -25.22 -12.64
CA THR L 349 24.31 -25.27 -13.81
C THR L 349 24.29 -26.68 -14.40
N LEU L 350 24.24 -26.74 -15.73
CA LEU L 350 24.07 -28.00 -16.43
C LEU L 350 24.96 -27.98 -17.67
N PRO L 351 25.45 -29.15 -18.09
CA PRO L 351 26.08 -29.26 -19.41
C PRO L 351 25.04 -29.13 -20.52
N SER L 352 25.54 -28.83 -21.72
CA SER L 352 24.66 -28.62 -22.85
C SER L 352 24.16 -29.92 -23.47
N GLU L 353 24.59 -31.07 -22.95
CA GLU L 353 24.14 -32.36 -23.48
C GLU L 353 22.74 -32.70 -23.02
N VAL L 354 22.16 -31.94 -22.09
CA VAL L 354 20.81 -32.18 -21.62
C VAL L 354 19.75 -31.80 -22.64
N ASN L 355 20.13 -31.10 -23.71
CA ASN L 355 19.23 -30.93 -24.83
C ASN L 355 18.92 -32.25 -25.53
N LEU L 356 19.80 -33.24 -25.38
CA LEU L 356 19.57 -34.56 -25.95
C LEU L 356 18.71 -35.44 -25.06
N CYS L 357 18.23 -34.93 -23.91
CA CYS L 357 17.27 -35.68 -23.12
C CYS L 357 15.89 -35.72 -23.76
N ASN L 358 15.62 -34.88 -24.75
CA ASN L 358 14.33 -34.89 -25.43
C ASN L 358 14.18 -36.04 -26.40
N VAL L 359 15.26 -36.74 -26.74
CA VAL L 359 15.19 -37.87 -27.63
C VAL L 359 15.31 -39.15 -26.82
N ASP L 360 16.43 -39.33 -26.14
CA ASP L 360 16.66 -40.52 -25.33
C ASP L 360 16.22 -40.27 -23.90
N ILE L 361 15.71 -41.32 -23.27
CA ILE L 361 15.39 -41.30 -21.86
C ILE L 361 16.55 -41.82 -21.03
N PHE L 362 17.05 -42.99 -21.40
CA PHE L 362 18.18 -43.60 -20.70
C PHE L 362 19.46 -43.27 -21.45
N ASN L 363 19.84 -42.01 -21.31
CA ASN L 363 20.97 -41.46 -22.04
C ASN L 363 22.26 -41.79 -21.28
N PRO L 364 23.24 -42.44 -21.92
CA PRO L 364 24.57 -42.53 -21.30
C PRO L 364 25.27 -41.20 -21.19
N LYS L 365 24.84 -40.21 -21.97
CA LYS L 365 25.42 -38.88 -21.88
C LYS L 365 24.98 -38.15 -20.62
N TYR L 366 23.72 -38.32 -20.22
CA TYR L 366 23.24 -37.62 -19.05
C TYR L 366 22.14 -38.42 -18.36
N ASP L 367 22.16 -38.36 -17.03
CA ASP L 367 21.12 -38.93 -16.17
C ASP L 367 19.86 -38.06 -16.26
N CYS L 368 19.10 -38.26 -17.33
CA CYS L 368 17.85 -37.54 -17.49
C CYS L 368 16.84 -38.02 -16.46
N LYS L 369 16.30 -37.10 -15.68
CA LYS L 369 15.54 -37.45 -14.48
C LYS L 369 14.13 -37.94 -14.84
N ILE L 370 13.49 -38.55 -13.85
CA ILE L 370 12.39 -39.47 -14.11
C ILE L 370 11.63 -39.66 -12.81
N MET L 371 10.36 -39.98 -12.91
CA MET L 371 9.58 -40.49 -11.79
C MET L 371 8.96 -41.81 -12.19
N THR L 372 9.15 -42.83 -11.35
CA THR L 372 8.70 -44.17 -11.68
C THR L 372 7.21 -44.31 -11.49
N SER L 373 6.61 -45.15 -12.33
CA SER L 373 5.22 -45.57 -12.20
C SER L 373 5.01 -46.81 -13.06
N LYS L 374 4.03 -47.61 -12.66
CA LYS L 374 3.54 -48.70 -13.50
C LYS L 374 2.04 -48.53 -13.63
N THR L 375 1.41 -48.10 -12.53
CA THR L 375 -0.01 -47.76 -12.56
C THR L 375 -0.20 -46.47 -13.33
N ASP L 376 -1.17 -46.46 -14.24
CA ASP L 376 -1.33 -45.29 -15.09
C ASP L 376 -2.04 -44.16 -14.33
N VAL L 377 -1.80 -42.93 -14.78
CA VAL L 377 -2.45 -41.73 -14.27
C VAL L 377 -2.70 -40.78 -15.44
N SER L 378 -3.91 -40.23 -15.53
CA SER L 378 -4.24 -39.33 -16.63
C SER L 378 -3.93 -37.89 -16.27
N SER L 379 -3.40 -37.15 -17.23
CA SER L 379 -2.91 -35.79 -16.95
C SER L 379 -3.06 -34.94 -18.20
N SER L 380 -3.20 -33.63 -17.97
CA SER L 380 -3.18 -32.62 -19.02
C SER L 380 -2.56 -31.35 -18.48
N VAL L 381 -1.65 -30.76 -19.26
CA VAL L 381 -0.87 -29.62 -18.80
C VAL L 381 -1.12 -28.43 -19.74
N ILE L 382 -1.57 -27.34 -19.16
CA ILE L 382 -1.90 -26.12 -19.90
C ILE L 382 -0.65 -25.28 -20.04
N THR L 383 -0.28 -24.94 -21.27
CA THR L 383 0.85 -24.04 -21.45
C THR L 383 0.35 -22.63 -21.70
N SER L 384 1.26 -21.72 -22.02
CA SER L 384 0.85 -20.36 -22.34
C SER L 384 0.36 -20.25 -23.78
N LEU L 385 0.79 -21.16 -24.65
CA LEU L 385 0.56 -21.06 -26.08
C LEU L 385 0.18 -22.44 -26.64
N GLY L 386 -0.60 -23.19 -25.88
CA GLY L 386 -1.05 -24.51 -26.28
C GLY L 386 -1.31 -25.41 -25.10
N ALA L 387 -1.57 -26.68 -25.39
CA ALA L 387 -1.94 -27.61 -24.34
C ALA L 387 -1.45 -29.01 -24.68
N ILE L 388 -1.03 -29.72 -23.64
CA ILE L 388 -0.56 -31.10 -23.76
C ILE L 388 -1.52 -32.00 -23.02
N VAL L 389 -1.86 -33.12 -23.63
CA VAL L 389 -2.72 -34.13 -23.01
C VAL L 389 -1.97 -35.44 -22.88
N SER L 390 -2.32 -36.22 -21.85
CA SER L 390 -1.76 -37.54 -21.59
C SER L 390 -2.94 -38.47 -21.29
N CYS L 391 -3.95 -38.42 -22.14
CA CYS L 391 -5.20 -39.14 -21.91
C CYS L 391 -4.99 -40.64 -22.05
N TYR L 392 -5.78 -41.42 -21.33
CA TYR L 392 -5.58 -42.85 -21.30
C TYR L 392 -6.85 -43.54 -20.83
N GLY L 393 -7.09 -44.72 -21.41
CA GLY L 393 -8.03 -45.69 -20.86
C GLY L 393 -9.47 -45.28 -20.97
N LYS L 394 -10.18 -45.35 -19.85
CA LYS L 394 -11.60 -45.03 -19.83
C LYS L 394 -11.84 -43.57 -19.51
N THR L 395 -10.79 -42.75 -19.51
CA THR L 395 -10.95 -41.31 -19.40
C THR L 395 -11.33 -40.73 -20.76
N LYS L 396 -12.41 -39.95 -20.77
CA LYS L 396 -12.91 -39.35 -22.00
C LYS L 396 -12.33 -37.95 -22.15
N CYS L 397 -11.70 -37.69 -23.29
CA CYS L 397 -10.96 -36.47 -23.51
C CYS L 397 -11.39 -35.83 -24.82
N THR L 398 -11.68 -34.53 -24.78
CA THR L 398 -12.33 -33.88 -25.90
C THR L 398 -11.79 -32.46 -26.07
N ALA L 399 -11.35 -32.17 -27.30
CA ALA L 399 -10.98 -30.83 -27.71
C ALA L 399 -12.19 -30.14 -28.33
N SER L 400 -12.25 -28.82 -28.20
CA SER L 400 -13.44 -28.11 -28.62
C SER L 400 -13.10 -26.70 -29.06
N ASN L 401 -14.09 -26.04 -29.64
CA ASN L 401 -14.01 -24.65 -30.07
C ASN L 401 -15.31 -23.95 -29.72
N LYS L 402 -15.21 -22.68 -29.31
CA LYS L 402 -16.38 -21.96 -28.84
C LYS L 402 -17.30 -21.50 -29.95
N ASN L 403 -16.94 -21.73 -31.20
CA ASN L 403 -17.71 -21.26 -32.34
C ASN L 403 -17.90 -22.38 -33.36
N ARG L 404 -17.07 -23.41 -33.24
CA ARG L 404 -17.14 -24.58 -34.11
C ARG L 404 -17.50 -25.84 -33.35
N GLY L 405 -17.80 -25.74 -32.05
CA GLY L 405 -18.12 -26.90 -31.27
C GLY L 405 -16.91 -27.78 -31.05
N ILE L 406 -17.17 -29.08 -30.99
CA ILE L 406 -16.12 -30.07 -30.83
C ILE L 406 -15.35 -30.22 -32.13
N ILE L 407 -14.02 -30.12 -32.05
CA ILE L 407 -13.20 -30.49 -33.19
C ILE L 407 -12.93 -31.98 -33.20
N LYS L 408 -12.51 -32.53 -32.05
CA LYS L 408 -12.09 -33.92 -32.02
C LYS L 408 -12.13 -34.45 -30.60
N THR L 409 -11.89 -35.74 -30.47
CA THR L 409 -11.57 -36.40 -29.22
C THR L 409 -10.23 -37.12 -29.35
N PHE L 410 -9.82 -37.79 -28.28
CA PHE L 410 -8.47 -38.31 -28.21
C PHE L 410 -8.44 -39.80 -27.88
N SER L 411 -7.28 -40.39 -28.14
CA SER L 411 -7.02 -41.79 -27.89
C SER L 411 -6.15 -41.93 -26.65
N ASN L 412 -5.68 -43.16 -26.41
CA ASN L 412 -4.83 -43.41 -25.26
C ASN L 412 -3.39 -43.04 -25.58
N GLY L 413 -2.95 -41.88 -25.09
CA GLY L 413 -1.58 -41.48 -25.33
C GLY L 413 -1.37 -39.98 -25.46
N CYS L 414 -0.11 -39.58 -25.45
CA CYS L 414 0.31 -38.19 -25.46
C CYS L 414 -0.01 -37.55 -26.81
N ASP L 415 -0.39 -36.28 -26.79
CA ASP L 415 -0.79 -35.56 -27.99
C ASP L 415 -0.71 -34.07 -27.71
N TYR L 416 -0.54 -33.29 -28.77
CA TYR L 416 -0.40 -31.84 -28.64
C TYR L 416 -1.46 -31.12 -29.47
N VAL L 417 -1.97 -30.01 -28.92
CA VAL L 417 -2.94 -29.16 -29.61
C VAL L 417 -2.48 -27.71 -29.52
N SER L 418 -2.90 -26.90 -30.48
CA SER L 418 -2.54 -25.48 -30.48
C SER L 418 -3.74 -24.63 -30.07
N ASN L 419 -3.45 -23.46 -29.48
CA ASN L 419 -4.46 -22.54 -28.97
C ASN L 419 -5.22 -21.77 -30.03
N LYS L 420 -4.89 -21.83 -31.32
CA LYS L 420 -5.55 -20.94 -32.28
C LYS L 420 -6.94 -21.43 -32.64
N GLY L 421 -7.12 -22.75 -32.71
CA GLY L 421 -8.43 -23.28 -32.99
C GLY L 421 -9.09 -23.83 -31.74
N VAL L 422 -8.29 -24.11 -30.73
CA VAL L 422 -8.74 -24.78 -29.52
C VAL L 422 -8.80 -23.79 -28.39
N ASP L 423 -9.94 -23.77 -27.70
CA ASP L 423 -10.15 -22.90 -26.55
C ASP L 423 -10.49 -23.65 -25.29
N THR L 424 -11.24 -24.75 -25.38
CA THR L 424 -11.68 -25.50 -24.22
C THR L 424 -11.35 -26.97 -24.42
N VAL L 425 -10.90 -27.61 -23.35
CA VAL L 425 -10.58 -29.04 -23.33
C VAL L 425 -11.17 -29.65 -22.07
N SER L 426 -11.98 -30.69 -22.25
CA SER L 426 -12.57 -31.43 -21.14
C SER L 426 -11.75 -32.67 -20.89
N VAL L 427 -11.21 -32.81 -19.68
CA VAL L 427 -10.51 -34.02 -19.28
C VAL L 427 -11.27 -34.66 -18.13
N GLY L 428 -11.94 -35.77 -18.40
CA GLY L 428 -12.79 -36.37 -17.40
C GLY L 428 -14.02 -35.50 -17.21
N ASN L 429 -14.11 -34.82 -16.08
CA ASN L 429 -15.19 -33.88 -15.88
C ASN L 429 -14.59 -32.49 -15.74
N THR L 430 -13.27 -32.42 -15.81
CA THR L 430 -12.56 -31.16 -15.65
C THR L 430 -12.45 -30.44 -16.99
N LEU L 431 -13.16 -29.34 -17.13
CA LEU L 431 -13.08 -28.53 -18.33
C LEU L 431 -11.92 -27.56 -18.14
N TYR L 432 -11.05 -27.50 -19.13
CA TYR L 432 -9.94 -26.56 -19.13
C TYR L 432 -10.21 -25.46 -20.12
N TYR L 433 -9.54 -24.33 -19.92
CA TYR L 433 -9.56 -23.22 -20.84
C TYR L 433 -8.14 -22.99 -21.31
N VAL L 434 -7.96 -22.72 -22.59
CA VAL L 434 -6.65 -22.37 -23.11
C VAL L 434 -6.58 -20.91 -23.52
N ASN L 435 -7.58 -20.40 -24.23
CA ASN L 435 -7.63 -18.97 -24.55
C ASN L 435 -8.32 -18.29 -23.38
N LYS L 436 -7.89 -17.08 -23.05
CA LYS L 436 -8.52 -16.30 -21.97
C LYS L 436 -9.92 -15.86 -22.38
N GLN L 437 -10.77 -15.58 -21.41
CA GLN L 437 -12.17 -15.32 -21.68
C GLN L 437 -12.48 -13.84 -21.62
N GLU L 438 -13.11 -13.34 -22.69
CA GLU L 438 -13.52 -11.96 -22.76
C GLU L 438 -14.70 -11.70 -21.83
N GLY L 439 -14.83 -10.45 -21.42
CA GLY L 439 -15.99 -10.03 -20.65
C GLY L 439 -16.79 -8.97 -21.38
N LYS L 440 -16.72 -7.75 -20.88
CA LYS L 440 -17.41 -6.62 -21.46
C LYS L 440 -16.68 -5.35 -21.03
N SER L 441 -17.30 -4.20 -21.28
CA SER L 441 -16.82 -2.94 -20.74
C SER L 441 -17.84 -2.40 -19.75
N LEU L 442 -17.37 -1.51 -18.89
CA LEU L 442 -18.24 -0.91 -17.88
C LEU L 442 -17.78 0.50 -17.62
N TYR L 443 -18.75 1.36 -17.32
CA TYR L 443 -18.56 2.79 -17.25
C TYR L 443 -19.01 3.32 -15.91
N VAL L 444 -18.20 4.19 -15.32
CA VAL L 444 -18.61 4.99 -14.18
C VAL L 444 -18.47 6.45 -14.60
N LYS L 445 -19.59 7.15 -14.65
CA LYS L 445 -19.66 8.41 -15.37
C LYS L 445 -20.02 9.56 -14.44
N GLY L 446 -19.51 10.73 -14.77
CA GLY L 446 -19.80 11.94 -14.02
C GLY L 446 -19.90 13.12 -14.95
N GLU L 447 -20.00 14.30 -14.36
CA GLU L 447 -20.11 15.53 -15.13
C GLU L 447 -19.54 16.67 -14.32
N PRO L 448 -18.93 17.67 -14.96
CA PRO L 448 -18.20 18.72 -14.22
C PRO L 448 -19.11 19.62 -13.43
N ILE L 449 -18.51 20.34 -12.48
CA ILE L 449 -19.24 21.23 -11.59
C ILE L 449 -18.77 22.66 -11.81
N ILE L 450 -19.64 23.60 -11.41
CA ILE L 450 -19.47 25.02 -11.70
C ILE L 450 -19.50 25.80 -10.40
N ASN L 451 -18.56 26.73 -10.23
CA ASN L 451 -18.56 27.64 -9.11
C ASN L 451 -19.47 28.83 -9.40
N PHE L 452 -20.02 29.42 -8.33
CA PHE L 452 -20.87 30.59 -8.48
C PHE L 452 -20.78 31.46 -7.24
N TYR L 453 -20.86 32.77 -7.45
CA TYR L 453 -20.95 33.75 -6.38
C TYR L 453 -21.67 34.98 -6.92
N ASP L 454 -21.63 36.06 -6.16
CA ASP L 454 -22.10 37.35 -6.65
C ASP L 454 -21.18 38.43 -6.08
N PRO L 455 -20.81 39.42 -6.90
CA PRO L 455 -19.97 40.51 -6.40
C PRO L 455 -20.72 41.52 -5.54
N LEU L 456 -20.04 42.60 -5.16
CA LEU L 456 -20.63 43.67 -4.36
C LEU L 456 -20.84 44.90 -5.23
N VAL L 457 -21.71 45.80 -4.78
CA VAL L 457 -22.19 46.90 -5.61
C VAL L 457 -22.78 47.97 -4.70
N PHE L 458 -22.77 49.22 -5.17
CA PHE L 458 -23.56 50.30 -4.58
C PHE L 458 -23.80 51.42 -5.59
N PRO L 459 -25.04 51.91 -5.71
CA PRO L 459 -25.33 53.07 -6.58
C PRO L 459 -25.05 54.42 -5.92
N SER L 460 -23.80 54.85 -6.03
CA SER L 460 -23.31 55.97 -5.22
C SER L 460 -23.53 57.33 -5.86
N ASP L 461 -23.45 57.42 -7.19
CA ASP L 461 -23.14 58.71 -7.82
C ASP L 461 -24.31 59.67 -7.75
N GLU L 462 -25.50 59.24 -8.18
CA GLU L 462 -26.69 60.08 -8.08
C GLU L 462 -27.10 60.28 -6.62
N PHE L 463 -26.80 59.29 -5.78
CA PHE L 463 -26.90 59.49 -4.34
C PHE L 463 -25.97 60.60 -3.88
N ASP L 464 -24.72 60.58 -4.34
CA ASP L 464 -23.80 61.64 -3.99
C ASP L 464 -24.13 62.93 -4.72
N ALA L 465 -24.78 62.83 -5.88
CA ALA L 465 -25.29 64.03 -6.53
C ALA L 465 -26.48 64.58 -5.77
N SER L 466 -27.28 63.71 -5.17
CA SER L 466 -28.32 64.18 -4.27
C SER L 466 -27.71 64.81 -3.03
N ILE L 467 -26.58 64.28 -2.58
CA ILE L 467 -25.79 64.97 -1.57
C ILE L 467 -25.30 66.30 -2.11
N SER L 468 -24.84 66.30 -3.35
CA SER L 468 -24.44 67.54 -4.01
C SER L 468 -25.63 68.46 -4.24
N GLN L 469 -26.84 67.90 -4.33
CA GLN L 469 -28.04 68.72 -4.37
C GLN L 469 -28.24 69.44 -3.04
N VAL L 470 -28.01 68.75 -1.92
CA VAL L 470 -28.07 69.41 -0.63
C VAL L 470 -26.89 70.33 -0.45
N ASN L 471 -25.74 69.97 -1.03
CA ASN L 471 -24.56 70.85 -0.99
C ASN L 471 -24.79 72.12 -1.78
N GLU L 472 -25.65 72.06 -2.80
CA GLU L 472 -26.11 73.27 -3.44
C GLU L 472 -26.95 74.10 -2.48
N LYS L 473 -27.81 73.45 -1.70
CA LYS L 473 -28.79 74.14 -0.87
C LYS L 473 -28.14 74.93 0.27
N ILE L 474 -26.95 74.50 0.71
CA ILE L 474 -26.27 75.21 1.77
C ILE L 474 -25.76 76.55 1.27
N ASN L 475 -25.21 76.57 0.08
CA ASN L 475 -24.55 77.77 -0.41
C ASN L 475 -25.51 78.74 -1.07
N GLN L 476 -26.64 78.27 -1.59
CA GLN L 476 -27.65 79.21 -2.02
C GLN L 476 -28.50 79.70 -0.86
N SER L 477 -28.40 79.05 0.29
CA SER L 477 -28.99 79.62 1.50
C SER L 477 -28.27 80.90 1.90
N LEU L 478 -26.99 81.03 1.54
CA LEU L 478 -26.23 82.24 1.78
C LEU L 478 -26.84 83.45 1.09
N ALA L 479 -27.48 83.23 -0.06
CA ALA L 479 -28.22 84.30 -0.72
C ALA L 479 -29.40 84.76 0.12
N PHE L 480 -30.06 83.81 0.79
CA PHE L 480 -31.07 84.19 1.76
C PHE L 480 -30.43 84.79 3.01
N ILE L 481 -29.19 84.41 3.31
CA ILE L 481 -28.51 84.95 4.48
C ILE L 481 -28.05 86.37 4.22
N ARG L 482 -27.25 86.57 3.17
CA ARG L 482 -26.47 87.79 3.04
C ARG L 482 -27.34 88.96 2.59
N LYS L 483 -28.31 88.69 1.72
CA LYS L 483 -29.21 89.75 1.27
C LYS L 483 -30.11 90.22 2.40
N SER L 484 -30.53 89.29 3.25
CA SER L 484 -31.25 89.67 4.46
C SER L 484 -30.35 90.40 5.44
N ASP L 485 -29.04 90.11 5.39
CA ASP L 485 -28.09 90.73 6.30
C ASP L 485 -27.44 91.98 5.72
N GLU L 486 -28.04 92.59 4.71
CA GLU L 486 -27.52 93.85 4.21
C GLU L 486 -27.89 95.00 5.16
N LEU L 487 -28.93 94.81 5.97
CA LEU L 487 -29.66 95.91 6.60
C LEU L 487 -28.91 96.60 7.73
N LEU L 488 -27.69 96.17 8.08
CA LEU L 488 -26.89 96.96 9.00
C LEU L 488 -26.35 98.22 8.34
N HIS L 489 -26.18 98.19 7.02
CA HIS L 489 -25.70 99.34 6.28
C HIS L 489 -25.47 99.04 4.81
#